data_3SNY
# 
_entry.id   3SNY 
# 
_audit_conform.dict_name       mmcif_pdbx.dic 
_audit_conform.dict_version    5.380 
_audit_conform.dict_location   http://mmcif.pdb.org/dictionaries/ascii/mmcif_pdbx.dic 
# 
loop_
_database_2.database_id 
_database_2.database_code 
_database_2.pdbx_database_accession 
_database_2.pdbx_DOI 
PDB   3SNY         pdb_00003sny 10.2210/pdb3sny/pdb 
RCSB  RCSB066436   ?            ?                   
WWPDB D_1000066436 ?            ?                   
# 
loop_
_pdbx_database_related.db_name 
_pdbx_database_related.db_id 
_pdbx_database_related.details 
_pdbx_database_related.content_type 
PDB 3I9H . unspecified 
PDB 3IAJ . unspecified 
PDB 3SNZ . unspecified 
PDB 3SO0 . unspecified 
PDB 3SO1 . unspecified 
# 
_pdbx_database_status.status_code                     REL 
_pdbx_database_status.entry_id                        3SNY 
_pdbx_database_status.recvd_initial_deposition_date   2011-06-29 
_pdbx_database_status.deposit_site                    RCSB 
_pdbx_database_status.process_site                    PDBJ 
_pdbx_database_status.status_code_sf                  REL 
_pdbx_database_status.status_code_mr                  ? 
_pdbx_database_status.SG_entry                        ? 
_pdbx_database_status.status_code_cs                  ? 
_pdbx_database_status.pdb_format_compatible           Y 
_pdbx_database_status.status_code_nmr_data            ? 
_pdbx_database_status.methods_development_category    ? 
# 
loop_
_audit_author.name 
_audit_author.pdbx_ordinal 
'Srivastava, S.S.'     1 
'Sankaranarayanan, R.' 2 
# 
_citation.id                        primary 
_citation.title                     
'Decoding the molecular design principles underlying Ca(2+) binding to beta gamma-crystallin motifs' 
_citation.journal_abbrev            J.Mol.Biol. 
_citation.journal_volume            415 
_citation.page_first                75 
_citation.page_last                 91 
_citation.year                      2012 
_citation.journal_id_ASTM           JMOBAK 
_citation.country                   UK 
_citation.journal_id_ISSN           0022-2836 
_citation.journal_id_CSD            0070 
_citation.book_publisher            ? 
_citation.pdbx_database_id_PubMed   22099475 
_citation.pdbx_database_id_DOI      10.1016/j.jmb.2011.10.037 
# 
loop_
_citation_author.citation_id 
_citation_author.name 
_citation_author.ordinal 
_citation_author.identifier_ORCID 
primary 'Mishra, A.'           1 ? 
primary 'Suman, S.K.'          2 ? 
primary 'Srivastava, S.S.'     3 ? 
primary 'Sankaranarayanan, R.' 4 ? 
primary 'Sharma, Y.'           5 ? 
# 
_cell.entry_id           3SNY 
_cell.length_a           77.314 
_cell.length_b           77.314 
_cell.length_c           77.738 
_cell.angle_alpha        90.00 
_cell.angle_beta         90.00 
_cell.angle_gamma        90.00 
_cell.Z_PDB              16 
_cell.pdbx_unique_axis   ? 
_cell.length_a_esd       ? 
_cell.length_b_esd       ? 
_cell.length_c_esd       ? 
_cell.angle_alpha_esd    ? 
_cell.angle_beta_esd     ? 
_cell.angle_gamma_esd    ? 
# 
_symmetry.entry_id                         3SNY 
_symmetry.space_group_name_H-M             'I 4 2 2' 
_symmetry.pdbx_full_space_group_name_H-M   ? 
_symmetry.cell_setting                     ? 
_symmetry.Int_Tables_number                97 
_symmetry.space_group_name_Hall            ? 
# 
loop_
_entity.id 
_entity.type 
_entity.src_method 
_entity.pdbx_description 
_entity.formula_weight 
_entity.pdbx_number_of_molecules 
_entity.pdbx_ec 
_entity.pdbx_mutation 
_entity.pdbx_fragment 
_entity.details 
1 polymer     man Clostrillin   10749.718 1   ? T82R 'betagamma-crystallin domain, UNP residues 118-213' ? 
2 non-polymer syn 'CALCIUM ION' 40.078    1   ? ?    ?                                                   ? 
3 non-polymer syn 'SULFATE ION' 96.063    2   ? ?    ?                                                   ? 
4 water       nat water         18.015    108 ? ?    ?                                                   ? 
# 
_entity_name_com.entity_id   1 
_entity_name_com.name        'Beta and gamma crystallin' 
# 
_entity_poly.entity_id                      1 
_entity_poly.type                           'polypeptide(L)' 
_entity_poly.nstd_linkage                   no 
_entity_poly.nstd_monomer                   no 
_entity_poly.pdbx_seq_one_letter_code       
;MPTKAVTFYEDINYGGASVSLQPGNYTLSQLNTAKIPNDWMTSLKVPSGWTVDVYENDNFTGTKWTYTSDTPWVGNDAND
KMRSVKIYSTTNTGGDT
;
_entity_poly.pdbx_seq_one_letter_code_can   
;MPTKAVTFYEDINYGGASVSLQPGNYTLSQLNTAKIPNDWMTSLKVPSGWTVDVYENDNFTGTKWTYTSDTPWVGNDAND
KMRSVKIYSTTNTGGDT
;
_entity_poly.pdbx_strand_id                 A 
_entity_poly.pdbx_target_identifier         ? 
# 
loop_
_entity_poly_seq.entity_id 
_entity_poly_seq.num 
_entity_poly_seq.mon_id 
_entity_poly_seq.hetero 
1 1  MET n 
1 2  PRO n 
1 3  THR n 
1 4  LYS n 
1 5  ALA n 
1 6  VAL n 
1 7  THR n 
1 8  PHE n 
1 9  TYR n 
1 10 GLU n 
1 11 ASP n 
1 12 ILE n 
1 13 ASN n 
1 14 TYR n 
1 15 GLY n 
1 16 GLY n 
1 17 ALA n 
1 18 SER n 
1 19 VAL n 
1 20 SER n 
1 21 LEU n 
1 22 GLN n 
1 23 PRO n 
1 24 GLY n 
1 25 ASN n 
1 26 TYR n 
1 27 THR n 
1 28 LEU n 
1 29 SER n 
1 30 GLN n 
1 31 LEU n 
1 32 ASN n 
1 33 THR n 
1 34 ALA n 
1 35 LYS n 
1 36 ILE n 
1 37 PRO n 
1 38 ASN n 
1 39 ASP n 
1 40 TRP n 
1 41 MET n 
1 42 THR n 
1 43 SER n 
1 44 LEU n 
1 45 LYS n 
1 46 VAL n 
1 47 PRO n 
1 48 SER n 
1 49 GLY n 
1 50 TRP n 
1 51 THR n 
1 52 VAL n 
1 53 ASP n 
1 54 VAL n 
1 55 TYR n 
1 56 GLU n 
1 57 ASN n 
1 58 ASP n 
1 59 ASN n 
1 60 PHE n 
1 61 THR n 
1 62 GLY n 
1 63 THR n 
1 64 LYS n 
1 65 TRP n 
1 66 THR n 
1 67 TYR n 
1 68 THR n 
1 69 SER n 
1 70 ASP n 
1 71 THR n 
1 72 PRO n 
1 73 TRP n 
1 74 VAL n 
1 75 GLY n 
1 76 ASN n 
1 77 ASP n 
1 78 ALA n 
1 79 ASN n 
1 80 ASP n 
1 81 LYS n 
1 82 MET n 
1 83 ARG n 
1 84 SER n 
1 85 VAL n 
1 86 LYS n 
1 87 ILE n 
1 88 TYR n 
1 89 SER n 
1 90 THR n 
1 91 THR n 
1 92 ASN n 
1 93 THR n 
1 94 GLY n 
1 95 GLY n 
1 96 ASP n 
1 97 THR n 
# 
_entity_src_gen.entity_id                          1 
_entity_src_gen.pdbx_src_id                        1 
_entity_src_gen.pdbx_alt_source_flag               sample 
_entity_src_gen.pdbx_seq_type                      ? 
_entity_src_gen.pdbx_beg_seq_num                   ? 
_entity_src_gen.pdbx_end_seq_num                   ? 
_entity_src_gen.gene_src_common_name               ? 
_entity_src_gen.gene_src_genus                     ? 
_entity_src_gen.pdbx_gene_src_gene                 Cbei_2825 
_entity_src_gen.gene_src_species                   ? 
_entity_src_gen.gene_src_strain                    'NCIMB 8052' 
_entity_src_gen.gene_src_tissue                    ? 
_entity_src_gen.gene_src_tissue_fraction           ? 
_entity_src_gen.gene_src_details                   ? 
_entity_src_gen.pdbx_gene_src_fragment             ? 
_entity_src_gen.pdbx_gene_src_scientific_name      'Clostridium beijerinckii' 
_entity_src_gen.pdbx_gene_src_ncbi_taxonomy_id     290402 
_entity_src_gen.pdbx_gene_src_variant              ? 
_entity_src_gen.pdbx_gene_src_cell_line            ? 
_entity_src_gen.pdbx_gene_src_atcc                 ? 
_entity_src_gen.pdbx_gene_src_organ                ? 
_entity_src_gen.pdbx_gene_src_organelle            ? 
_entity_src_gen.pdbx_gene_src_cell                 ? 
_entity_src_gen.pdbx_gene_src_cellular_location    ? 
_entity_src_gen.host_org_common_name               ? 
_entity_src_gen.pdbx_host_org_scientific_name      'Escherichia coli' 
_entity_src_gen.pdbx_host_org_ncbi_taxonomy_id     562 
_entity_src_gen.host_org_genus                     ? 
_entity_src_gen.pdbx_host_org_gene                 ? 
_entity_src_gen.pdbx_host_org_organ                ? 
_entity_src_gen.host_org_species                   ? 
_entity_src_gen.pdbx_host_org_tissue               ? 
_entity_src_gen.pdbx_host_org_tissue_fraction      ? 
_entity_src_gen.pdbx_host_org_strain               'BL21(DE3)' 
_entity_src_gen.pdbx_host_org_variant              ? 
_entity_src_gen.pdbx_host_org_cell_line            ? 
_entity_src_gen.pdbx_host_org_atcc                 ? 
_entity_src_gen.pdbx_host_org_culture_collection   ? 
_entity_src_gen.pdbx_host_org_cell                 ? 
_entity_src_gen.pdbx_host_org_organelle            ? 
_entity_src_gen.pdbx_host_org_cellular_location    ? 
_entity_src_gen.pdbx_host_org_vector_type          plasmid 
_entity_src_gen.pdbx_host_org_vector               ? 
_entity_src_gen.host_org_details                   ? 
_entity_src_gen.expression_system_id               ? 
_entity_src_gen.plasmid_name                       pET21a 
_entity_src_gen.plasmid_details                    ? 
_entity_src_gen.pdbx_description                   ? 
# 
_struct_ref.id                         1 
_struct_ref.db_name                    UNP 
_struct_ref.db_code                    A6LX94_CLOB8 
_struct_ref.pdbx_db_accession          A6LX94 
_struct_ref.entity_id                  1 
_struct_ref.pdbx_seq_one_letter_code   
;PTKAVTFYEDINYGGASVSLQPGNYTLSQLNTAKIPNDWMTSLKVPSGWTVDVYENDNFTGTKWTYTSDTPWVGNDANDK
MTSVKIYSTTNTGGDT
;
_struct_ref.pdbx_align_begin           118 
_struct_ref.pdbx_db_isoform            ? 
# 
_struct_ref_seq.align_id                      1 
_struct_ref_seq.ref_id                        1 
_struct_ref_seq.pdbx_PDB_id_code              3SNY 
_struct_ref_seq.pdbx_strand_id                A 
_struct_ref_seq.seq_align_beg                 2 
_struct_ref_seq.pdbx_seq_align_beg_ins_code   ? 
_struct_ref_seq.seq_align_end                 97 
_struct_ref_seq.pdbx_seq_align_end_ins_code   ? 
_struct_ref_seq.pdbx_db_accession             A6LX94 
_struct_ref_seq.db_align_beg                  118 
_struct_ref_seq.pdbx_db_align_beg_ins_code    ? 
_struct_ref_seq.db_align_end                  213 
_struct_ref_seq.pdbx_db_align_end_ins_code    ? 
_struct_ref_seq.pdbx_auth_seq_align_beg       1 
_struct_ref_seq.pdbx_auth_seq_align_end       96 
# 
loop_
_struct_ref_seq_dif.align_id 
_struct_ref_seq_dif.pdbx_pdb_id_code 
_struct_ref_seq_dif.mon_id 
_struct_ref_seq_dif.pdbx_pdb_strand_id 
_struct_ref_seq_dif.seq_num 
_struct_ref_seq_dif.pdbx_pdb_ins_code 
_struct_ref_seq_dif.pdbx_seq_db_name 
_struct_ref_seq_dif.pdbx_seq_db_accession_code 
_struct_ref_seq_dif.db_mon_id 
_struct_ref_seq_dif.pdbx_seq_db_seq_num 
_struct_ref_seq_dif.details 
_struct_ref_seq_dif.pdbx_auth_seq_num 
_struct_ref_seq_dif.pdbx_ordinal 
1 3SNY MET A 1  ? UNP A6LX94 ?   ?   'expression tag'      0  1 
1 3SNY ARG A 83 ? UNP A6LX94 THR 199 'engineered mutation' 82 2 
# 
loop_
_chem_comp.id 
_chem_comp.type 
_chem_comp.mon_nstd_flag 
_chem_comp.name 
_chem_comp.pdbx_synonyms 
_chem_comp.formula 
_chem_comp.formula_weight 
ALA 'L-peptide linking' y ALANINE         ? 'C3 H7 N O2'     89.093  
ARG 'L-peptide linking' y ARGININE        ? 'C6 H15 N4 O2 1' 175.209 
ASN 'L-peptide linking' y ASPARAGINE      ? 'C4 H8 N2 O3'    132.118 
ASP 'L-peptide linking' y 'ASPARTIC ACID' ? 'C4 H7 N O4'     133.103 
CA  non-polymer         . 'CALCIUM ION'   ? 'Ca 2'           40.078  
GLN 'L-peptide linking' y GLUTAMINE       ? 'C5 H10 N2 O3'   146.144 
GLU 'L-peptide linking' y 'GLUTAMIC ACID' ? 'C5 H9 N O4'     147.129 
GLY 'peptide linking'   y GLYCINE         ? 'C2 H5 N O2'     75.067  
HOH non-polymer         . WATER           ? 'H2 O'           18.015  
ILE 'L-peptide linking' y ISOLEUCINE      ? 'C6 H13 N O2'    131.173 
LEU 'L-peptide linking' y LEUCINE         ? 'C6 H13 N O2'    131.173 
LYS 'L-peptide linking' y LYSINE          ? 'C6 H15 N2 O2 1' 147.195 
MET 'L-peptide linking' y METHIONINE      ? 'C5 H11 N O2 S'  149.211 
PHE 'L-peptide linking' y PHENYLALANINE   ? 'C9 H11 N O2'    165.189 
PRO 'L-peptide linking' y PROLINE         ? 'C5 H9 N O2'     115.130 
SER 'L-peptide linking' y SERINE          ? 'C3 H7 N O3'     105.093 
SO4 non-polymer         . 'SULFATE ION'   ? 'O4 S -2'        96.063  
THR 'L-peptide linking' y THREONINE       ? 'C4 H9 N O3'     119.119 
TRP 'L-peptide linking' y TRYPTOPHAN      ? 'C11 H12 N2 O2'  204.225 
TYR 'L-peptide linking' y TYROSINE        ? 'C9 H11 N O3'    181.189 
VAL 'L-peptide linking' y VALINE          ? 'C5 H11 N O2'    117.146 
# 
_exptl.entry_id          3SNY 
_exptl.method            'X-RAY DIFFRACTION' 
_exptl.crystals_number   1 
# 
_exptl_crystal.id                    1 
_exptl_crystal.density_meas          ? 
_exptl_crystal.density_Matthews      2.70 
_exptl_crystal.density_percent_sol   54.47 
_exptl_crystal.description           ? 
_exptl_crystal.F_000                 ? 
_exptl_crystal.preparation           ? 
# 
_exptl_crystal_grow.crystal_id      1 
_exptl_crystal_grow.method          'VAPOR DIFFUSION, HANGING DROP' 
_exptl_crystal_grow.temp            277 
_exptl_crystal_grow.temp_details    ? 
_exptl_crystal_grow.pH              ? 
_exptl_crystal_grow.pdbx_details    
'25-30% PEG 3350, 0.1M HEPES, 0.1-0.2M lithium sulphate, pH 7.0-7.5, VAPOR DIFFUSION, HANGING DROP, temperature 277K' 
_exptl_crystal_grow.pdbx_pH_range   7.0-7.5 
# 
_diffrn.id                     1 
_diffrn.ambient_temp           93 
_diffrn.ambient_temp_details   ? 
_diffrn.crystal_id             1 
# 
_diffrn_detector.diffrn_id              1 
_diffrn_detector.detector               'IMAGE PLATE' 
_diffrn_detector.type                   'RIGAKU RAXIS IV' 
_diffrn_detector.pdbx_collection_date   2010-09-09 
_diffrn_detector.details                'VariMax optics' 
# 
_diffrn_radiation.diffrn_id                        1 
_diffrn_radiation.wavelength_id                    1 
_diffrn_radiation.pdbx_monochromatic_or_laue_m_l   M 
_diffrn_radiation.monochromator                    ? 
_diffrn_radiation.pdbx_diffrn_protocol             'SINGLE WAVELENGTH' 
_diffrn_radiation.pdbx_scattering_type             x-ray 
# 
_diffrn_radiation_wavelength.id           1 
_diffrn_radiation_wavelength.wavelength   1.5418 
_diffrn_radiation_wavelength.wt           1.0 
# 
_diffrn_source.diffrn_id                   1 
_diffrn_source.source                      'ROTATING ANODE' 
_diffrn_source.type                        'RIGAKU FR-E+ SUPERBRIGHT' 
_diffrn_source.pdbx_synchrotron_site       ? 
_diffrn_source.pdbx_synchrotron_beamline   ? 
_diffrn_source.pdbx_wavelength             ? 
_diffrn_source.pdbx_wavelength_list        1.5418 
# 
_reflns.entry_id                     3SNY 
_reflns.observed_criterion_sigma_I   ? 
_reflns.observed_criterion_sigma_F   ? 
_reflns.d_resolution_low             50 
_reflns.d_resolution_high            1.85 
_reflns.number_obs                   10242 
_reflns.number_all                   ? 
_reflns.percent_possible_obs         ? 
_reflns.pdbx_Rmerge_I_obs            ? 
_reflns.pdbx_Rsym_value              0.029 
_reflns.pdbx_netI_over_sigmaI        84.1 
_reflns.B_iso_Wilson_estimate        ? 
_reflns.pdbx_redundancy              13.3 
_reflns.R_free_details               ? 
_reflns.limit_h_max                  ? 
_reflns.limit_h_min                  ? 
_reflns.limit_k_max                  ? 
_reflns.limit_k_min                  ? 
_reflns.limit_l_max                  ? 
_reflns.limit_l_min                  ? 
_reflns.observed_criterion_F_max     ? 
_reflns.observed_criterion_F_min     ? 
_reflns.pdbx_chi_squared             ? 
_reflns.pdbx_scaling_rejects         ? 
_reflns.pdbx_ordinal                 1 
_reflns.pdbx_diffrn_id               1 
# 
_reflns_shell.d_res_high                  1.85 
_reflns_shell.d_res_low                   1.92 
_reflns_shell.percent_possible_all        ? 
_reflns_shell.Rmerge_I_obs                ? 
_reflns_shell.pdbx_Rsym_value             0.081 
_reflns_shell.meanI_over_sigI_obs         31.8 
_reflns_shell.pdbx_redundancy             12.7 
_reflns_shell.percent_possible_obs        ? 
_reflns_shell.number_unique_all           ? 
_reflns_shell.number_measured_all         ? 
_reflns_shell.number_measured_obs         ? 
_reflns_shell.number_unique_obs           ? 
_reflns_shell.pdbx_chi_squared            ? 
_reflns_shell.pdbx_rejects                ? 
_reflns_shell.pdbx_netI_over_sigmaI_obs   ? 
_reflns_shell.number_possible             ? 
_reflns_shell.Rmerge_F_all                ? 
_reflns_shell.Rmerge_F_obs                ? 
_reflns_shell.Rmerge_I_all                ? 
_reflns_shell.meanI_over_sigI_all         ? 
_reflns_shell.pdbx_Rrim_I_all             ? 
_reflns_shell.pdbx_Rpim_I_all             ? 
_reflns_shell.pdbx_ordinal                1 
_reflns_shell.pdbx_diffrn_id              1 
# 
_refine.entry_id                                 3SNY 
_refine.ls_number_reflns_obs                     9747 
_refine.ls_number_reflns_all                     ? 
_refine.pdbx_ls_sigma_I                          ? 
_refine.pdbx_ls_sigma_F                          ? 
_refine.pdbx_data_cutoff_high_absF               ? 
_refine.pdbx_data_cutoff_low_absF                ? 
_refine.pdbx_data_cutoff_high_rms_absF           ? 
_refine.ls_d_res_low                             50.00 
_refine.ls_d_res_high                            1.85 
_refine.ls_percent_reflns_obs                    98.83 
_refine.ls_R_factor_obs                          0.18781 
_refine.ls_R_factor_all                          ? 
_refine.ls_R_factor_R_work                       0.18630 
_refine.ls_R_factor_R_free                       0.21981 
_refine.ls_R_factor_R_free_error                 ? 
_refine.ls_R_factor_R_free_error_details         ? 
_refine.ls_percent_reflns_R_free                 4.8 
_refine.ls_number_reflns_R_free                  495 
_refine.ls_number_parameters                     ? 
_refine.ls_number_restraints                     ? 
_refine.occupancy_min                            ? 
_refine.occupancy_max                            ? 
_refine.correlation_coeff_Fo_to_Fc               0.947 
_refine.correlation_coeff_Fo_to_Fc_free          0.923 
_refine.B_iso_mean                               17.046 
_refine.aniso_B[1][1]                            -0.27 
_refine.aniso_B[2][2]                            -0.27 
_refine.aniso_B[3][3]                            0.54 
_refine.aniso_B[1][2]                            0.00 
_refine.aniso_B[1][3]                            0.00 
_refine.aniso_B[2][3]                            0.00 
_refine.solvent_model_details                    MASK 
_refine.solvent_model_param_ksol                 ? 
_refine.solvent_model_param_bsol                 ? 
_refine.pdbx_solvent_vdw_probe_radii             1.40 
_refine.pdbx_solvent_ion_probe_radii             0.80 
_refine.pdbx_solvent_shrinkage_radii             0.80 
_refine.pdbx_ls_cross_valid_method               THROUGHOUT 
_refine.details                                  'HYDROGENS HAVE BEEN ADDED IN THE RIDING POSITIONS' 
_refine.pdbx_starting_model                      3I9H 
_refine.pdbx_method_to_determine_struct          'MOLECULAR REPLACEMENT' 
_refine.pdbx_isotropic_thermal_model             ? 
_refine.pdbx_stereochemistry_target_values       'MAXIMUM LIKELIHOOD' 
_refine.pdbx_stereochem_target_val_spec_case     ? 
_refine.pdbx_R_Free_selection_details            RANDOM 
_refine.pdbx_overall_ESU_R                       0.124 
_refine.pdbx_overall_ESU_R_Free                  0.120 
_refine.overall_SU_ML                            0.071 
_refine.pdbx_overall_phase_error                 ? 
_refine.overall_SU_B                             2.318 
_refine.pdbx_diffrn_id                           1 
_refine.pdbx_refine_id                           'X-RAY DIFFRACTION' 
_refine.ls_redundancy_reflns_obs                 ? 
_refine.B_iso_min                                ? 
_refine.B_iso_max                                ? 
_refine.overall_SU_R_Cruickshank_DPI             ? 
_refine.overall_SU_R_free                        ? 
_refine.ls_wR_factor_R_free                      ? 
_refine.ls_wR_factor_R_work                      ? 
_refine.overall_FOM_free_R_set                   ? 
_refine.overall_FOM_work_R_set                   ? 
_refine.pdbx_TLS_residual_ADP_flag               ? 
_refine.pdbx_overall_SU_R_free_Cruickshank_DPI   ? 
_refine.pdbx_overall_SU_R_Blow_DPI               ? 
_refine.pdbx_overall_SU_R_free_Blow_DPI          ? 
# 
_refine_hist.pdbx_refine_id                   'X-RAY DIFFRACTION' 
_refine_hist.cycle_id                         LAST 
_refine_hist.pdbx_number_atoms_protein        689 
_refine_hist.pdbx_number_atoms_nucleic_acid   0 
_refine_hist.pdbx_number_atoms_ligand         11 
_refine_hist.number_atoms_solvent             108 
_refine_hist.number_atoms_total               808 
_refine_hist.d_res_high                       1.85 
_refine_hist.d_res_low                        50.00 
# 
loop_
_refine_ls_restr.type 
_refine_ls_restr.dev_ideal 
_refine_ls_restr.dev_ideal_target 
_refine_ls_restr.weight 
_refine_ls_restr.number 
_refine_ls_restr.pdbx_refine_id 
_refine_ls_restr.pdbx_restraint_function 
r_bond_refined_d             0.006  0.022  ? 716 'X-RAY DIFFRACTION' ? 
r_bond_other_d               ?      ?      ? ?   'X-RAY DIFFRACTION' ? 
r_angle_refined_deg          0.871  1.931  ? 981 'X-RAY DIFFRACTION' ? 
r_angle_other_deg            ?      ?      ? ?   'X-RAY DIFFRACTION' ? 
r_dihedral_angle_1_deg       5.154  5.000  ? 86  'X-RAY DIFFRACTION' ? 
r_dihedral_angle_2_deg       31.610 25.625 ? 32  'X-RAY DIFFRACTION' ? 
r_dihedral_angle_3_deg       10.179 15.000 ? 108 'X-RAY DIFFRACTION' ? 
r_dihedral_angle_4_deg       2.679  15.000 ? 1   'X-RAY DIFFRACTION' ? 
r_chiral_restr               0.056  0.200  ? 106 'X-RAY DIFFRACTION' ? 
r_gen_planes_refined         0.004  0.021  ? 543 'X-RAY DIFFRACTION' ? 
r_gen_planes_other           ?      ?      ? ?   'X-RAY DIFFRACTION' ? 
r_nbd_refined                ?      ?      ? ?   'X-RAY DIFFRACTION' ? 
r_nbd_other                  ?      ?      ? ?   'X-RAY DIFFRACTION' ? 
r_nbtor_refined              ?      ?      ? ?   'X-RAY DIFFRACTION' ? 
r_nbtor_other                ?      ?      ? ?   'X-RAY DIFFRACTION' ? 
r_xyhbond_nbd_refined        ?      ?      ? ?   'X-RAY DIFFRACTION' ? 
r_xyhbond_nbd_other          ?      ?      ? ?   'X-RAY DIFFRACTION' ? 
r_metal_ion_refined          ?      ?      ? ?   'X-RAY DIFFRACTION' ? 
r_metal_ion_other            ?      ?      ? ?   'X-RAY DIFFRACTION' ? 
r_symmetry_vdw_refined       ?      ?      ? ?   'X-RAY DIFFRACTION' ? 
r_symmetry_vdw_other         ?      ?      ? ?   'X-RAY DIFFRACTION' ? 
r_symmetry_hbond_refined     ?      ?      ? ?   'X-RAY DIFFRACTION' ? 
r_symmetry_hbond_other       ?      ?      ? ?   'X-RAY DIFFRACTION' ? 
r_symmetry_metal_ion_refined ?      ?      ? ?   'X-RAY DIFFRACTION' ? 
r_symmetry_metal_ion_other   ?      ?      ? ?   'X-RAY DIFFRACTION' ? 
r_mcbond_it                  0.344  1.500  ? 432 'X-RAY DIFFRACTION' ? 
r_mcbond_other               ?      ?      ? ?   'X-RAY DIFFRACTION' ? 
r_mcangle_it                 0.659  2.000  ? 704 'X-RAY DIFFRACTION' ? 
r_scbond_it                  0.932  3.000  ? 284 'X-RAY DIFFRACTION' ? 
r_scangle_it                 1.573  4.500  ? 277 'X-RAY DIFFRACTION' ? 
r_rigid_bond_restr           ?      ?      ? ?   'X-RAY DIFFRACTION' ? 
r_sphericity_free            ?      ?      ? ?   'X-RAY DIFFRACTION' ? 
r_sphericity_bonded          ?      ?      ? ?   'X-RAY DIFFRACTION' ? 
# 
_refine_ls_shell.pdbx_refine_id                   'X-RAY DIFFRACTION' 
_refine_ls_shell.pdbx_total_number_of_bins_used   20 
_refine_ls_shell.d_res_high                       1.851 
_refine_ls_shell.d_res_low                        1.899 
_refine_ls_shell.number_reflns_R_work             688 
_refine_ls_shell.R_factor_R_work                  0.233 
_refine_ls_shell.percent_reflns_obs               96.77 
_refine_ls_shell.R_factor_R_free                  0.296 
_refine_ls_shell.R_factor_R_free_error            ? 
_refine_ls_shell.percent_reflns_R_free            ? 
_refine_ls_shell.number_reflns_R_free             31 
_refine_ls_shell.number_reflns_all                ? 
_refine_ls_shell.R_factor_all                     ? 
_refine_ls_shell.number_reflns_obs                ? 
_refine_ls_shell.redundancy_reflns_obs            ? 
# 
_struct.entry_id                  3SNY 
_struct.title                     
'Crystal structure of a mutant T82R of a betagamma-crystallin domain from Clostridium beijerinckii' 
_struct.pdbx_model_details        ? 
_struct.pdbx_CASP_flag            ? 
_struct.pdbx_model_type_details   ? 
# 
_struct_keywords.entry_id        3SNY 
_struct_keywords.pdbx_keywords   'METAL BINDING PROTEIN' 
_struct_keywords.text            'calcium-bound betagamma-crystallin, METAL BINDING PROTEIN' 
# 
loop_
_struct_asym.id 
_struct_asym.pdbx_blank_PDB_chainid_flag 
_struct_asym.pdbx_modified 
_struct_asym.entity_id 
_struct_asym.details 
A N N 1 ? 
B N N 2 ? 
C N N 3 ? 
D N N 3 ? 
E N N 4 ? 
# 
_struct_biol.id        1 
_struct_biol.details   ? 
# 
loop_
_struct_conf.conf_type_id 
_struct_conf.id 
_struct_conf.pdbx_PDB_helix_id 
_struct_conf.beg_label_comp_id 
_struct_conf.beg_label_asym_id 
_struct_conf.beg_label_seq_id 
_struct_conf.pdbx_beg_PDB_ins_code 
_struct_conf.end_label_comp_id 
_struct_conf.end_label_asym_id 
_struct_conf.end_label_seq_id 
_struct_conf.pdbx_end_PDB_ins_code 
_struct_conf.beg_auth_comp_id 
_struct_conf.beg_auth_asym_id 
_struct_conf.beg_auth_seq_id 
_struct_conf.end_auth_comp_id 
_struct_conf.end_auth_asym_id 
_struct_conf.end_auth_seq_id 
_struct_conf.pdbx_PDB_helix_class 
_struct_conf.details 
_struct_conf.pdbx_PDB_helix_length 
HELX_P HELX_P1 1 ILE A 12 ? TYR A 14 ? ILE A 11 TYR A 13 5 ? 3 
HELX_P HELX_P2 2 THR A 27 ? ALA A 34 ? THR A 26 ALA A 33 1 ? 8 
# 
_struct_conf_type.id          HELX_P 
_struct_conf_type.criteria    ? 
_struct_conf_type.reference   ? 
# 
loop_
_struct_conn.id 
_struct_conn.conn_type_id 
_struct_conn.pdbx_leaving_atom_flag 
_struct_conn.pdbx_PDB_id 
_struct_conn.ptnr1_label_asym_id 
_struct_conn.ptnr1_label_comp_id 
_struct_conn.ptnr1_label_seq_id 
_struct_conn.ptnr1_label_atom_id 
_struct_conn.pdbx_ptnr1_label_alt_id 
_struct_conn.pdbx_ptnr1_PDB_ins_code 
_struct_conn.pdbx_ptnr1_standard_comp_id 
_struct_conn.ptnr1_symmetry 
_struct_conn.ptnr2_label_asym_id 
_struct_conn.ptnr2_label_comp_id 
_struct_conn.ptnr2_label_seq_id 
_struct_conn.ptnr2_label_atom_id 
_struct_conn.pdbx_ptnr2_label_alt_id 
_struct_conn.pdbx_ptnr2_PDB_ins_code 
_struct_conn.ptnr1_auth_asym_id 
_struct_conn.ptnr1_auth_comp_id 
_struct_conn.ptnr1_auth_seq_id 
_struct_conn.ptnr2_auth_asym_id 
_struct_conn.ptnr2_auth_comp_id 
_struct_conn.ptnr2_auth_seq_id 
_struct_conn.ptnr2_symmetry 
_struct_conn.pdbx_ptnr3_label_atom_id 
_struct_conn.pdbx_ptnr3_label_seq_id 
_struct_conn.pdbx_ptnr3_label_comp_id 
_struct_conn.pdbx_ptnr3_label_asym_id 
_struct_conn.pdbx_ptnr3_label_alt_id 
_struct_conn.pdbx_ptnr3_PDB_ins_code 
_struct_conn.details 
_struct_conn.pdbx_dist_value 
_struct_conn.pdbx_value_order 
_struct_conn.pdbx_role 
metalc1 metalc ? ? A GLU 10 O   ? ? ? 1_555 B CA  . CA ? ? A GLU 9  A CA  97  1_555 ? ? ? ? ? ? ? 2.343 ? ? 
metalc2 metalc ? ? A TRP 40 O   ? ? ? 1_555 B CA  . CA ? ? A TRP 39 A CA  97  1_555 ? ? ? ? ? ? ? 2.586 ? ? 
metalc3 metalc ? ? A THR 42 OG1 ? ? ? 1_555 B CA  . CA ? ? A THR 41 A CA  97  1_555 ? ? ? ? ? ? ? 2.445 ? ? 
metalc4 metalc ? ? A ASP 80 OD1 ? ? ? 1_555 B CA  . CA ? ? A ASP 79 A CA  97  1_555 ? ? ? ? ? ? ? 2.391 ? ? 
metalc5 metalc ? ? B CA  .  CA  ? ? ? 1_555 E HOH . O  ? ? A CA  97 A HOH 123 1_555 ? ? ? ? ? ? ? 2.750 ? ? 
metalc6 metalc ? ? B CA  .  CA  ? ? ? 1_555 E HOH . O  ? ? A CA  97 A HOH 170 1_555 ? ? ? ? ? ? ? 2.361 ? ? 
metalc7 metalc ? ? B CA  .  CA  ? ? ? 1_555 E HOH . O  ? ? A CA  97 A HOH 174 1_555 ? ? ? ? ? ? ? 2.687 ? ? 
# 
_struct_conn_type.id          metalc 
_struct_conn_type.criteria    ? 
_struct_conn_type.reference   ? 
# 
loop_
_struct_sheet.id 
_struct_sheet.type 
_struct_sheet.number_strands 
_struct_sheet.details 
A ? 3 ? 
B ? 4 ? 
# 
loop_
_struct_sheet_order.sheet_id 
_struct_sheet_order.range_id_1 
_struct_sheet_order.range_id_2 
_struct_sheet_order.offset 
_struct_sheet_order.sense 
A 1 2 ? anti-parallel 
A 2 3 ? anti-parallel 
B 1 2 ? anti-parallel 
B 2 3 ? anti-parallel 
B 3 4 ? anti-parallel 
# 
loop_
_struct_sheet_range.sheet_id 
_struct_sheet_range.id 
_struct_sheet_range.beg_label_comp_id 
_struct_sheet_range.beg_label_asym_id 
_struct_sheet_range.beg_label_seq_id 
_struct_sheet_range.pdbx_beg_PDB_ins_code 
_struct_sheet_range.end_label_comp_id 
_struct_sheet_range.end_label_asym_id 
_struct_sheet_range.end_label_seq_id 
_struct_sheet_range.pdbx_end_PDB_ins_code 
_struct_sheet_range.beg_auth_comp_id 
_struct_sheet_range.beg_auth_asym_id 
_struct_sheet_range.beg_auth_seq_id 
_struct_sheet_range.end_auth_comp_id 
_struct_sheet_range.end_auth_asym_id 
_struct_sheet_range.end_auth_seq_id 
A 1 GLY A 15 ? LEU A 21 ? GLY A 14 LEU A 20 
A 2 VAL A 6  ? ASP A 11 ? VAL A 5  ASP A 10 
A 3 SER A 43 ? LYS A 45 ? SER A 42 LYS A 44 
B 1 GLY A 24 ? TYR A 26 ? GLY A 23 TYR A 25 
B 2 SER A 84 ? TYR A 88 ? SER A 83 TYR A 87 
B 3 THR A 51 ? ASN A 57 ? THR A 50 ASN A 56 
B 4 THR A 61 ? TYR A 67 ? THR A 60 TYR A 66 
# 
loop_
_pdbx_struct_sheet_hbond.sheet_id 
_pdbx_struct_sheet_hbond.range_id_1 
_pdbx_struct_sheet_hbond.range_id_2 
_pdbx_struct_sheet_hbond.range_1_label_atom_id 
_pdbx_struct_sheet_hbond.range_1_label_comp_id 
_pdbx_struct_sheet_hbond.range_1_label_asym_id 
_pdbx_struct_sheet_hbond.range_1_label_seq_id 
_pdbx_struct_sheet_hbond.range_1_PDB_ins_code 
_pdbx_struct_sheet_hbond.range_1_auth_atom_id 
_pdbx_struct_sheet_hbond.range_1_auth_comp_id 
_pdbx_struct_sheet_hbond.range_1_auth_asym_id 
_pdbx_struct_sheet_hbond.range_1_auth_seq_id 
_pdbx_struct_sheet_hbond.range_2_label_atom_id 
_pdbx_struct_sheet_hbond.range_2_label_comp_id 
_pdbx_struct_sheet_hbond.range_2_label_asym_id 
_pdbx_struct_sheet_hbond.range_2_label_seq_id 
_pdbx_struct_sheet_hbond.range_2_PDB_ins_code 
_pdbx_struct_sheet_hbond.range_2_auth_atom_id 
_pdbx_struct_sheet_hbond.range_2_auth_comp_id 
_pdbx_struct_sheet_hbond.range_2_auth_asym_id 
_pdbx_struct_sheet_hbond.range_2_auth_seq_id 
A 1 2 O VAL A 19 ? O VAL A 18 N PHE A 8  ? N PHE A 7  
A 2 3 N TYR A 9  ? N TYR A 8  O SER A 43 ? O SER A 42 
B 1 2 N TYR A 26 ? N TYR A 25 O VAL A 85 ? O VAL A 84 
B 2 3 O LYS A 86 ? O LYS A 85 N ASP A 53 ? N ASP A 52 
B 3 4 N VAL A 54 ? N VAL A 53 O TRP A 65 ? O TRP A 64 
# 
loop_
_struct_site.id 
_struct_site.pdbx_evidence_code 
_struct_site.pdbx_auth_asym_id 
_struct_site.pdbx_auth_comp_id 
_struct_site.pdbx_auth_seq_id 
_struct_site.pdbx_auth_ins_code 
_struct_site.pdbx_num_residues 
_struct_site.details 
AC1 Software A CA  97 ? 7  'BINDING SITE FOR RESIDUE CA A 97'  
AC2 Software A SO4 98 ? 10 'BINDING SITE FOR RESIDUE SO4 A 98' 
AC3 Software A SO4 99 ? 6  'BINDING SITE FOR RESIDUE SO4 A 99' 
# 
loop_
_struct_site_gen.id 
_struct_site_gen.site_id 
_struct_site_gen.pdbx_num_res 
_struct_site_gen.label_comp_id 
_struct_site_gen.label_asym_id 
_struct_site_gen.label_seq_id 
_struct_site_gen.pdbx_auth_ins_code 
_struct_site_gen.auth_comp_id 
_struct_site_gen.auth_asym_id 
_struct_site_gen.auth_seq_id 
_struct_site_gen.label_atom_id 
_struct_site_gen.label_alt_id 
_struct_site_gen.symmetry 
_struct_site_gen.details 
1  AC1 7  GLU A 10 ? GLU A 9   . ? 1_555  ? 
2  AC1 7  TRP A 40 ? TRP A 39  . ? 1_555  ? 
3  AC1 7  THR A 42 ? THR A 41  . ? 1_555  ? 
4  AC1 7  ASP A 80 ? ASP A 79  . ? 1_555  ? 
5  AC1 7  HOH E .  ? HOH A 123 . ? 1_555  ? 
6  AC1 7  HOH E .  ? HOH A 170 . ? 1_555  ? 
7  AC1 7  HOH E .  ? HOH A 174 . ? 1_555  ? 
8  AC2 10 TRP A 73 ? TRP A 72  . ? 1_555  ? 
9  AC2 10 TRP A 73 ? TRP A 72  . ? 16_444 ? 
10 AC2 10 GLY A 75 ? GLY A 74  . ? 1_555  ? 
11 AC2 10 GLY A 75 ? GLY A 74  . ? 16_444 ? 
12 AC2 10 ASN A 76 ? ASN A 75  . ? 1_555  ? 
13 AC2 10 ASN A 76 ? ASN A 75  . ? 16_444 ? 
14 AC2 10 HOH E .  ? HOH A 120 . ? 1_555  ? 
15 AC2 10 HOH E .  ? HOH A 120 . ? 16_444 ? 
16 AC2 10 HOH E .  ? HOH A 182 . ? 1_555  ? 
17 AC2 10 HOH E .  ? HOH A 182 . ? 16_444 ? 
18 AC3 6  ASN A 25 ? ASN A 24  . ? 3_555  ? 
19 AC3 6  TYR A 55 ? TYR A 54  . ? 1_555  ? 
20 AC3 6  LYS A 86 ? LYS A 85  . ? 1_555  ? 
21 AC3 6  LYS A 86 ? LYS A 85  . ? 3_555  ? 
22 AC3 6  TYR A 88 ? TYR A 87  . ? 3_555  ? 
23 AC3 6  HOH E .  ? HOH A 150 . ? 1_555  ? 
# 
_atom_sites.entry_id                    3SNY 
_atom_sites.fract_transf_matrix[1][1]   0.00068567 
_atom_sites.fract_transf_matrix[1][2]   -0.00593810 
_atom_sites.fract_transf_matrix[1][3]   -0.01146984 
_atom_sites.fract_transf_matrix[2][1]   -0.00816672 
_atom_sites.fract_transf_matrix[2][2]   -0.00909776 
_atom_sites.fract_transf_matrix[2][3]   0.00422183 
_atom_sites.fract_transf_matrix[3][1]   -0.00995199 
_atom_sites.fract_transf_matrix[3][2]   0.00698043 
_atom_sites.fract_transf_matrix[3][3]   -0.00420881 
_atom_sites.fract_transf_vector[1]      -0.240940 
_atom_sites.fract_transf_vector[2]      0.002388 
_atom_sites.fract_transf_vector[3]      -0.178692 
# 
loop_
_atom_type.symbol 
C  
CA 
N  
O  
S  
# 
loop_
_atom_site.group_PDB 
_atom_site.id 
_atom_site.type_symbol 
_atom_site.label_atom_id 
_atom_site.label_alt_id 
_atom_site.label_comp_id 
_atom_site.label_asym_id 
_atom_site.label_entity_id 
_atom_site.label_seq_id 
_atom_site.pdbx_PDB_ins_code 
_atom_site.Cartn_x 
_atom_site.Cartn_y 
_atom_site.Cartn_z 
_atom_site.occupancy 
_atom_site.B_iso_or_equiv 
_atom_site.pdbx_formal_charge 
_atom_site.auth_seq_id 
_atom_site.auth_comp_id 
_atom_site.auth_asym_id 
_atom_site.auth_atom_id 
_atom_site.pdbx_PDB_model_num 
ATOM   1   N  N   . LYS A 1 4  ? -2.023  -13.772 8.194   1.00 22.65 ? 3   LYS A N   1 
ATOM   2   C  CA  . LYS A 1 4  ? -1.081  -12.969 7.361   1.00 22.41 ? 3   LYS A CA  1 
ATOM   3   C  C   . LYS A 1 4  ? -1.824  -12.023 6.420   1.00 21.73 ? 3   LYS A C   1 
ATOM   4   O  O   . LYS A 1 4  ? -2.698  -12.443 5.662   1.00 21.95 ? 3   LYS A O   1 
ATOM   5   C  CB  . LYS A 1 4  ? -0.159  -13.880 6.546   1.00 22.81 ? 3   LYS A CB  1 
ATOM   6   C  CG  . LYS A 1 4  ? 0.856   -14.655 7.364   1.00 24.15 ? 3   LYS A CG  1 
ATOM   7   C  CD  . LYS A 1 4  ? 1.804   -15.427 6.458   1.00 26.46 ? 3   LYS A CD  1 
ATOM   8   C  CE  . LYS A 1 4  ? 2.663   -16.408 7.247   1.00 27.70 ? 3   LYS A CE  1 
ATOM   9   N  NZ  . LYS A 1 4  ? 3.680   -15.722 8.100   1.00 29.67 ? 3   LYS A NZ  1 
ATOM   10  N  N   . ALA A 1 5  ? -1.460  -10.745 6.481   1.00 20.83 ? 4   ALA A N   1 
ATOM   11  C  CA  . ALA A 1 5  ? -1.996  -9.724  5.583   1.00 19.77 ? 4   ALA A CA  1 
ATOM   12  C  C   . ALA A 1 5  ? -1.042  -8.537  5.522   1.00 19.01 ? 4   ALA A C   1 
ATOM   13  O  O   . ALA A 1 5  ? -0.210  -8.351  6.414   1.00 18.92 ? 4   ALA A O   1 
ATOM   14  C  CB  . ALA A 1 5  ? -3.377  -9.265  6.049   1.00 19.80 ? 4   ALA A CB  1 
ATOM   15  N  N   . VAL A 1 6  ? -1.158  -7.743  4.464   1.00 17.90 ? 5   VAL A N   1 
ATOM   16  C  CA  . VAL A 1 6  ? -0.496  -6.447  4.424   1.00 17.02 ? 5   VAL A CA  1 
ATOM   17  C  C   . VAL A 1 6  ? -1.427  -5.440  5.090   1.00 16.64 ? 5   VAL A C   1 
ATOM   18  O  O   . VAL A 1 6  ? -2.607  -5.358  4.744   1.00 16.62 ? 5   VAL A O   1 
ATOM   19  C  CB  . VAL A 1 6  ? -0.151  -6.014  2.974   1.00 17.08 ? 5   VAL A CB  1 
ATOM   20  C  CG1 . VAL A 1 6  ? 0.443   -4.607  2.952   1.00 16.77 ? 5   VAL A CG1 1 
ATOM   21  C  CG2 . VAL A 1 6  ? 0.821   -6.996  2.352   1.00 16.84 ? 5   VAL A CG2 1 
ATOM   22  N  N   . THR A 1 7  ? -0.910  -4.701  6.067   1.00 15.88 ? 6   THR A N   1 
ATOM   23  C  CA  . THR A 1 7  ? -1.682  -3.635  6.693   1.00 15.41 ? 6   THR A CA  1 
ATOM   24  C  C   . THR A 1 7  ? -1.121  -2.291  6.247   1.00 15.12 ? 6   THR A C   1 
ATOM   25  O  O   . THR A 1 7  ? 0.078   -2.031  6.388   1.00 14.83 ? 6   THR A O   1 
ATOM   26  C  CB  . THR A 1 7  ? -1.695  -3.748  8.235   1.00 15.47 ? 6   THR A CB  1 
ATOM   27  O  OG1 . THR A 1 7  ? -2.080  -5.074  8.613   1.00 15.55 ? 6   THR A OG1 1 
ATOM   28  C  CG2 . THR A 1 7  ? -2.676  -2.753  8.846   1.00 15.67 ? 6   THR A CG2 1 
ATOM   29  N  N   . PHE A 1 8  ? -1.995  -1.460  5.682   1.00 14.85 ? 7   PHE A N   1 
ATOM   30  C  CA  . PHE A 1 8  ? -1.636  -0.118  5.232   1.00 14.63 ? 7   PHE A CA  1 
ATOM   31  C  C   . PHE A 1 8  ? -2.087  0.899   6.273   1.00 14.68 ? 7   PHE A C   1 
ATOM   32  O  O   . PHE A 1 8  ? -3.199  0.799   6.805   1.00 14.51 ? 7   PHE A O   1 
ATOM   33  C  CB  . PHE A 1 8  ? -2.301  0.200   3.889   1.00 14.61 ? 7   PHE A CB  1 
ATOM   34  C  CG  . PHE A 1 8  ? -1.897  -0.720  2.765   1.00 14.55 ? 7   PHE A CG  1 
ATOM   35  C  CD1 . PHE A 1 8  ? -0.748  -0.464  2.014   1.00 14.09 ? 7   PHE A CD1 1 
ATOM   36  C  CD2 . PHE A 1 8  ? -2.681  -1.827  2.438   1.00 14.60 ? 7   PHE A CD2 1 
ATOM   37  C  CE1 . PHE A 1 8  ? -0.379  -1.305  0.960   1.00 13.98 ? 7   PHE A CE1 1 
ATOM   38  C  CE2 . PHE A 1 8  ? -2.319  -2.672  1.389   1.00 14.67 ? 7   PHE A CE2 1 
ATOM   39  C  CZ  . PHE A 1 8  ? -1.165  -2.408  0.647   1.00 14.13 ? 7   PHE A CZ  1 
ATOM   40  N  N   . TYR A 1 9  ? -1.231  1.879   6.557   1.00 14.48 ? 8   TYR A N   1 
ATOM   41  C  CA  . TYR A 1 9  ? -1.515  2.873   7.593   1.00 14.70 ? 8   TYR A CA  1 
ATOM   42  C  C   . TYR A 1 9  ? -1.555  4.291   7.048   1.00 14.73 ? 8   TYR A C   1 
ATOM   43  O  O   . TYR A 1 9  ? -0.796  4.646   6.140   1.00 14.48 ? 8   TYR A O   1 
ATOM   44  C  CB  . TYR A 1 9  ? -0.482  2.792   8.722   1.00 14.69 ? 8   TYR A CB  1 
ATOM   45  C  CG  . TYR A 1 9  ? -0.491  1.491   9.493   1.00 14.94 ? 8   TYR A CG  1 
ATOM   46  C  CD1 . TYR A 1 9  ? -1.238  1.358   10.664  1.00 15.53 ? 8   TYR A CD1 1 
ATOM   47  C  CD2 . TYR A 1 9  ? 0.262   0.399   9.063   1.00 15.02 ? 8   TYR A CD2 1 
ATOM   48  C  CE1 . TYR A 1 9  ? -1.240  0.162   11.383  1.00 15.96 ? 8   TYR A CE1 1 
ATOM   49  C  CE2 . TYR A 1 9  ? 0.266   -0.797  9.771   1.00 15.88 ? 8   TYR A CE2 1 
ATOM   50  C  CZ  . TYR A 1 9  ? -0.485  -0.910  10.928  1.00 16.44 ? 8   TYR A CZ  1 
ATOM   51  O  OH  . TYR A 1 9  ? -0.476  -2.101  11.625  1.00 17.02 ? 8   TYR A OH  1 
ATOM   52  N  N   . GLU A 1 10 ? -2.439  5.096   7.631   1.00 14.78 ? 9   GLU A N   1 
ATOM   53  C  CA  . GLU A 1 10 ? -2.629  6.491   7.247   1.00 15.24 ? 9   GLU A CA  1 
ATOM   54  C  C   . GLU A 1 10 ? -1.405  7.357   7.549   1.00 15.35 ? 9   GLU A C   1 
ATOM   55  O  O   . GLU A 1 10 ? -1.019  8.191   6.733   1.00 15.34 ? 9   GLU A O   1 
ATOM   56  C  CB  . GLU A 1 10 ? -3.852  7.059   7.970   1.00 15.37 ? 9   GLU A CB  1 
ATOM   57  C  CG  . GLU A 1 10 ? -4.168  8.516   7.662   1.00 16.64 ? 9   GLU A CG  1 
ATOM   58  C  CD  . GLU A 1 10 ? -5.345  9.046   8.466   1.00 18.93 ? 9   GLU A CD  1 
ATOM   59  O  OE1 . GLU A 1 10 ? -5.749  8.391   9.453   1.00 19.04 ? 9   GLU A OE1 1 
ATOM   60  O  OE2 . GLU A 1 10 ? -5.863  10.126  8.107   1.00 20.29 ? 9   GLU A OE2 1 
ATOM   61  N  N   . ASP A 1 11 ? -0.804  7.149   8.718   1.00 15.68 ? 10  ASP A N   1 
ATOM   62  C  CA  . ASP A 1 11 ? 0.251   8.038   9.208   1.00 16.00 ? 10  ASP A CA  1 
ATOM   63  C  C   . ASP A 1 11 ? 1.605   7.348   9.337   1.00 15.87 ? 10  ASP A C   1 
ATOM   64  O  O   . ASP A 1 11 ? 1.706   6.123   9.259   1.00 15.65 ? 10  ASP A O   1 
ATOM   65  C  CB  . ASP A 1 11 ? -0.145  8.642   10.562  1.00 16.43 ? 10  ASP A CB  1 
ATOM   66  C  CG  . ASP A 1 11 ? -1.435  9.446   10.501  1.00 17.14 ? 10  ASP A CG  1 
ATOM   67  O  OD1 . ASP A 1 11 ? -1.667  10.164  9.504   1.00 18.63 ? 10  ASP A OD1 1 
ATOM   68  O  OD2 . ASP A 1 11 ? -2.214  9.370   11.473  1.00 18.70 ? 10  ASP A OD2 1 
ATOM   69  N  N   . ILE A 1 12 ? 2.640   8.161   9.552   1.00 15.92 ? 11  ILE A N   1 
ATOM   70  C  CA  . ILE A 1 12 ? 4.003   7.684   9.778   1.00 15.99 ? 11  ILE A CA  1 
ATOM   71  C  C   . ILE A 1 12 ? 4.055   6.736   10.979  1.00 16.01 ? 11  ILE A C   1 
ATOM   72  O  O   . ILE A 1 12 ? 3.266   6.870   11.919  1.00 16.07 ? 11  ILE A O   1 
ATOM   73  C  CB  . ILE A 1 12 ? 4.991   8.891   9.953   1.00 15.92 ? 11  ILE A CB  1 
ATOM   74  C  CG1 . ILE A 1 12 ? 6.456   8.446   9.833   1.00 16.14 ? 11  ILE A CG1 1 
ATOM   75  C  CG2 . ILE A 1 12 ? 4.712   9.660   11.259  1.00 16.26 ? 11  ILE A CG2 1 
ATOM   76  C  CD1 . ILE A 1 12 ? 7.437   9.602   9.660   1.00 16.23 ? 11  ILE A CD1 1 
ATOM   77  N  N   . ASN A 1 13 ? 4.967   5.766   10.918  1.00 16.08 ? 12  ASN A N   1 
ATOM   78  C  CA  . ASN A 1 13 ? 5.196   4.810   12.001  1.00 16.20 ? 12  ASN A CA  1 
ATOM   79  C  C   . ASN A 1 13 ? 3.929   4.075   12.456  1.00 16.40 ? 12  ASN A C   1 
ATOM   80  O  O   . ASN A 1 13 ? 3.669   3.929   13.654  1.00 16.05 ? 12  ASN A O   1 
ATOM   81  C  CB  . ASN A 1 13 ? 5.899   5.490   13.187  1.00 16.26 ? 12  ASN A CB  1 
ATOM   82  C  CG  . ASN A 1 13 ? 6.665   4.509   14.049  1.00 16.32 ? 12  ASN A CG  1 
ATOM   83  O  OD1 . ASN A 1 13 ? 7.173   3.499   13.561  1.00 17.51 ? 12  ASN A OD1 1 
ATOM   84  N  ND2 . ASN A 1 13 ? 6.761   4.807   15.342  1.00 16.73 ? 12  ASN A ND2 1 
ATOM   85  N  N   . TYR A 1 14 ? 3.146   3.623   11.476  1.00 16.54 ? 13  TYR A N   1 
ATOM   86  C  CA  . TYR A 1 14 ? 1.962   2.786   11.708  1.00 16.73 ? 13  TYR A CA  1 
ATOM   87  C  C   . TYR A 1 14 ? 0.869   3.460   12.548  1.00 16.83 ? 13  TYR A C   1 
ATOM   88  O  O   . TYR A 1 14 ? 0.159   2.797   13.310  1.00 17.20 ? 13  TYR A O   1 
ATOM   89  C  CB  . TYR A 1 14 ? 2.365   1.420   12.293  1.00 16.52 ? 13  TYR A CB  1 
ATOM   90  C  CG  . TYR A 1 14 ? 3.657   0.865   11.724  1.00 17.01 ? 13  TYR A CG  1 
ATOM   91  C  CD1 . TYR A 1 14 ? 3.745   0.471   10.387  1.00 16.68 ? 13  TYR A CD1 1 
ATOM   92  C  CD2 . TYR A 1 14 ? 4.797   0.748   12.522  1.00 16.63 ? 13  TYR A CD2 1 
ATOM   93  C  CE1 . TYR A 1 14 ? 4.929   -0.032  9.862   1.00 16.99 ? 13  TYR A CE1 1 
ATOM   94  C  CE2 . TYR A 1 14 ? 5.987   0.246   12.005  1.00 17.40 ? 13  TYR A CE2 1 
ATOM   95  C  CZ  . TYR A 1 14 ? 6.046   -0.143  10.675  1.00 17.15 ? 13  TYR A CZ  1 
ATOM   96  O  OH  . TYR A 1 14 ? 7.219   -0.643  10.155  1.00 16.61 ? 13  TYR A OH  1 
ATOM   97  N  N   . GLY A 1 15 ? 0.728   4.774   12.384  1.00 16.92 ? 14  GLY A N   1 
ATOM   98  C  CA  . GLY A 1 15 ? -0.285  5.550   13.098  1.00 17.10 ? 14  GLY A CA  1 
ATOM   99  C  C   . GLY A 1 15 ? -1.540  5.794   12.277  1.00 17.20 ? 14  GLY A C   1 
ATOM   100 O  O   . GLY A 1 15 ? -1.564  5.539   11.069  1.00 17.16 ? 14  GLY A O   1 
ATOM   101 N  N   . GLY A 1 16 ? -2.582  6.291   12.940  1.00 17.23 ? 15  GLY A N   1 
ATOM   102 C  CA  . GLY A 1 16 ? -3.853  6.616   12.292  1.00 17.05 ? 15  GLY A CA  1 
ATOM   103 C  C   . GLY A 1 16 ? -4.644  5.405   11.830  1.00 16.98 ? 15  GLY A C   1 
ATOM   104 O  O   . GLY A 1 16 ? -4.417  4.285   12.294  1.00 16.96 ? 15  GLY A O   1 
ATOM   105 N  N   . ALA A 1 17 ? -5.574  5.638   10.907  1.00 16.82 ? 16  ALA A N   1 
ATOM   106 C  CA  . ALA A 1 17 ? -6.426  4.580   10.361  1.00 16.74 ? 16  ALA A CA  1 
ATOM   107 C  C   . ALA A 1 17 ? -5.617  3.511   9.624   1.00 16.51 ? 16  ALA A C   1 
ATOM   108 O  O   . ALA A 1 17 ? -4.582  3.807   9.022   1.00 16.42 ? 16  ALA A O   1 
ATOM   109 C  CB  . ALA A 1 17 ? -7.484  5.179   9.444   1.00 16.71 ? 16  ALA A CB  1 
ATOM   110 N  N   . SER A 1 18 ? -6.092  2.268   9.686   1.00 16.39 ? 17  SER A N   1 
ATOM   111 C  CA  . SER A 1 18 ? -5.415  1.142   9.043   1.00 16.07 ? 17  SER A CA  1 
ATOM   112 C  C   . SER A 1 18 ? -6.389  0.210   8.331   1.00 15.79 ? 17  SER A C   1 
ATOM   113 O  O   . SER A 1 18 ? -7.534  0.051   8.759   1.00 15.39 ? 17  SER A O   1 
ATOM   114 C  CB  . SER A 1 18 ? -4.609  0.339   10.066  1.00 16.33 ? 17  SER A CB  1 
ATOM   115 O  OG  . SER A 1 18 ? -5.461  -0.299  11.004  1.00 16.93 ? 17  SER A OG  1 
ATOM   116 N  N   . VAL A 1 19 ? -5.915  -0.401  7.248   1.00 15.14 ? 18  VAL A N   1 
ATOM   117 C  CA  . VAL A 1 19 ? -6.689  -1.389  6.495   1.00 14.93 ? 18  VAL A CA  1 
ATOM   118 C  C   . VAL A 1 19 ? -5.779  -2.543  6.079   1.00 14.70 ? 18  VAL A C   1 
ATOM   119 O  O   . VAL A 1 19 ? -4.682  -2.323  5.554   1.00 14.84 ? 18  VAL A O   1 
ATOM   120 C  CB  . VAL A 1 19 ? -7.350  -0.770  5.233   1.00 14.85 ? 18  VAL A CB  1 
ATOM   121 C  CG1 . VAL A 1 19 ? -8.071  -1.845  4.413   1.00 14.69 ? 18  VAL A CG1 1 
ATOM   122 C  CG2 . VAL A 1 19 ? -8.310  0.361   5.603   1.00 14.68 ? 18  VAL A CG2 1 
ATOM   123 N  N   . SER A 1 20 ? -6.238  -3.771  6.318   1.00 14.65 ? 19  SER A N   1 
ATOM   124 C  CA  . SER A 1 20 ? -5.493  -4.966  5.938   1.00 14.53 ? 19  SER A CA  1 
ATOM   125 C  C   . SER A 1 20 ? -6.027  -5.574  4.646   1.00 14.51 ? 19  SER A C   1 
ATOM   126 O  O   . SER A 1 20 ? -7.242  -5.627  4.435   1.00 14.29 ? 19  SER A O   1 
ATOM   127 C  CB  . SER A 1 20 ? -5.514  -5.999  7.064   1.00 14.79 ? 19  SER A CB  1 
ATOM   128 O  OG  . SER A 1 20 ? -4.851  -5.493  8.212   1.00 15.78 ? 19  SER A OG  1 
ATOM   129 N  N   . LEU A 1 21 ? -5.112  -6.019  3.789   1.00 14.04 ? 20  LEU A N   1 
ATOM   130 C  CA  . LEU A 1 21 ? -5.465  -6.639  2.512   1.00 13.99 ? 20  LEU A CA  1 
ATOM   131 C  C   . LEU A 1 21 ? -4.695  -7.924  2.252   1.00 13.90 ? 20  LEU A C   1 
ATOM   132 O  O   . LEU A 1 21 ? -3.513  -8.038  2.583   1.00 14.02 ? 20  LEU A O   1 
ATOM   133 C  CB  . LEU A 1 21 ? -5.227  -5.671  1.346   1.00 13.97 ? 20  LEU A CB  1 
ATOM   134 C  CG  . LEU A 1 21 ? -6.136  -4.456  1.156   1.00 14.11 ? 20  LEU A CG  1 
ATOM   135 C  CD1 . LEU A 1 21 ? -5.697  -3.685  -0.089  1.00 13.74 ? 20  LEU A CD1 1 
ATOM   136 C  CD2 . LEU A 1 21 ? -7.608  -4.866  1.044   1.00 14.56 ? 20  LEU A CD2 1 
ATOM   137 N  N   . GLN A 1 22 ? -5.384  -8.884  1.643   1.00 13.58 ? 21  GLN A N   1 
ATOM   138 C  CA  . GLN A 1 22 ? -4.789  -10.132 1.198   1.00 13.33 ? 21  GLN A CA  1 
ATOM   139 C  C   . GLN A 1 22 ? -4.115  -9.917  -0.161  1.00 12.76 ? 21  GLN A C   1 
ATOM   140 O  O   . GLN A 1 22 ? -4.310  -8.866  -0.771  1.00 12.84 ? 21  GLN A O   1 
ATOM   141 C  CB  . GLN A 1 22 ? -5.873  -11.212 1.106   1.00 13.57 ? 21  GLN A CB  1 
ATOM   142 C  CG  . GLN A 1 22 ? -6.367  -11.709 2.464   1.00 15.12 ? 21  GLN A CG  1 
ATOM   143 C  CD  . GLN A 1 22 ? -5.250  -12.290 3.314   1.00 17.47 ? 21  GLN A CD  1 
ATOM   144 O  OE1 . GLN A 1 22 ? -4.594  -13.257 2.925   1.00 19.18 ? 21  GLN A OE1 1 
ATOM   145 N  NE2 . GLN A 1 22 ? -5.025  -11.697 4.483   1.00 18.75 ? 21  GLN A NE2 1 
ATOM   146 N  N   . PRO A 1 23 ? -3.314  -10.898 -0.636  1.00 12.33 ? 22  PRO A N   1 
ATOM   147 C  CA  . PRO A 1 23 ? -2.728  -10.780 -1.972  1.00 11.81 ? 22  PRO A CA  1 
ATOM   148 C  C   . PRO A 1 23 ? -3.788  -10.475 -3.027  1.00 11.56 ? 22  PRO A C   1 
ATOM   149 O  O   . PRO A 1 23 ? -4.934  -10.906 -2.897  1.00 11.46 ? 22  PRO A O   1 
ATOM   150 C  CB  . PRO A 1 23 ? -2.135  -12.167 -2.216  1.00 12.05 ? 22  PRO A CB  1 
ATOM   151 C  CG  . PRO A 1 23 ? -1.782  -12.649 -0.859  1.00 12.14 ? 22  PRO A CG  1 
ATOM   152 C  CD  . PRO A 1 23 ? -2.882  -12.141 0.032   1.00 12.22 ? 22  PRO A CD  1 
ATOM   153 N  N   . GLY A 1 24 ? -3.400  -9.723  -4.048  1.00 11.15 ? 23  GLY A N   1 
ATOM   154 C  CA  . GLY A 1 24 ? -4.319  -9.350  -5.112  1.00 10.95 ? 23  GLY A CA  1 
ATOM   155 C  C   . GLY A 1 24 ? -3.888  -8.090  -5.827  1.00 10.83 ? 23  GLY A C   1 
ATOM   156 O  O   . GLY A 1 24 ? -2.887  -7.466  -5.465  1.00 10.78 ? 23  GLY A O   1 
ATOM   157 N  N   . ASN A 1 25 ? -4.653  -7.722  -6.850  1.00 10.62 ? 24  ASN A N   1 
ATOM   158 C  CA  . ASN A 1 25 ? -4.363  -6.541  -7.654  1.00 10.50 ? 24  ASN A CA  1 
ATOM   159 C  C   . ASN A 1 25 ? -5.525  -5.580  -7.504  1.00 10.12 ? 24  ASN A C   1 
ATOM   160 O  O   . ASN A 1 25 ? -6.602  -5.804  -8.059  1.00 10.31 ? 24  ASN A O   1 
ATOM   161 C  CB  . ASN A 1 25 ? -4.166  -6.929  -9.125  1.00 10.62 ? 24  ASN A CB  1 
ATOM   162 C  CG  . ASN A 1 25 ? -3.135  -8.029  -9.313  1.00 11.70 ? 24  ASN A CG  1 
ATOM   163 O  OD1 . ASN A 1 25 ? -2.160  -8.125  -8.561  1.00 11.56 ? 24  ASN A OD1 1 
ATOM   164 N  ND2 . ASN A 1 25 ? -3.347  -8.870  -10.326 1.00 12.18 ? 24  ASN A ND2 1 
ATOM   165 N  N   . TYR A 1 26 ? -5.313  -4.522  -6.732  1.00 9.51  ? 25  TYR A N   1 
ATOM   166 C  CA  . TYR A 1 26 ? -6.403  -3.634  -6.350  1.00 9.07  ? 25  TYR A CA  1 
ATOM   167 C  C   . TYR A 1 26 ? -6.328  -2.298  -7.069  1.00 8.82  ? 25  TYR A C   1 
ATOM   168 O  O   . TYR A 1 26 ? -5.340  -1.568  -6.948  1.00 8.48  ? 25  TYR A O   1 
ATOM   169 C  CB  . TYR A 1 26 ? -6.416  -3.430  -4.832  1.00 9.09  ? 25  TYR A CB  1 
ATOM   170 C  CG  . TYR A 1 26 ? -6.497  -4.716  -4.039  1.00 8.98  ? 25  TYR A CG  1 
ATOM   171 C  CD1 . TYR A 1 26 ? -7.731  -5.262  -3.688  1.00 9.43  ? 25  TYR A CD1 1 
ATOM   172 C  CD2 . TYR A 1 26 ? -5.341  -5.383  -3.634  1.00 9.52  ? 25  TYR A CD2 1 
ATOM   173 C  CE1 . TYR A 1 26 ? -7.810  -6.441  -2.948  1.00 9.72  ? 25  TYR A CE1 1 
ATOM   174 C  CE2 . TYR A 1 26 ? -5.408  -6.561  -2.897  1.00 9.73  ? 25  TYR A CE2 1 
ATOM   175 C  CZ  . TYR A 1 26 ? -6.644  -7.084  -2.561  1.00 10.05 ? 25  TYR A CZ  1 
ATOM   176 O  OH  . TYR A 1 26 ? -6.712  -8.245  -1.832  1.00 10.94 ? 25  TYR A OH  1 
ATOM   177 N  N   . THR A 1 27 ? -7.379  -1.996  -7.830  1.00 8.43  ? 26  THR A N   1 
ATOM   178 C  CA  . THR A 1 27 ? -7.525  -0.706  -8.497  1.00 8.38  ? 26  THR A CA  1 
ATOM   179 C  C   . THR A 1 27 ? -7.924  0.358   -7.469  1.00 8.30  ? 26  THR A C   1 
ATOM   180 O  O   . THR A 1 27 ? -8.231  0.030   -6.315  1.00 8.29  ? 26  THR A O   1 
ATOM   181 C  CB  . THR A 1 27 ? -8.614  -0.763  -9.594  1.00 8.45  ? 26  THR A CB  1 
ATOM   182 O  OG1 . THR A 1 27 ? -9.885  -1.020  -8.981  1.00 7.64  ? 26  THR A OG1 1 
ATOM   183 C  CG2 . THR A 1 27 ? -8.309  -1.859  -10.614 1.00 8.86  ? 26  THR A CG2 1 
ATOM   184 N  N   . LEU A 1 28 ? -7.944  1.619   -7.894  1.00 8.28  ? 27  LEU A N   1 
ATOM   185 C  CA  . LEU A 1 28 ? -8.341  2.724   -7.020  1.00 8.50  ? 27  LEU A CA  1 
ATOM   186 C  C   . LEU A 1 28 ? -9.737  2.526   -6.435  1.00 8.71  ? 27  LEU A C   1 
ATOM   187 O  O   . LEU A 1 28 ? -9.936  2.668   -5.224  1.00 8.56  ? 27  LEU A O   1 
ATOM   188 C  CB  . LEU A 1 28 ? -8.267  4.058   -7.770  1.00 8.49  ? 27  LEU A CB  1 
ATOM   189 C  CG  . LEU A 1 28 ? -8.615  5.352   -7.027  1.00 8.55  ? 27  LEU A CG  1 
ATOM   190 C  CD1 . LEU A 1 28 ? -7.776  5.534   -5.763  1.00 8.64  ? 27  LEU A CD1 1 
ATOM   191 C  CD2 . LEU A 1 28 ? -8.425  6.524   -7.966  1.00 9.33  ? 27  LEU A CD2 1 
ATOM   192 N  N   . SER A 1 29 ? -10.695 2.195   -7.295  1.00 8.95  ? 28  SER A N   1 
ATOM   193 C  CA  . SER A 1 29 ? -12.074 1.981   -6.854  1.00 9.29  ? 28  SER A CA  1 
ATOM   194 C  C   . SER A 1 29 ? -12.172 0.835   -5.848  1.00 9.32  ? 28  SER A C   1 
ATOM   195 O  O   . SER A 1 29 ? -12.927 0.912   -4.872  1.00 9.08  ? 28  SER A O   1 
ATOM   196 C  CB  . SER A 1 29 ? -12.989 1.723   -8.048  1.00 9.42  ? 28  SER A CB  1 
ATOM   197 O  OG  . SER A 1 29 ? -14.339 1.649   -7.621  1.00 10.92 ? 28  SER A OG  1 
ATOM   198 N  N   . GLN A 1 30 ? -11.396 -0.220  -6.088  1.00 9.29  ? 29  GLN A N   1 
ATOM   199 C  CA  . GLN A 1 30 ? -11.374 -1.383  -5.202  1.00 9.65  ? 29  GLN A CA  1 
ATOM   200 C  C   . GLN A 1 30 ? -10.745 -1.050  -3.847  1.00 9.69  ? 29  GLN A C   1 
ATOM   201 O  O   . GLN A 1 30 ? -11.232 -1.494  -2.800  1.00 9.55  ? 29  GLN A O   1 
ATOM   202 C  CB  . GLN A 1 30 ? -10.657 -2.549  -5.881  1.00 9.73  ? 29  GLN A CB  1 
ATOM   203 C  CG  . GLN A 1 30 ? -11.471 -3.172  -7.010  1.00 9.78  ? 29  GLN A CG  1 
ATOM   204 C  CD  . GLN A 1 30 ? -10.656 -4.068  -7.930  1.00 10.36 ? 29  GLN A CD  1 
ATOM   205 O  OE1 . GLN A 1 30 ? -9.427  -4.138  -7.839  1.00 9.26  ? 29  GLN A OE1 1 
ATOM   206 N  NE2 . GLN A 1 30 ? -11.346 -4.755  -8.836  1.00 10.56 ? 29  GLN A NE2 1 
ATOM   207 N  N   . LEU A 1 31 ? -9.680  -0.250  -3.872  1.00 9.69  ? 30  LEU A N   1 
ATOM   208 C  CA  . LEU A 1 31 ? -9.062  0.265   -2.652  1.00 9.93  ? 30  LEU A CA  1 
ATOM   209 C  C   . LEU A 1 31 ? -10.055 1.087   -1.832  1.00 10.10 ? 30  LEU A C   1 
ATOM   210 O  O   . LEU A 1 31 ? -10.148 0.918   -0.611  1.00 10.14 ? 30  LEU A O   1 
ATOM   211 C  CB  . LEU A 1 31 ? -7.829  1.112   -2.986  1.00 9.82  ? 30  LEU A CB  1 
ATOM   212 C  CG  . LEU A 1 31 ? -6.561  0.370   -3.424  1.00 10.04 ? 30  LEU A CG  1 
ATOM   213 C  CD1 . LEU A 1 31 ? -5.494  1.370   -3.833  1.00 10.02 ? 30  LEU A CD1 1 
ATOM   214 C  CD2 . LEU A 1 31 ? -6.034  -0.546  -2.317  1.00 10.33 ? 30  LEU A CD2 1 
ATOM   215 N  N   . ASN A 1 32 ? -10.792 1.967   -2.510  1.00 10.21 ? 31  ASN A N   1 
ATOM   216 C  CA  . ASN A 1 32 ? -11.803 2.805   -1.860  1.00 10.70 ? 31  ASN A CA  1 
ATOM   217 C  C   . ASN A 1 32 ? -12.897 1.975   -1.188  1.00 11.10 ? 31  ASN A C   1 
ATOM   218 O  O   . ASN A 1 32 ? -13.315 2.277   -0.065  1.00 11.01 ? 31  ASN A O   1 
ATOM   219 C  CB  . ASN A 1 32 ? -12.442 3.770   -2.860  1.00 10.62 ? 31  ASN A CB  1 
ATOM   220 C  CG  . ASN A 1 32 ? -11.481 4.836   -3.362  1.00 10.55 ? 31  ASN A CG  1 
ATOM   221 O  OD1 . ASN A 1 32 ? -10.385 5.040   -2.820  1.00 11.63 ? 31  ASN A OD1 1 
ATOM   222 N  ND2 . ASN A 1 32 ? -11.895 5.529   -4.406  1.00 8.47  ? 31  ASN A ND2 1 
ATOM   223 N  N   . THR A 1 33 ? -13.357 0.932   -1.878  1.00 11.70 ? 32  THR A N   1 
ATOM   224 C  CA  . THR A 1 33 ? -14.361 0.019   -1.315  1.00 12.34 ? 32  THR A CA  1 
ATOM   225 C  C   . THR A 1 33 ? -13.821 -0.701  -0.075  1.00 12.80 ? 32  THR A C   1 
ATOM   226 O  O   . THR A 1 33 ? -14.573 -0.990  0.861   1.00 12.92 ? 32  THR A O   1 
ATOM   227 C  CB  . THR A 1 33 ? -14.880 -0.978  -2.375  1.00 12.29 ? 32  THR A CB  1 
ATOM   228 O  OG1 . THR A 1 33 ? -15.516 -0.245  -3.425  1.00 12.23 ? 32  THR A OG1 1 
ATOM   229 C  CG2 . THR A 1 33 ? -15.896 -1.954  -1.780  1.00 12.46 ? 32  THR A CG2 1 
ATOM   230 N  N   . ALA A 1 34 ? -12.512 -0.953  -0.059  1.00 13.16 ? 33  ALA A N   1 
ATOM   231 C  CA  . ALA A 1 34 ? -11.845 -1.540  1.107   1.00 13.54 ? 33  ALA A CA  1 
ATOM   232 C  C   . ALA A 1 34 ? -11.482 -0.487  2.168   1.00 13.87 ? 33  ALA A C   1 
ATOM   233 O  O   . ALA A 1 34 ? -10.781 -0.794  3.135   1.00 13.98 ? 33  ALA A O   1 
ATOM   234 C  CB  . ALA A 1 34 ? -10.610 -2.332  0.673   1.00 13.64 ? 33  ALA A CB  1 
ATOM   235 N  N   . LYS A 1 35 ? -11.972 0.739   1.974   1.00 14.01 ? 34  LYS A N   1 
ATOM   236 C  CA  . LYS A 1 35 ? -11.828 1.868   2.920   1.00 14.62 ? 34  LYS A CA  1 
ATOM   237 C  C   . LYS A 1 35 ? -10.445 2.535   2.907   1.00 14.40 ? 34  LYS A C   1 
ATOM   238 O  O   . LYS A 1 35 ? -10.053 3.199   3.877   1.00 14.48 ? 34  LYS A O   1 
ATOM   239 C  CB  . LYS A 1 35 ? -12.246 1.481   4.353   1.00 15.10 ? 34  LYS A CB  1 
ATOM   240 C  CG  . LYS A 1 35 ? -13.661 0.918   4.470   1.00 16.96 ? 34  LYS A CG  1 
ATOM   241 C  CD  . LYS A 1 35 ? -14.000 0.573   5.914   1.00 20.51 ? 34  LYS A CD  1 
ATOM   242 C  CE  . LYS A 1 35 ? -15.310 -0.201  6.014   1.00 22.52 ? 34  LYS A CE  1 
ATOM   243 N  NZ  . LYS A 1 35 ? -15.151 -1.639  5.634   1.00 24.34 ? 34  LYS A NZ  1 
ATOM   244 N  N   . ILE A 1 36 ? -9.721  2.364   1.801   1.00 13.94 ? 35  ILE A N   1 
ATOM   245 C  CA  . ILE A 1 36 ? -8.438  3.038   1.586   1.00 13.50 ? 35  ILE A CA  1 
ATOM   246 C  C   . ILE A 1 36 ? -8.624  4.185   0.593   1.00 13.45 ? 35  ILE A C   1 
ATOM   247 O  O   . ILE A 1 36 ? -8.848  3.944   -0.595  1.00 13.28 ? 35  ILE A O   1 
ATOM   248 C  CB  . ILE A 1 36 ? -7.346  2.063   1.067   1.00 13.58 ? 35  ILE A CB  1 
ATOM   249 C  CG1 . ILE A 1 36 ? -7.045  0.984   2.110   1.00 13.04 ? 35  ILE A CG1 1 
ATOM   250 C  CG2 . ILE A 1 36 ? -6.073  2.824   0.693   1.00 13.06 ? 35  ILE A CG2 1 
ATOM   251 C  CD1 . ILE A 1 36 ? -6.272  -0.215  1.573   1.00 12.69 ? 35  ILE A CD1 1 
ATOM   252 N  N   . PRO A 1 37 ? -8.547  5.440   1.080   1.00 13.44 ? 36  PRO A N   1 
ATOM   253 C  CA  . PRO A 1 37 ? -8.669  6.601   0.201   1.00 13.45 ? 36  PRO A CA  1 
ATOM   254 C  C   . PRO A 1 37 ? -7.450  6.757   -0.707  1.00 13.55 ? 36  PRO A C   1 
ATOM   255 O  O   . PRO A 1 37 ? -6.394  6.183   -0.424  1.00 13.22 ? 36  PRO A O   1 
ATOM   256 C  CB  . PRO A 1 37 ? -8.739  7.784   1.181   1.00 13.59 ? 36  PRO A CB  1 
ATOM   257 C  CG  . PRO A 1 37 ? -9.061  7.181   2.517   1.00 13.46 ? 36  PRO A CG  1 
ATOM   258 C  CD  . PRO A 1 37 ? -8.418  5.837   2.494   1.00 13.48 ? 36  PRO A CD  1 
ATOM   259 N  N   . ASN A 1 38 ? -7.606  7.523   -1.787  1.00 13.69 ? 37  ASN A N   1 
ATOM   260 C  CA  . ASN A 1 38 ? -6.474  7.902   -2.632  1.00 14.12 ? 37  ASN A CA  1 
ATOM   261 C  C   . ASN A 1 38 ? -5.476  8.750   -1.851  1.00 14.42 ? 37  ASN A C   1 
ATOM   262 O  O   . ASN A 1 38 ? -5.858  9.453   -0.908  1.00 14.61 ? 37  ASN A O   1 
ATOM   263 C  CB  . ASN A 1 38 ? -6.945  8.686   -3.862  1.00 14.24 ? 37  ASN A CB  1 
ATOM   264 C  CG  . ASN A 1 38 ? -7.418  10.091  -3.519  1.00 14.44 ? 37  ASN A CG  1 
ATOM   265 O  OD1 . ASN A 1 38 ? -8.471  10.274  -2.907  1.00 15.49 ? 37  ASN A OD1 1 
ATOM   266 N  ND2 . ASN A 1 38 ? -6.635  11.090  -3.911  1.00 14.30 ? 37  ASN A ND2 1 
ATOM   267 N  N   . ASP A 1 39 ? -4.204  8.678   -2.243  1.00 14.76 ? 38  ASP A N   1 
ATOM   268 C  CA  . ASP A 1 39 ? -3.169  9.586   -1.733  1.00 15.07 ? 38  ASP A CA  1 
ATOM   269 C  C   . ASP A 1 39 ? -3.174  9.697   -0.197  1.00 15.04 ? 38  ASP A C   1 
ATOM   270 O  O   . ASP A 1 39 ? -3.209  10.796  0.360   1.00 15.30 ? 38  ASP A O   1 
ATOM   271 C  CB  . ASP A 1 39 ? -3.319  10.973  -2.383  1.00 15.18 ? 38  ASP A CB  1 
ATOM   272 C  CG  . ASP A 1 39 ? -3.226  10.931  -3.907  1.00 15.65 ? 38  ASP A CG  1 
ATOM   273 O  OD1 . ASP A 1 39 ? -2.863  9.877   -4.472  1.00 16.12 ? 38  ASP A OD1 1 
ATOM   274 O  OD2 . ASP A 1 39 ? -3.512  11.968  -4.543  1.00 17.05 ? 38  ASP A OD2 1 
ATOM   275 N  N   . TRP A 1 40 ? -3.104  8.549   0.469   1.00 14.90 ? 39  TRP A N   1 
ATOM   276 C  CA  . TRP A 1 40 ? -3.402  8.434   1.899   1.00 14.73 ? 39  TRP A CA  1 
ATOM   277 C  C   . TRP A 1 40 ? -2.362  7.593   2.650   1.00 14.56 ? 39  TRP A C   1 
ATOM   278 O  O   . TRP A 1 40 ? -2.056  7.867   3.814   1.00 14.58 ? 39  TRP A O   1 
ATOM   279 C  CB  . TRP A 1 40 ? -4.814  7.845   2.040   1.00 14.74 ? 39  TRP A CB  1 
ATOM   280 C  CG  . TRP A 1 40 ? -5.241  7.275   3.376   1.00 14.75 ? 39  TRP A CG  1 
ATOM   281 C  CD1 . TRP A 1 40 ? -5.972  7.910   4.339   1.00 14.84 ? 39  TRP A CD1 1 
ATOM   282 C  CD2 . TRP A 1 40 ? -5.039  5.934   3.847   1.00 14.55 ? 39  TRP A CD2 1 
ATOM   283 N  NE1 . TRP A 1 40 ? -6.211  7.060   5.393   1.00 14.46 ? 39  TRP A NE1 1 
ATOM   284 C  CE2 . TRP A 1 40 ? -5.648  5.842   5.117   1.00 14.41 ? 39  TRP A CE2 1 
ATOM   285 C  CE3 . TRP A 1 40 ? -4.388  4.808   3.325   1.00 14.33 ? 39  TRP A CE3 1 
ATOM   286 C  CZ2 . TRP A 1 40 ? -5.627  4.665   5.877   1.00 14.67 ? 39  TRP A CZ2 1 
ATOM   287 C  CZ3 . TRP A 1 40 ? -4.366  3.637   4.081   1.00 14.37 ? 39  TRP A CZ3 1 
ATOM   288 C  CH2 . TRP A 1 40 ? -4.981  3.577   5.344   1.00 14.64 ? 39  TRP A CH2 1 
ATOM   289 N  N   . MET A 1 41 ? -1.813  6.587   1.974   1.00 14.33 ? 40  MET A N   1 
ATOM   290 C  CA  . MET A 1 41 ? -0.917  5.612   2.598   1.00 14.11 ? 40  MET A CA  1 
ATOM   291 C  C   . MET A 1 41 ? 0.481   6.177   2.889   1.00 14.17 ? 40  MET A C   1 
ATOM   292 O  O   . MET A 1 41 ? 1.123   6.753   2.010   1.00 13.86 ? 40  MET A O   1 
ATOM   293 C  CB  . MET A 1 41 ? -0.832  4.356   1.726   1.00 14.20 ? 40  MET A CB  1 
ATOM   294 C  CG  . MET A 1 41 ? -0.318  3.117   2.441   1.00 14.09 ? 40  MET A CG  1 
ATOM   295 S  SD  . MET A 1 41 ? 1.479   2.964   2.391   1.00 14.86 ? 40  MET A SD  1 
ATOM   296 C  CE  . MET A 1 41 ? 1.761   2.659   0.644   1.00 14.05 ? 40  MET A CE  1 
ATOM   297 N  N   . THR A 1 42 ? 0.944   5.983   4.124   1.00 14.27 ? 41  THR A N   1 
ATOM   298 C  CA  . THR A 1 42 ? 2.228   6.536   4.585   1.00 14.51 ? 41  THR A CA  1 
ATOM   299 C  C   . THR A 1 42 ? 3.183   5.468   5.136   1.00 14.51 ? 41  THR A C   1 
ATOM   300 O  O   . THR A 1 42 ? 4.405   5.594   5.014   1.00 14.66 ? 41  THR A O   1 
ATOM   301 C  CB  . THR A 1 42 ? 1.998   7.662   5.625   1.00 14.45 ? 41  THR A CB  1 
ATOM   302 O  OG1 . THR A 1 42 ? 1.322   8.752   4.988   1.00 14.65 ? 41  THR A OG1 1 
ATOM   303 C  CG2 . THR A 1 42 ? 3.312   8.179   6.203   1.00 14.59 ? 41  THR A CG2 1 
ATOM   304 N  N   . SER A 1 43 ? 2.625   4.427   5.750   1.00 14.46 ? 42  SER A N   1 
ATOM   305 C  CA  . SER A 1 43 ? 3.419   3.304   6.248   1.00 14.39 ? 42  SER A CA  1 
ATOM   306 C  C   . SER A 1 43 ? 2.660   1.997   6.057   1.00 14.41 ? 42  SER A C   1 
ATOM   307 O  O   . SER A 1 43 ? 1.444   2.002   5.866   1.00 14.35 ? 42  SER A O   1 
ATOM   308 C  CB  . SER A 1 43 ? 3.796   3.506   7.721   1.00 14.41 ? 42  SER A CB  1 
ATOM   309 O  OG  . SER A 1 43 ? 2.647   3.575   8.547   1.00 14.57 ? 42  SER A OG  1 
ATOM   310 N  N   . LEU A 1 44 ? 3.382   0.882   6.092   1.00 14.47 ? 43  LEU A N   1 
ATOM   311 C  CA  . LEU A 1 44 ? 2.767   -0.426  5.888   1.00 14.70 ? 43  LEU A CA  1 
ATOM   312 C  C   . LEU A 1 44 ? 3.570   -1.548  6.524   1.00 15.09 ? 43  LEU A C   1 
ATOM   313 O  O   . LEU A 1 44 ? 4.794   -1.464  6.650   1.00 15.09 ? 43  LEU A O   1 
ATOM   314 C  CB  . LEU A 1 44 ? 2.540   -0.713  4.389   1.00 14.54 ? 43  LEU A CB  1 
ATOM   315 C  CG  . LEU A 1 44 ? 3.727   -1.008  3.462   1.00 14.28 ? 43  LEU A CG  1 
ATOM   316 C  CD1 . LEU A 1 44 ? 3.255   -1.728  2.200   1.00 14.25 ? 43  LEU A CD1 1 
ATOM   317 C  CD2 . LEU A 1 44 ? 4.473   0.259   3.093   1.00 13.72 ? 43  LEU A CD2 1 
ATOM   318 N  N   . LYS A 1 45 ? 2.862   -2.597  6.929   1.00 15.50 ? 44  LYS A N   1 
ATOM   319 C  CA  . LYS A 1 45 ? 3.488   -3.814  7.415   1.00 16.13 ? 44  LYS A CA  1 
ATOM   320 C  C   . LYS A 1 45 ? 3.328   -4.914  6.376   1.00 16.42 ? 44  LYS A C   1 
ATOM   321 O  O   . LYS A 1 45 ? 2.226   -5.149  5.875   1.00 16.64 ? 44  LYS A O   1 
ATOM   322 C  CB  . LYS A 1 45 ? 2.893   -4.232  8.761   1.00 16.09 ? 44  LYS A CB  1 
ATOM   323 C  CG  . LYS A 1 45 ? 3.267   -3.299  9.899   1.00 16.54 ? 44  LYS A CG  1 
ATOM   324 C  CD  . LYS A 1 45 ? 2.580   -3.687  11.195  1.00 17.71 ? 44  LYS A CD  1 
ATOM   325 C  CE  . LYS A 1 45 ? 2.847   -2.653  12.278  1.00 18.44 ? 44  LYS A CE  1 
ATOM   326 N  NZ  . LYS A 1 45 ? 2.050   -2.923  13.506  1.00 19.34 ? 44  LYS A NZ  1 
ATOM   327 N  N   . VAL A 1 46 ? 4.438   -5.571  6.055   1.00 16.80 ? 45  VAL A N   1 
ATOM   328 C  CA  . VAL A 1 46 ? 4.492   -6.587  5.009   1.00 17.23 ? 45  VAL A CA  1 
ATOM   329 C  C   . VAL A 1 46 ? 4.995   -7.904  5.601   1.00 17.78 ? 45  VAL A C   1 
ATOM   330 O  O   . VAL A 1 46 ? 6.085   -7.939  6.186   1.00 17.90 ? 45  VAL A O   1 
ATOM   331 C  CB  . VAL A 1 46 ? 5.429   -6.153  3.846   1.00 17.18 ? 45  VAL A CB  1 
ATOM   332 C  CG1 . VAL A 1 46 ? 5.463   -7.208  2.744   1.00 17.25 ? 45  VAL A CG1 1 
ATOM   333 C  CG2 . VAL A 1 46 ? 5.009   -4.802  3.279   1.00 16.83 ? 45  VAL A CG2 1 
ATOM   334 N  N   . PRO A 1 47 ? 4.209   -8.993  5.456   1.00 18.16 ? 46  PRO A N   1 
ATOM   335 C  CA  . PRO A 1 47 ? 4.650   -10.300 5.949   1.00 18.53 ? 46  PRO A CA  1 
ATOM   336 C  C   . PRO A 1 47 ? 5.939   -10.752 5.269   1.00 18.80 ? 46  PRO A C   1 
ATOM   337 O  O   . PRO A 1 47 ? 6.205   -10.377 4.122   1.00 18.62 ? 46  PRO A O   1 
ATOM   338 C  CB  . PRO A 1 47 ? 3.495   -11.231 5.564   1.00 18.48 ? 46  PRO A CB  1 
ATOM   339 C  CG  . PRO A 1 47 ? 2.314   -10.338 5.435   1.00 18.45 ? 46  PRO A CG  1 
ATOM   340 C  CD  . PRO A 1 47 ? 2.859   -9.063  4.867   1.00 18.13 ? 46  PRO A CD  1 
ATOM   341 N  N   . SER A 1 48 ? 6.739   -11.540 5.984   1.00 19.06 ? 47  SER A N   1 
ATOM   342 C  CA  . SER A 1 48 ? 8.006   -12.026 5.452   1.00 19.31 ? 47  SER A CA  1 
ATOM   343 C  C   . SER A 1 48 ? 7.792   -12.876 4.204   1.00 19.06 ? 47  SER A C   1 
ATOM   344 O  O   . SER A 1 48 ? 6.960   -13.789 4.196   1.00 19.43 ? 47  SER A O   1 
ATOM   345 C  CB  . SER A 1 48 ? 8.773   -12.818 6.514   1.00 19.47 ? 47  SER A CB  1 
ATOM   346 O  OG  . SER A 1 48 ? 9.988   -13.314 5.980   1.00 20.54 ? 47  SER A OG  1 
ATOM   347 N  N   . GLY A 1 49 ? 8.541   -12.559 3.153   1.00 18.79 ? 48  GLY A N   1 
ATOM   348 C  CA  . GLY A 1 49 ? 8.455   -13.285 1.886   1.00 18.42 ? 48  GLY A CA  1 
ATOM   349 C  C   . GLY A 1 49 ? 7.494   -12.667 0.886   1.00 17.97 ? 48  GLY A C   1 
ATOM   350 O  O   . GLY A 1 49 ? 7.453   -13.082 -0.270  1.00 18.24 ? 48  GLY A O   1 
ATOM   351 N  N   . TRP A 1 50 ? 6.728   -11.673 1.331   1.00 17.30 ? 49  TRP A N   1 
ATOM   352 C  CA  . TRP A 1 50 ? 5.727   -11.009 0.490   1.00 16.80 ? 49  TRP A CA  1 
ATOM   353 C  C   . TRP A 1 50 ? 6.303   -9.788  -0.236  1.00 16.31 ? 49  TRP A C   1 
ATOM   354 O  O   . TRP A 1 50 ? 7.341   -9.243  0.160   1.00 16.13 ? 49  TRP A O   1 
ATOM   355 C  CB  . TRP A 1 50 ? 4.517   -10.588 1.332   1.00 16.74 ? 49  TRP A CB  1 
ATOM   356 C  CG  . TRP A 1 50 ? 3.627   -11.713 1.815   1.00 17.05 ? 49  TRP A CG  1 
ATOM   357 C  CD1 . TRP A 1 50 ? 4.007   -12.984 2.159   1.00 16.97 ? 49  TRP A CD1 1 
ATOM   358 C  CD2 . TRP A 1 50 ? 2.215   -11.644 2.049   1.00 16.76 ? 49  TRP A CD2 1 
ATOM   359 N  NE1 . TRP A 1 50 ? 2.916   -13.711 2.571   1.00 17.15 ? 49  TRP A NE1 1 
ATOM   360 C  CE2 . TRP A 1 50 ? 1.804   -12.912 2.519   1.00 17.03 ? 49  TRP A CE2 1 
ATOM   361 C  CE3 . TRP A 1 50 ? 1.254   -10.632 1.902   1.00 16.73 ? 49  TRP A CE3 1 
ATOM   362 C  CZ2 . TRP A 1 50 ? 0.471   -13.198 2.838   1.00 16.85 ? 49  TRP A CZ2 1 
ATOM   363 C  CZ3 . TRP A 1 50 ? -0.073  -10.917 2.223   1.00 16.87 ? 49  TRP A CZ3 1 
ATOM   364 C  CH2 . TRP A 1 50 ? -0.449  -12.191 2.689   1.00 16.87 ? 49  TRP A CH2 1 
ATOM   365 N  N   . THR A 1 51 ? 5.620   -9.368  -1.303  1.00 15.56 ? 50  THR A N   1 
ATOM   366 C  CA  . THR A 1 51 ? 6.005   -8.191  -2.081  1.00 15.04 ? 50  THR A CA  1 
ATOM   367 C  C   . THR A 1 51 ? 4.796   -7.280  -2.283  1.00 14.53 ? 50  THR A C   1 
ATOM   368 O  O   . THR A 1 51 ? 3.706   -7.749  -2.612  1.00 14.29 ? 50  THR A O   1 
ATOM   369 C  CB  . THR A 1 51 ? 6.584   -8.582  -3.462  1.00 15.18 ? 50  THR A CB  1 
ATOM   370 O  OG1 . THR A 1 51 ? 7.710   -9.449  -3.281  1.00 15.81 ? 50  THR A OG1 1 
ATOM   371 C  CG2 . THR A 1 51 ? 7.027   -7.350  -4.250  1.00 15.19 ? 50  THR A CG2 1 
ATOM   372 N  N   . VAL A 1 52 ? 5.001   -5.982  -2.076  1.00 13.87 ? 51  VAL A N   1 
ATOM   373 C  CA  . VAL A 1 52 ? 3.959   -4.984  -2.295  1.00 13.36 ? 51  VAL A CA  1 
ATOM   374 C  C   . VAL A 1 52 ? 4.439   -3.948  -3.308  1.00 13.09 ? 51  VAL A C   1 
ATOM   375 O  O   . VAL A 1 52 ? 5.382   -3.200  -3.041  1.00 13.04 ? 51  VAL A O   1 
ATOM   376 C  CB  . VAL A 1 52 ? 3.542   -4.277  -0.983  1.00 13.42 ? 51  VAL A CB  1 
ATOM   377 C  CG1 . VAL A 1 52 ? 2.438   -3.260  -1.247  1.00 13.14 ? 51  VAL A CG1 1 
ATOM   378 C  CG2 . VAL A 1 52 ? 3.085   -5.295  0.055   1.00 13.24 ? 51  VAL A CG2 1 
ATOM   379 N  N   . ASP A 1 53 ? 3.789   -3.925  -4.472  1.00 12.56 ? 52  ASP A N   1 
ATOM   380 C  CA  . ASP A 1 53 ? 4.073   -2.933  -5.505  1.00 12.39 ? 52  ASP A CA  1 
ATOM   381 C  C   . ASP A 1 53 ? 3.028   -1.823  -5.446  1.00 12.00 ? 52  ASP A C   1 
ATOM   382 O  O   . ASP A 1 53 ? 1.857   -2.039  -5.786  1.00 11.92 ? 52  ASP A O   1 
ATOM   383 C  CB  . ASP A 1 53 ? 4.084   -3.577  -6.899  1.00 12.33 ? 52  ASP A CB  1 
ATOM   384 C  CG  . ASP A 1 53 ? 5.296   -4.472  -7.130  1.00 13.29 ? 52  ASP A CG  1 
ATOM   385 O  OD1 . ASP A 1 53 ? 6.386   -4.193  -6.583  1.00 13.54 ? 52  ASP A OD1 1 
ATOM   386 O  OD2 . ASP A 1 53 ? 5.159   -5.458  -7.880  1.00 15.17 ? 52  ASP A OD2 1 
ATOM   387 N  N   . VAL A 1 54 ? 3.465   -0.642  -5.009  1.00 11.48 ? 53  VAL A N   1 
ATOM   388 C  CA  . VAL A 1 54 ? 2.595   0.516   -4.820  1.00 11.20 ? 53  VAL A CA  1 
ATOM   389 C  C   . VAL A 1 54 ? 2.683   1.429   -6.042  1.00 11.08 ? 53  VAL A C   1 
ATOM   390 O  O   . VAL A 1 54 ? 3.773   1.866   -6.412  1.00 11.09 ? 53  VAL A O   1 
ATOM   391 C  CB  . VAL A 1 54 ? 2.994   1.307   -3.538  1.00 11.23 ? 53  VAL A CB  1 
ATOM   392 C  CG1 . VAL A 1 54 ? 2.188   2.592   -3.404  1.00 11.27 ? 53  VAL A CG1 1 
ATOM   393 C  CG2 . VAL A 1 54 ? 2.840   0.439   -2.293  1.00 10.97 ? 53  VAL A CG2 1 
ATOM   394 N  N   . TYR A 1 55 ? 1.537   1.718   -6.659  1.00 11.02 ? 54  TYR A N   1 
ATOM   395 C  CA  . TYR A 1 55 ? 1.500   2.541   -7.875  1.00 10.97 ? 54  TYR A CA  1 
ATOM   396 C  C   . TYR A 1 55 ? 0.911   3.927   -7.648  1.00 10.98 ? 54  TYR A C   1 
ATOM   397 O  O   . TYR A 1 55 ? -0.086  4.088   -6.941  1.00 10.55 ? 54  TYR A O   1 
ATOM   398 C  CB  . TYR A 1 55 ? 0.724   1.846   -8.997  1.00 10.98 ? 54  TYR A CB  1 
ATOM   399 C  CG  . TYR A 1 55 ? 1.321   0.538   -9.463  1.00 11.89 ? 54  TYR A CG  1 
ATOM   400 C  CD1 . TYR A 1 55 ? 2.188   0.493   -10.557 1.00 12.37 ? 54  TYR A CD1 1 
ATOM   401 C  CD2 . TYR A 1 55 ? 1.007   -0.657  -8.820  1.00 12.56 ? 54  TYR A CD2 1 
ATOM   402 C  CE1 . TYR A 1 55 ? 2.730   -0.716  -10.994 1.00 13.32 ? 54  TYR A CE1 1 
ATOM   403 C  CE2 . TYR A 1 55 ? 1.546   -1.867  -9.246  1.00 13.73 ? 54  TYR A CE2 1 
ATOM   404 C  CZ  . TYR A 1 55 ? 2.404   -1.887  -10.330 1.00 14.03 ? 54  TYR A CZ  1 
ATOM   405 O  OH  . TYR A 1 55 ? 2.927   -3.086  -10.749 1.00 16.42 ? 54  TYR A OH  1 
ATOM   406 N  N   . GLU A 1 56 ? 1.539   4.909   -8.286  1.00 11.14 ? 55  GLU A N   1 
ATOM   407 C  CA  . GLU A 1 56 ? 1.168   6.319   -8.203  1.00 11.70 ? 55  GLU A CA  1 
ATOM   408 C  C   . GLU A 1 56 ? -0.193  6.597   -8.846  1.00 11.48 ? 55  GLU A C   1 
ATOM   409 O  O   . GLU A 1 56 ? -0.969  7.423   -8.357  1.00 11.56 ? 55  GLU A O   1 
ATOM   410 C  CB  . GLU A 1 56 ? 2.260   7.141   -8.890  1.00 12.20 ? 55  GLU A CB  1 
ATOM   411 C  CG  . GLU A 1 56 ? 2.018   8.631   -8.965  1.00 14.66 ? 55  GLU A CG  1 
ATOM   412 C  CD  . GLU A 1 56 ? 3.060   9.337   -9.815  1.00 18.52 ? 55  GLU A CD  1 
ATOM   413 O  OE1 . GLU A 1 56 ? 3.588   8.723   -10.775 1.00 20.54 ? 55  GLU A OE1 1 
ATOM   414 O  OE2 . GLU A 1 56 ? 3.340   10.517  -9.529  1.00 20.96 ? 55  GLU A OE2 1 
ATOM   415 N  N   . ASN A 1 57 ? -0.469  5.911   -9.948  1.00 11.17 ? 56  ASN A N   1 
ATOM   416 C  CA  . ASN A 1 57 ? -1.715  6.109   -10.676 1.00 11.37 ? 56  ASN A CA  1 
ATOM   417 C  C   . ASN A 1 57 ? -2.582  4.864   -10.626 1.00 11.06 ? 56  ASN A C   1 
ATOM   418 O  O   . ASN A 1 57 ? -2.129  3.802   -10.197 1.00 10.80 ? 56  ASN A O   1 
ATOM   419 C  CB  . ASN A 1 57 ? -1.428  6.516   -12.123 1.00 11.79 ? 56  ASN A CB  1 
ATOM   420 C  CG  . ASN A 1 57 ? -0.722  7.852   -12.218 1.00 13.39 ? 56  ASN A CG  1 
ATOM   421 O  OD1 . ASN A 1 57 ? 0.364   7.952   -12.784 1.00 16.41 ? 56  ASN A OD1 1 
ATOM   422 N  ND2 . ASN A 1 57 ? -1.332  8.887   -11.655 1.00 15.40 ? 56  ASN A ND2 1 
ATOM   423 N  N   . ASP A 1 58 ? -3.833  5.009   -11.060 1.00 10.76 ? 57  ASP A N   1 
ATOM   424 C  CA  . ASP A 1 58 ? -4.773  3.897   -11.108 1.00 10.54 ? 57  ASP A CA  1 
ATOM   425 C  C   . ASP A 1 58 ? -4.320  2.869   -12.142 1.00 10.56 ? 57  ASP A C   1 
ATOM   426 O  O   . ASP A 1 58 ? -3.487  3.166   -13.015 1.00 10.49 ? 57  ASP A O   1 
ATOM   427 C  CB  . ASP A 1 58 ? -6.181  4.414   -11.444 1.00 10.47 ? 57  ASP A CB  1 
ATOM   428 C  CG  . ASP A 1 58 ? -7.292  3.428   -11.068 1.00 10.45 ? 57  ASP A CG  1 
ATOM   429 O  OD1 . ASP A 1 58 ? -7.005  2.318   -10.564 1.00 9.20  ? 57  ASP A OD1 1 
ATOM   430 O  OD2 . ASP A 1 58 ? -8.474  3.783   -11.277 1.00 10.10 ? 57  ASP A OD2 1 
ATOM   431 N  N   . ASN A 1 59 ? -4.854  1.658   -12.013 1.00 10.30 ? 58  ASN A N   1 
ATOM   432 C  CA  . ASN A 1 59 ? -4.651  0.584   -12.987 1.00 10.43 ? 58  ASN A CA  1 
ATOM   433 C  C   . ASN A 1 59 ? -3.188  0.192   -13.162 1.00 10.11 ? 58  ASN A C   1 
ATOM   434 O  O   . ASN A 1 59 ? -2.751  -0.181  -14.254 1.00 9.88  ? 58  ASN A O   1 
ATOM   435 C  CB  . ASN A 1 59 ? -5.324  0.929   -14.322 1.00 10.78 ? 58  ASN A CB  1 
ATOM   436 C  CG  . ASN A 1 59 ? -6.816  1.158   -14.165 1.00 12.03 ? 58  ASN A CG  1 
ATOM   437 O  OD1 . ASN A 1 59 ? -7.543  0.265   -13.729 1.00 13.97 ? 58  ASN A OD1 1 
ATOM   438 N  ND2 . ASN A 1 59 ? -7.276  2.356   -14.507 1.00 12.87 ? 58  ASN A ND2 1 
ATOM   439 N  N   . PHE A 1 60 ? -2.447  0.273   -12.057 1.00 9.79  ? 59  PHE A N   1 
ATOM   440 C  CA  . PHE A 1 60 ? -1.084  -0.251  -11.977 1.00 9.74  ? 59  PHE A CA  1 
ATOM   441 C  C   . PHE A 1 60 ? -0.157  0.431   -12.985 1.00 9.70  ? 59  PHE A C   1 
ATOM   442 O  O   . PHE A 1 60 ? 0.617   -0.222  -13.692 1.00 9.63  ? 59  PHE A O   1 
ATOM   443 C  CB  . PHE A 1 60 ? -1.100  -1.784  -12.111 1.00 9.70  ? 59  PHE A CB  1 
ATOM   444 C  CG  . PHE A 1 60 ? -2.306  -2.419  -11.470 1.00 9.97  ? 59  PHE A CG  1 
ATOM   445 C  CD1 . PHE A 1 60 ? -2.450  -2.430  -10.081 1.00 10.15 ? 59  PHE A CD1 1 
ATOM   446 C  CD2 . PHE A 1 60 ? -3.317  -2.969  -12.252 1.00 10.19 ? 59  PHE A CD2 1 
ATOM   447 C  CE1 . PHE A 1 60 ? -3.573  -2.994  -9.483  1.00 9.47  ? 59  PHE A CE1 1 
ATOM   448 C  CE2 . PHE A 1 60 ? -4.448  -3.533  -11.663 1.00 9.91  ? 59  PHE A CE2 1 
ATOM   449 C  CZ  . PHE A 1 60 ? -4.573  -3.547  -10.275 1.00 9.84  ? 59  PHE A CZ  1 
ATOM   450 N  N   . THR A 1 61 ? -0.263  1.759   -13.039 1.00 9.66  ? 60  THR A N   1 
ATOM   451 C  CA  . THR A 1 61 ? 0.593   2.589   -13.891 1.00 9.44  ? 60  THR A CA  1 
ATOM   452 C  C   . THR A 1 61 ? 1.182   3.753   -13.097 1.00 9.56  ? 60  THR A C   1 
ATOM   453 O  O   . THR A 1 61 ? 0.847   3.951   -11.927 1.00 9.34  ? 60  THR A O   1 
ATOM   454 C  CB  . THR A 1 61 ? -0.155  3.138   -15.130 1.00 9.58  ? 60  THR A CB  1 
ATOM   455 O  OG1 . THR A 1 61 ? -1.272  3.933   -14.712 1.00 9.52  ? 60  THR A OG1 1 
ATOM   456 C  CG2 . THR A 1 61 ? -0.624  2.000   -16.040 1.00 9.26  ? 60  THR A CG2 1 
ATOM   457 N  N   . GLY A 1 62 ? 2.053   4.523   -13.746 1.00 9.74  ? 61  GLY A N   1 
ATOM   458 C  CA  . GLY A 1 62 ? 2.825   5.562   -13.079 1.00 10.18 ? 61  GLY A CA  1 
ATOM   459 C  C   . GLY A 1 62 ? 3.967   4.948   -12.292 1.00 10.49 ? 61  GLY A C   1 
ATOM   460 O  O   . GLY A 1 62 ? 4.260   3.756   -12.428 1.00 10.28 ? 61  GLY A O   1 
ATOM   461 N  N   . THR A 1 63 ? 4.612   5.764   -11.462 1.00 10.75 ? 62  THR A N   1 
ATOM   462 C  CA  . THR A 1 63 ? 5.720   5.304   -10.626 1.00 11.16 ? 62  THR A CA  1 
ATOM   463 C  C   . THR A 1 63 ? 5.308   4.148   -9.714  1.00 11.40 ? 62  THR A C   1 
ATOM   464 O  O   . THR A 1 63 ? 4.212   4.151   -9.138  1.00 11.30 ? 62  THR A O   1 
ATOM   465 C  CB  . THR A 1 63 ? 6.313   6.469   -9.808  1.00 11.47 ? 62  THR A CB  1 
ATOM   466 O  OG1 . THR A 1 63 ? 6.664   7.529   -10.704 1.00 11.96 ? 62  THR A OG1 1 
ATOM   467 C  CG2 . THR A 1 63 ? 7.560   6.032   -9.054  1.00 11.69 ? 62  THR A CG2 1 
ATOM   468 N  N   . LYS A 1 64 ? 6.192   3.156   -9.616  1.00 11.44 ? 63  LYS A N   1 
ATOM   469 C  CA  . LYS A 1 64 ? 5.979   1.978   -8.785  1.00 11.87 ? 63  LYS A CA  1 
ATOM   470 C  C   . LYS A 1 64 ? 7.027   1.918   -7.681  1.00 12.12 ? 63  LYS A C   1 
ATOM   471 O  O   . LYS A 1 64 ? 8.232   1.946   -7.952  1.00 12.18 ? 63  LYS A O   1 
ATOM   472 C  CB  . LYS A 1 64 ? 6.031   0.709   -9.639  1.00 11.72 ? 63  LYS A CB  1 
ATOM   473 C  CG  . LYS A 1 64 ? 5.726   -0.583  -8.886  1.00 12.52 ? 63  LYS A CG  1 
ATOM   474 C  CD  . LYS A 1 64 ? 6.053   -1.812  -9.730  1.00 13.55 ? 63  LYS A CD  1 
ATOM   475 C  CE  . LYS A 1 64 ? 7.556   -2.026  -9.835  1.00 14.48 ? 63  LYS A CE  1 
ATOM   476 N  NZ  . LYS A 1 64 ? 7.914   -2.942  -10.956 1.00 15.60 ? 63  LYS A NZ  1 
ATOM   477 N  N   . TRP A 1 65 ? 6.554   1.845   -6.438  1.00 12.21 ? 64  TRP A N   1 
ATOM   478 C  CA  . TRP A 1 65 ? 7.421   1.699   -5.269  1.00 12.69 ? 64  TRP A CA  1 
ATOM   479 C  C   . TRP A 1 65 ? 7.209   0.316   -4.663  1.00 12.99 ? 64  TRP A C   1 
ATOM   480 O  O   . TRP A 1 65 ? 6.071   -0.120  -4.485  1.00 13.10 ? 64  TRP A O   1 
ATOM   481 C  CB  . TRP A 1 65 ? 7.123   2.788   -4.235  1.00 12.50 ? 64  TRP A CB  1 
ATOM   482 C  CG  . TRP A 1 65 ? 7.271   4.198   -4.760  1.00 13.22 ? 64  TRP A CG  1 
ATOM   483 C  CD1 . TRP A 1 65 ? 8.437   4.897   -4.920  1.00 13.14 ? 64  TRP A CD1 1 
ATOM   484 C  CD2 . TRP A 1 65 ? 6.215   5.080   -5.171  1.00 13.57 ? 64  TRP A CD2 1 
ATOM   485 N  NE1 . TRP A 1 65 ? 8.173   6.154   -5.411  1.00 13.31 ? 64  TRP A NE1 1 
ATOM   486 C  CE2 . TRP A 1 65 ? 6.820   6.295   -5.573  1.00 13.49 ? 64  TRP A CE2 1 
ATOM   487 C  CE3 . TRP A 1 65 ? 4.819   4.964   -5.237  1.00 13.61 ? 64  TRP A CE3 1 
ATOM   488 C  CZ2 . TRP A 1 65 ? 6.075   7.384   -6.039  1.00 13.66 ? 64  TRP A CZ2 1 
ATOM   489 C  CZ3 . TRP A 1 65 ? 4.079   6.049   -5.700  1.00 14.19 ? 64  TRP A CZ3 1 
ATOM   490 C  CH2 . TRP A 1 65 ? 4.712   7.243   -6.096  1.00 14.43 ? 64  TRP A CH2 1 
ATOM   491 N  N   . THR A 1 66 ? 8.308   -0.367  -4.348  1.00 13.23 ? 65  THR A N   1 
ATOM   492 C  CA  . THR A 1 66 ? 8.260   -1.768  -3.930  1.00 13.47 ? 65  THR A CA  1 
ATOM   493 C  C   . THR A 1 66 ? 8.720   -1.959  -2.481  1.00 13.81 ? 65  THR A C   1 
ATOM   494 O  O   . THR A 1 66 ? 9.767   -1.445  -2.076  1.00 13.66 ? 65  THR A O   1 
ATOM   495 C  CB  . THR A 1 66 ? 9.087   -2.654  -4.889  1.00 13.63 ? 65  THR A CB  1 
ATOM   496 O  OG1 . THR A 1 66 ? 8.577   -2.512  -6.221  1.00 14.02 ? 65  THR A OG1 1 
ATOM   497 C  CG2 . THR A 1 66 ? 9.027   -4.123  -4.485  1.00 13.11 ? 65  THR A CG2 1 
ATOM   498 N  N   . TYR A 1 67 ? 7.922   -2.695  -1.710  1.00 13.98 ? 66  TYR A N   1 
ATOM   499 C  CA  . TYR A 1 67 ? 8.206   -2.936  -0.295  1.00 14.51 ? 66  TYR A CA  1 
ATOM   500 C  C   . TYR A 1 67 ? 8.112   -4.423  0.019   1.00 14.99 ? 66  TYR A C   1 
ATOM   501 O  O   . TYR A 1 67 ? 7.154   -5.090  -0.378  1.00 15.13 ? 66  TYR A O   1 
ATOM   502 C  CB  . TYR A 1 67 ? 7.267   -2.106  0.594   1.00 14.15 ? 66  TYR A CB  1 
ATOM   503 C  CG  . TYR A 1 67 ? 7.281   -0.641  0.224   1.00 13.85 ? 66  TYR A CG  1 
ATOM   504 C  CD1 . TYR A 1 67 ? 8.267   0.213   0.721   1.00 13.25 ? 66  TYR A CD1 1 
ATOM   505 C  CD2 . TYR A 1 67 ? 6.336   -0.118  -0.661  1.00 13.20 ? 66  TYR A CD2 1 
ATOM   506 C  CE1 . TYR A 1 67 ? 8.299   1.554   0.364   1.00 13.12 ? 66  TYR A CE1 1 
ATOM   507 C  CE2 . TYR A 1 67 ? 6.361   1.221   -1.025  1.00 13.23 ? 66  TYR A CE2 1 
ATOM   508 C  CZ  . TYR A 1 67 ? 7.344   2.049   -0.509  1.00 13.30 ? 66  TYR A CZ  1 
ATOM   509 O  OH  . TYR A 1 67 ? 7.375   3.370   -0.870  1.00 13.40 ? 66  TYR A OH  1 
ATOM   510 N  N   . THR A 1 68 ? 9.124   -4.938  0.716   1.00 15.58 ? 67  THR A N   1 
ATOM   511 C  CA  . THR A 1 68 ? 9.214   -6.368  1.025   1.00 16.24 ? 67  THR A CA  1 
ATOM   512 C  C   . THR A 1 68 ? 9.394   -6.630  2.525   1.00 16.56 ? 67  THR A C   1 
ATOM   513 O  O   . THR A 1 68 ? 9.609   -7.768  2.947   1.00 16.76 ? 67  THR A O   1 
ATOM   514 C  CB  . THR A 1 68 ? 10.362  -7.047  0.240   1.00 16.47 ? 67  THR A CB  1 
ATOM   515 O  OG1 . THR A 1 68 ? 11.578  -6.316  0.445   1.00 16.91 ? 67  THR A OG1 1 
ATOM   516 C  CG2 . THR A 1 68 ? 10.053  -7.099  -1.257  1.00 16.39 ? 67  THR A CG2 1 
ATOM   517 N  N   . SER A 1 69 ? 9.305   -5.571  3.325   1.00 16.81 ? 68  SER A N   1 
ATOM   518 C  CA  . SER A 1 69 ? 9.351   -5.685  4.783   1.00 17.20 ? 68  SER A CA  1 
ATOM   519 C  C   . SER A 1 69 ? 8.558   -4.548  5.416   1.00 17.14 ? 68  SER A C   1 
ATOM   520 O  O   . SER A 1 69 ? 8.118   -3.631  4.715   1.00 17.19 ? 68  SER A O   1 
ATOM   521 C  CB  . SER A 1 69 ? 10.803  -5.677  5.284   1.00 17.13 ? 68  SER A CB  1 
ATOM   522 O  OG  . SER A 1 69 ? 11.465  -4.472  4.932   1.00 18.29 ? 68  SER A OG  1 
ATOM   523 N  N   . ASP A 1 70 ? 8.366   -4.616  6.734   1.00 17.28 ? 69  ASP A N   1 
ATOM   524 C  CA  . ASP A 1 70 ? 7.705   -3.546  7.483   1.00 17.33 ? 69  ASP A CA  1 
ATOM   525 C  C   . ASP A 1 70 ? 8.378   -2.206  7.203   1.00 17.29 ? 69  ASP A C   1 
ATOM   526 O  O   . ASP A 1 70 ? 9.606   -2.093  7.249   1.00 17.27 ? 69  ASP A O   1 
ATOM   527 C  CB  . ASP A 1 70 ? 7.715   -3.835  8.987   1.00 17.50 ? 69  ASP A CB  1 
ATOM   528 C  CG  . ASP A 1 70 ? 6.856   -5.026  9.365   1.00 18.22 ? 69  ASP A CG  1 
ATOM   529 O  OD1 . ASP A 1 70 ? 6.065   -5.506  8.524   1.00 18.34 ? 69  ASP A OD1 1 
ATOM   530 O  OD2 . ASP A 1 70 ? 6.973   -5.490  10.519  1.00 19.01 ? 69  ASP A OD2 1 
ATOM   531 N  N   . THR A 1 71 ? 7.559   -1.203  6.905   1.00 16.92 ? 70  THR A N   1 
ATOM   532 C  CA  . THR A 1 71 ? 8.039   0.084   6.430   1.00 16.91 ? 70  THR A CA  1 
ATOM   533 C  C   . THR A 1 71 ? 7.324   1.200   7.190   1.00 16.66 ? 70  THR A C   1 
ATOM   534 O  O   . THR A 1 71 ? 6.161   1.491   6.910   1.00 16.45 ? 70  THR A O   1 
ATOM   535 C  CB  . THR A 1 71 ? 7.801   0.220   4.902   1.00 16.94 ? 70  THR A CB  1 
ATOM   536 O  OG1 . THR A 1 71 ? 8.371   -0.909  4.226   1.00 17.68 ? 70  THR A OG1 1 
ATOM   537 C  CG2 . THR A 1 71 ? 8.421   1.492   4.357   1.00 17.52 ? 70  THR A CG2 1 
ATOM   538 N  N   . PRO A 1 72 ? 8.010   1.814   8.176   1.00 16.53 ? 71  PRO A N   1 
ATOM   539 C  CA  . PRO A 1 72 ? 7.406   2.892   8.967   1.00 16.16 ? 71  PRO A CA  1 
ATOM   540 C  C   . PRO A 1 72 ? 7.244   4.214   8.209   1.00 15.73 ? 71  PRO A C   1 
ATOM   541 O  O   . PRO A 1 72 ? 6.512   5.095   8.659   1.00 15.43 ? 71  PRO A O   1 
ATOM   542 C  CB  . PRO A 1 72 ? 8.377   3.056   10.145  1.00 16.29 ? 71  PRO A CB  1 
ATOM   543 C  CG  . PRO A 1 72 ? 9.662   2.509   9.664   1.00 16.64 ? 71  PRO A CG  1 
ATOM   544 C  CD  . PRO A 1 72 ? 9.323   1.408   8.708   1.00 16.54 ? 71  PRO A CD  1 
ATOM   545 N  N   . TRP A 1 73 ? 7.915   4.335   7.067   1.00 15.53 ? 72  TRP A N   1 
ATOM   546 C  CA  . TRP A 1 73 ? 7.826   5.524   6.220   1.00 15.43 ? 72  TRP A CA  1 
ATOM   547 C  C   . TRP A 1 73 ? 8.141   5.118   4.784   1.00 15.52 ? 72  TRP A C   1 
ATOM   548 O  O   . TRP A 1 73 ? 9.229   4.612   4.500   1.00 15.22 ? 72  TRP A O   1 
ATOM   549 C  CB  . TRP A 1 73 ? 8.790   6.611   6.716   1.00 15.42 ? 72  TRP A CB  1 
ATOM   550 C  CG  . TRP A 1 73 ? 8.966   7.778   5.783   1.00 15.67 ? 72  TRP A CG  1 
ATOM   551 C  CD1 . TRP A 1 73 ? 10.048  8.030   4.987   1.00 15.57 ? 72  TRP A CD1 1 
ATOM   552 C  CD2 . TRP A 1 73 ? 8.044   8.849   5.554   1.00 15.60 ? 72  TRP A CD2 1 
ATOM   553 N  NE1 . TRP A 1 73 ? 9.858   9.190   4.280   1.00 15.59 ? 72  TRP A NE1 1 
ATOM   554 C  CE2 . TRP A 1 73 ? 8.635   9.714   4.605   1.00 15.87 ? 72  TRP A CE2 1 
ATOM   555 C  CE3 . TRP A 1 73 ? 6.773   9.164   6.057   1.00 16.08 ? 72  TRP A CE3 1 
ATOM   556 C  CZ2 . TRP A 1 73 ? 8.002   10.872  4.148   1.00 16.54 ? 72  TRP A CZ2 1 
ATOM   557 C  CZ3 . TRP A 1 73 ? 6.142   10.321  5.600   1.00 16.91 ? 72  TRP A CZ3 1 
ATOM   558 C  CH2 . TRP A 1 73 ? 6.759   11.159  4.654   1.00 16.61 ? 72  TRP A CH2 1 
ATOM   559 N  N   . VAL A 1 74 ? 7.180   5.332   3.887   1.00 15.61 ? 73  VAL A N   1 
ATOM   560 C  CA  . VAL A 1 74 ? 7.300   4.868   2.496   1.00 15.94 ? 73  VAL A CA  1 
ATOM   561 C  C   . VAL A 1 74 ? 8.303   5.656   1.653   1.00 16.16 ? 73  VAL A C   1 
ATOM   562 O  O   . VAL A 1 74 ? 8.681   5.224   0.561   1.00 16.07 ? 73  VAL A O   1 
ATOM   563 C  CB  . VAL A 1 74 ? 5.927   4.821   1.769   1.00 15.83 ? 73  VAL A CB  1 
ATOM   564 C  CG1 . VAL A 1 74 ? 5.072   3.700   2.327   1.00 16.04 ? 73  VAL A CG1 1 
ATOM   565 C  CG2 . VAL A 1 74 ? 5.207   6.156   1.861   1.00 15.74 ? 73  VAL A CG2 1 
ATOM   566 N  N   . GLY A 1 75 ? 8.738   6.801   2.170   1.00 16.55 ? 74  GLY A N   1 
ATOM   567 C  CA  . GLY A 1 75 ? 9.650   7.672   1.444   1.00 17.02 ? 74  GLY A CA  1 
ATOM   568 C  C   . GLY A 1 75 ? 8.930   8.935   1.026   1.00 17.50 ? 74  GLY A C   1 
ATOM   569 O  O   . GLY A 1 75 ? 7.708   8.935   0.874   1.00 17.38 ? 74  GLY A O   1 
ATOM   570 N  N   . ASN A 1 76 ? 9.688   10.012  0.837   1.00 17.96 ? 75  ASN A N   1 
ATOM   571 C  CA  . ASN A 1 76 ? 9.107   11.301  0.479   1.00 18.62 ? 75  ASN A CA  1 
ATOM   572 C  C   . ASN A 1 76 ? 8.370   11.298  -0.861  1.00 18.54 ? 75  ASN A C   1 
ATOM   573 O  O   . ASN A 1 76 ? 7.320   11.930  -0.992  1.00 18.58 ? 75  ASN A O   1 
ATOM   574 C  CB  . ASN A 1 76 ? 10.169  12.402  0.497   1.00 19.24 ? 75  ASN A CB  1 
ATOM   575 C  CG  . ASN A 1 76 ? 9.569   13.782  0.674   1.00 20.80 ? 75  ASN A CG  1 
ATOM   576 O  OD1 . ASN A 1 76 ? 9.722   14.648  -0.185  1.00 23.53 ? 75  ASN A OD1 1 
ATOM   577 N  ND2 . ASN A 1 76 ? 8.869   13.989  1.787   1.00 23.05 ? 75  ASN A ND2 1 
ATOM   578 N  N   . ASP A 1 77 ? 8.918   10.582  -1.842  1.00 18.41 ? 76  ASP A N   1 
ATOM   579 C  CA  . ASP A 1 77 ? 8.301   10.476  -3.167  1.00 18.47 ? 76  ASP A CA  1 
ATOM   580 C  C   . ASP A 1 77 ? 7.000   9.678   -3.129  1.00 17.84 ? 76  ASP A C   1 
ATOM   581 O  O   . ASP A 1 77 ? 6.022   10.035  -3.791  1.00 17.99 ? 76  ASP A O   1 
ATOM   582 C  CB  . ASP A 1 77 ? 9.267   9.826   -4.164  1.00 19.00 ? 76  ASP A CB  1 
ATOM   583 C  CG  . ASP A 1 77 ? 10.368  10.768  -4.623  1.00 20.47 ? 76  ASP A CG  1 
ATOM   584 O  OD1 . ASP A 1 77 ? 10.295  11.986  -4.339  1.00 22.13 ? 76  ASP A OD1 1 
ATOM   585 O  OD2 . ASP A 1 77 ? 11.311  10.282  -5.284  1.00 22.81 ? 76  ASP A OD2 1 
ATOM   586 N  N   . ALA A 1 78 ? 7.003   8.604   -2.343  1.00 16.99 ? 77  ALA A N   1 
ATOM   587 C  CA  . ALA A 1 78 ? 5.890   7.657   -2.292  1.00 16.21 ? 77  ALA A CA  1 
ATOM   588 C  C   . ALA A 1 78 ? 4.768   8.074   -1.345  1.00 15.60 ? 77  ALA A C   1 
ATOM   589 O  O   . ALA A 1 78 ? 3.639   7.598   -1.479  1.00 15.33 ? 77  ALA A O   1 
ATOM   590 C  CB  . ALA A 1 78 ? 6.398   6.277   -1.920  1.00 16.08 ? 77  ALA A CB  1 
ATOM   591 N  N   . ASN A 1 79 ? 5.077   8.953   -0.391  1.00 14.94 ? 78  ASN A N   1 
ATOM   592 C  CA  . ASN A 1 79 ? 4.098   9.351   0.624   1.00 14.44 ? 78  ASN A CA  1 
ATOM   593 C  C   . ASN A 1 79 ? 2.820   9.960   0.056   1.00 14.02 ? 78  ASN A C   1 
ATOM   594 O  O   . ASN A 1 79 ? 2.870   10.875  -0.768  1.00 13.85 ? 78  ASN A O   1 
ATOM   595 C  CB  . ASN A 1 79 ? 4.703   10.307  1.655   1.00 14.32 ? 78  ASN A CB  1 
ATOM   596 C  CG  . ASN A 1 79 ? 3.753   10.573  2.808   1.00 14.53 ? 78  ASN A CG  1 
ATOM   597 O  OD1 . ASN A 1 79 ? 3.123   9.653   3.318   1.00 15.12 ? 78  ASN A OD1 1 
ATOM   598 N  ND2 . ASN A 1 79 ? 3.636   11.830  3.213   1.00 14.68 ? 78  ASN A ND2 1 
ATOM   599 N  N   . ASP A 1 80 ? 1.682   9.446   0.523   1.00 13.89 ? 79  ASP A N   1 
ATOM   600 C  CA  . ASP A 1 80 ? 0.361   9.903   0.087   1.00 13.77 ? 79  ASP A CA  1 
ATOM   601 C  C   . ASP A 1 80 ? 0.218   9.908   -1.439  1.00 13.62 ? 79  ASP A C   1 
ATOM   602 O  O   . ASP A 1 80 ? -0.218  10.903  -2.026  1.00 13.71 ? 79  ASP A O   1 
ATOM   603 C  CB  . ASP A 1 80 ? 0.046   11.296  0.662   1.00 13.92 ? 79  ASP A CB  1 
ATOM   604 C  CG  . ASP A 1 80 ? -0.156  11.282  2.169   1.00 14.50 ? 79  ASP A CG  1 
ATOM   605 O  OD1 . ASP A 1 80 ? -0.291  10.188  2.761   1.00 13.85 ? 79  ASP A OD1 1 
ATOM   606 O  OD2 . ASP A 1 80 ? -0.189  12.380  2.766   1.00 15.99 ? 79  ASP A OD2 1 
ATOM   607 N  N   . LYS A 1 81 ? 0.588   8.800   -2.074  1.00 13.48 ? 80  LYS A N   1 
ATOM   608 C  CA  . LYS A 1 81 ? 0.514   8.695   -3.538  1.00 13.36 ? 80  LYS A CA  1 
ATOM   609 C  C   . LYS A 1 81 ? -0.202  7.445   -4.045  1.00 12.83 ? 80  LYS A C   1 
ATOM   610 O  O   . LYS A 1 81 ? -0.570  7.388   -5.217  1.00 12.76 ? 80  LYS A O   1 
ATOM   611 C  CB  . LYS A 1 81 ? 1.915   8.778   -4.170  1.00 13.70 ? 80  LYS A CB  1 
ATOM   612 C  CG  . LYS A 1 81 ? 2.607   10.147  -4.066  1.00 15.11 ? 80  LYS A CG  1 
ATOM   613 C  CD  . LYS A 1 81 ? 1.826   11.267  -4.758  1.00 18.25 ? 80  LYS A CD  1 
ATOM   614 C  CE  . LYS A 1 81 ? 1.916   11.195  -6.281  1.00 20.12 ? 80  LYS A CE  1 
ATOM   615 N  NZ  . LYS A 1 81 ? 0.841   12.001  -6.949  1.00 21.69 ? 80  LYS A NZ  1 
ATOM   616 N  N   . MET A 1 82 ? -0.400  6.451   -3.178  1.00 12.31 ? 81  MET A N   1 
ATOM   617 C  CA  . MET A 1 82 ? -0.969  5.174   -3.615  1.00 11.84 ? 81  MET A CA  1 
ATOM   618 C  C   . MET A 1 82 ? -2.377  5.326   -4.192  1.00 11.46 ? 81  MET A C   1 
ATOM   619 O  O   . MET A 1 82 ? -3.283  5.830   -3.519  1.00 11.32 ? 81  MET A O   1 
ATOM   620 C  CB  . MET A 1 82 ? -0.986  4.139   -2.486  1.00 11.85 ? 81  MET A CB  1 
ATOM   621 C  CG  . MET A 1 82 ? -1.482  2.761   -2.951  1.00 11.89 ? 81  MET A CG  1 
ATOM   622 S  SD  . MET A 1 82 ? -1.321  1.454   -1.730  1.00 13.52 ? 81  MET A SD  1 
ATOM   623 C  CE  . MET A 1 82 ? -2.715  1.809   -0.670  1.00 12.96 ? 81  MET A CE  1 
ATOM   624 N  N   . ARG A 1 83 ? -2.538  4.882   -5.438  1.00 10.93 ? 82  ARG A N   1 
ATOM   625 C  CA  . ARG A 1 83 ? -3.851  4.826   -6.093  1.00 10.70 ? 82  ARG A CA  1 
ATOM   626 C  C   . ARG A 1 83 ? -4.172  3.441   -6.651  1.00 10.43 ? 82  ARG A C   1 
ATOM   627 O  O   . ARG A 1 83 ? -5.305  3.174   -7.029  1.00 10.51 ? 82  ARG A O   1 
ATOM   628 C  CB  . ARG A 1 83 ? -3.970  5.893   -7.179  1.00 10.52 ? 82  ARG A CB  1 
ATOM   629 C  CG  . ARG A 1 83 ? -4.013  7.293   -6.611  1.00 11.00 ? 82  ARG A CG  1 
ATOM   630 C  CD  . ARG A 1 83 ? -4.568  8.293   -7.589  1.00 12.02 ? 82  ARG A CD  1 
ATOM   631 N  NE  . ARG A 1 83 ? -4.524  9.644   -7.029  1.00 12.22 ? 82  ARG A NE  1 
ATOM   632 C  CZ  . ARG A 1 83 ? -4.992  10.730  -7.638  1.00 12.84 ? 82  ARG A CZ  1 
ATOM   633 N  NH1 . ARG A 1 83 ? -5.558  10.644  -8.837  1.00 13.10 ? 82  ARG A NH1 1 
ATOM   634 N  NH2 . ARG A 1 83 ? -4.895  11.913  -7.041  1.00 13.24 ? 82  ARG A NH2 1 
ATOM   635 N  N   . SER A 1 84 ? -3.169  2.569   -6.716  1.00 10.29 ? 83  SER A N   1 
ATOM   636 C  CA  . SER A 1 84 ? -3.386  1.146   -6.982  1.00 10.08 ? 83  SER A CA  1 
ATOM   637 C  C   . SER A 1 84 ? -2.225  0.346   -6.409  1.00 10.38 ? 83  SER A C   1 
ATOM   638 O  O   . SER A 1 84 ? -1.157  0.904   -6.129  1.00 10.27 ? 83  SER A O   1 
ATOM   639 C  CB  . SER A 1 84 ? -3.601  0.855   -8.478  1.00 10.05 ? 83  SER A CB  1 
ATOM   640 O  OG  . SER A 1 84 ? -2.486  1.233   -9.259  1.00 9.48  ? 83  SER A OG  1 
ATOM   641 N  N   . VAL A 1 85 ? -2.440  -0.950  -6.210  1.00 10.37 ? 84  VAL A N   1 
ATOM   642 C  CA  . VAL A 1 85 ? -1.447  -1.780  -5.537  1.00 10.45 ? 84  VAL A CA  1 
ATOM   643 C  C   . VAL A 1 85 ? -1.558  -3.243  -5.957  1.00 10.86 ? 84  VAL A C   1 
ATOM   644 O  O   . VAL A 1 85 ? -2.662  -3.766  -6.146  1.00 10.48 ? 84  VAL A O   1 
ATOM   645 C  CB  . VAL A 1 85 ? -1.530  -1.618  -3.979  1.00 10.39 ? 84  VAL A CB  1 
ATOM   646 C  CG1 . VAL A 1 85 ? -2.839  -2.178  -3.420  1.00 10.00 ? 84  VAL A CG1 1 
ATOM   647 C  CG2 . VAL A 1 85 ? -0.322  -2.244  -3.283  1.00 10.20 ? 84  VAL A CG2 1 
ATOM   648 N  N   . LYS A 1 86 ? -0.406  -3.885  -6.125  1.00 11.30 ? 85  LYS A N   1 
ATOM   649 C  CA  . LYS A 1 86 ? -0.353  -5.331  -6.304  1.00 11.90 ? 85  LYS A CA  1 
ATOM   650 C  C   . LYS A 1 86 ? 0.363   -5.954  -5.115  1.00 12.46 ? 85  LYS A C   1 
ATOM   651 O  O   . LYS A 1 86 ? 1.454   -5.518  -4.740  1.00 12.48 ? 85  LYS A O   1 
ATOM   652 C  CB  . LYS A 1 86 ? 0.344   -5.700  -7.612  1.00 11.95 ? 85  LYS A CB  1 
ATOM   653 C  CG  . LYS A 1 86 ? -0.417  -5.268  -8.859  1.00 12.30 ? 85  LYS A CG  1 
ATOM   654 C  CD  . LYS A 1 86 ? 0.234   -5.845  -10.102 1.00 14.17 ? 85  LYS A CD  1 
ATOM   655 C  CE  . LYS A 1 86 ? -0.499  -5.442  -11.365 1.00 15.54 ? 85  LYS A CE  1 
ATOM   656 N  NZ  . LYS A 1 86 ? 0.042   -6.163  -12.554 1.00 16.75 ? 85  LYS A NZ  1 
ATOM   657 N  N   . ILE A 1 87 ? -0.275  -6.956  -4.516  1.00 13.05 ? 86  ILE A N   1 
ATOM   658 C  CA  . ILE A 1 87 ? 0.266   -7.647  -3.347  1.00 13.78 ? 86  ILE A CA  1 
ATOM   659 C  C   . ILE A 1 87 ? 0.501   -9.115  -3.701  1.00 14.71 ? 86  ILE A C   1 
ATOM   660 O  O   . ILE A 1 87 ? -0.392  -9.780  -4.220  1.00 14.60 ? 86  ILE A O   1 
ATOM   661 C  CB  . ILE A 1 87 ? -0.691  -7.540  -2.125  1.00 13.52 ? 86  ILE A CB  1 
ATOM   662 C  CG1 . ILE A 1 87 ? -0.920  -6.073  -1.738  1.00 13.14 ? 86  ILE A CG1 1 
ATOM   663 C  CG2 . ILE A 1 87 ? -0.145  -8.330  -0.930  1.00 13.49 ? 86  ILE A CG2 1 
ATOM   664 C  CD1 . ILE A 1 87 ? -2.128  -5.840  -0.840  1.00 13.06 ? 86  ILE A CD1 1 
ATOM   665 N  N   . TYR A 1 88 ? 1.711   -9.600  -3.430  1.00 16.04 ? 87  TYR A N   1 
ATOM   666 C  CA  . TYR A 1 88 ? 2.081   -10.990 -3.691  1.00 17.39 ? 87  TYR A CA  1 
ATOM   667 C  C   . TYR A 1 88 ? 2.548   -11.664 -2.410  1.00 18.44 ? 87  TYR A C   1 
ATOM   668 O  O   . TYR A 1 88 ? 3.227   -11.042 -1.593  1.00 18.45 ? 87  TYR A O   1 
ATOM   669 C  CB  . TYR A 1 88 ? 3.220   -11.062 -4.710  1.00 17.37 ? 87  TYR A CB  1 
ATOM   670 C  CG  . TYR A 1 88 ? 2.943   -10.383 -6.030  1.00 18.11 ? 87  TYR A CG  1 
ATOM   671 C  CD1 . TYR A 1 88 ? 2.406   -11.098 -7.101  1.00 18.90 ? 87  TYR A CD1 1 
ATOM   672 C  CD2 . TYR A 1 88 ? 3.234   -9.030  -6.216  1.00 18.87 ? 87  TYR A CD2 1 
ATOM   673 C  CE1 . TYR A 1 88 ? 2.155   -10.484 -8.320  1.00 19.63 ? 87  TYR A CE1 1 
ATOM   674 C  CE2 . TYR A 1 88 ? 2.988   -8.406  -7.431  1.00 19.82 ? 87  TYR A CE2 1 
ATOM   675 C  CZ  . TYR A 1 88 ? 2.447   -9.139  -8.476  1.00 20.02 ? 87  TYR A CZ  1 
ATOM   676 O  OH  . TYR A 1 88 ? 2.201   -8.529  -9.681  1.00 21.37 ? 87  TYR A OH  1 
ATOM   677 N  N   . SER A 1 89 ? 2.193   -12.936 -2.243  1.00 19.72 ? 88  SER A N   1 
ATOM   678 C  CA  . SER A 1 89 ? 2.730   -13.737 -1.140  1.00 21.11 ? 88  SER A CA  1 
ATOM   679 C  C   . SER A 1 89 ? 4.065   -14.399 -1.525  1.00 21.95 ? 88  SER A C   1 
ATOM   680 O  O   . SER A 1 89 ? 4.535   -15.320 -0.844  1.00 22.34 ? 88  SER A O   1 
ATOM   681 C  CB  . SER A 1 89 ? 1.703   -14.774 -0.665  1.00 21.07 ? 88  SER A CB  1 
ATOM   682 O  OG  . SER A 1 89 ? 1.368   -15.673 -1.706  1.00 21.61 ? 88  SER A OG  1 
ATOM   683 N  N   . THR A 1 90 ? 4.667   -13.915 -2.613  1.00 22.98 ? 89  THR A N   1 
ATOM   684 C  CA  . THR A 1 90 ? 5.982   -14.372 -3.077  1.00 23.96 ? 89  THR A CA  1 
ATOM   685 C  C   . THR A 1 90 ? 6.900   -13.196 -3.432  1.00 24.01 ? 89  THR A C   1 
ATOM   686 O  O   . THR A 1 90 ? 6.698   -12.066 -2.983  1.00 24.16 ? 89  THR A O   1 
ATOM   687 C  CB  . THR A 1 90 ? 5.866   -15.308 -4.306  1.00 24.18 ? 89  THR A CB  1 
ATOM   688 O  OG1 . THR A 1 90 ? 4.980   -16.394 -4.005  1.00 25.66 ? 89  THR A OG1 1 
ATOM   689 C  CG2 . THR A 1 90 ? 7.234   -15.875 -4.694  1.00 24.81 ? 89  THR A CG2 1 
HETATM 690 CA CA  . CA  B 2 .  ? -0.881  9.813   5.048   1.00 28.31 ? 97  CA  A CA  1 
HETATM 691 S  S   . SO4 C 3 .  ? 12.854  10.044  2.347   0.50 17.58 ? 98  SO4 A S   1 
HETATM 692 O  O1  . SO4 C 3 .  ? 11.752  10.773  2.964   0.50 17.15 ? 98  SO4 A O1  1 
HETATM 693 O  O2  . SO4 C 3 .  ? 12.466  9.597   1.014   0.50 16.99 ? 98  SO4 A O2  1 
HETATM 694 O  O3  . SO4 C 3 .  ? 13.193  8.882   3.164   0.50 17.25 ? 98  SO4 A O3  1 
HETATM 695 O  O4  . SO4 C 3 .  ? 14.016  10.921  2.239   0.50 16.96 ? 98  SO4 A O4  1 
HETATM 696 S  S   . SO4 D 3 .  ? 4.024   -5.194  -13.510 1.00 51.58 ? 99  SO4 A S   1 
HETATM 697 O  O1  . SO4 D 3 .  ? 3.020   -5.879  -12.702 1.00 51.50 ? 99  SO4 A O1  1 
HETATM 698 O  O2  . SO4 D 3 .  ? 3.538   -5.056  -14.881 1.00 51.59 ? 99  SO4 A O2  1 
HETATM 699 O  O3  . SO4 D 3 .  ? 5.260   -5.972  -13.509 1.00 51.69 ? 99  SO4 A O3  1 
HETATM 700 O  O4  . SO4 D 3 .  ? 4.282   -3.870  -12.947 1.00 51.56 ? 99  SO4 A O4  1 
HETATM 701 O  O   . HOH E 4 .  ? -5.889  4.767   -15.649 1.00 29.47 ? 100 HOH A O   1 
HETATM 702 O  O   . HOH E 4 .  ? -14.100 -3.708  4.051   1.00 42.96 ? 101 HOH A O   1 
HETATM 703 O  O   . HOH E 4 .  ? 4.694   9.756   -13.706 1.00 37.67 ? 102 HOH A O   1 
HETATM 704 O  O   . HOH E 4 .  ? 10.474  -9.239  5.412   1.00 40.69 ? 103 HOH A O   1 
HETATM 705 O  O   . HOH E 4 .  ? 11.271  3.935   2.346   1.00 45.32 ? 104 HOH A O   1 
HETATM 706 O  O   . HOH E 4 .  ? 12.162  6.957   -2.772  1.00 52.42 ? 105 HOH A O   1 
HETATM 707 O  O   . HOH E 4 .  ? -3.036  12.474  9.006   1.00 47.04 ? 106 HOH A O   1 
HETATM 708 O  O   . HOH E 4 .  ? 11.199  3.209   -2.182  1.00 39.50 ? 107 HOH A O   1 
HETATM 709 O  O   . HOH E 4 .  ? 8.443   -8.529  7.161   1.00 37.44 ? 108 HOH A O   1 
HETATM 710 O  O   . HOH E 4 .  ? -1.207  9.808   -6.739  1.00 14.18 ? 109 HOH A O   1 
HETATM 711 O  O   . HOH E 4 .  ? -10.584 2.459   -10.358 1.00 7.66  ? 110 HOH A O   1 
HETATM 712 O  O   . HOH E 4 .  ? 1.391   6.242   -0.667  1.00 14.03 ? 111 HOH A O   1 
HETATM 713 O  O   . HOH E 4 .  ? -1.373  -10.211 -6.798  1.00 10.89 ? 112 HOH A O   1 
HETATM 714 O  O   . HOH E 4 .  ? 9.790   -0.535  -7.632  1.00 14.25 ? 113 HOH A O   1 
HETATM 715 O  O   . HOH E 4 .  ? -8.316  -8.636  1.438   1.00 17.70 ? 114 HOH A O   1 
HETATM 716 O  O   . HOH E 4 .  ? -3.557  5.789   -0.660  1.00 14.79 ? 115 HOH A O   1 
HETATM 717 O  O   . HOH E 4 .  ? 10.848  1.155   -4.568  1.00 19.74 ? 116 HOH A O   1 
HETATM 718 O  O   . HOH E 4 .  ? 0.345   -13.990 -4.382  1.00 19.93 ? 117 HOH A O   1 
HETATM 719 O  O   . HOH E 4 .  ? 11.095  -2.985  1.667   1.00 21.42 ? 118 HOH A O   1 
HETATM 720 O  O   . HOH E 4 .  ? -2.412  6.667   15.850  1.00 31.52 ? 119 HOH A O   1 
HETATM 721 O  O   . HOH E 4 .  ? 11.752  9.560   -1.644  1.00 25.93 ? 120 HOH A O   1 
HETATM 722 O  O   . HOH E 4 .  ? -9.950  3.741   6.537   1.00 23.98 ? 121 HOH A O   1 
HETATM 723 O  O   . HOH E 4 .  ? -8.665  -4.152  7.991   1.00 21.88 ? 122 HOH A O   1 
HETATM 724 O  O   . HOH E 4 .  ? 0.865   11.936  5.106   1.00 24.88 ? 123 HOH A O   1 
HETATM 725 O  O   . HOH E 4 .  ? -2.699  2.867   13.910  1.00 21.43 ? 124 HOH A O   1 
HETATM 726 O  O   . HOH E 4 .  ? 1.792   8.577   13.539  1.00 23.70 ? 125 HOH A O   1 
HETATM 727 O  O   . HOH E 4 .  ? 8.453   -5.678  -7.581  1.00 24.81 ? 126 HOH A O   1 
HETATM 728 O  O   . HOH E 4 .  ? 4.528   -7.835  9.294   1.00 26.52 ? 127 HOH A O   1 
HETATM 729 O  O   . HOH E 4 .  ? -9.992  -0.230  -13.717 1.00 23.56 ? 128 HOH A O   1 
HETATM 730 O  O   . HOH E 4 .  ? -7.421  11.304  0.285   1.00 25.51 ? 129 HOH A O   1 
HETATM 731 O  O   . HOH E 4 .  ? 9.397   -10.042 1.775   1.00 22.57 ? 130 HOH A O   1 
HETATM 732 O  O   . HOH E 4 .  ? 6.206   10.325  -9.508  1.00 43.50 ? 131 HOH A O   1 
HETATM 733 O  O   . HOH E 4 .  ? 9.541   2.198   13.672  1.00 31.35 ? 132 HOH A O   1 
HETATM 734 O  O   . HOH E 4 .  ? 10.701  3.228   6.282   1.00 27.27 ? 133 HOH A O   1 
HETATM 735 O  O   . HOH E 4 .  ? 10.644  2.920   -7.049  1.00 20.74 ? 134 HOH A O   1 
HETATM 736 O  O   . HOH E 4 .  ? -1.313  -16.364 -1.553  1.00 32.72 ? 135 HOH A O   1 
HETATM 737 O  O   . HOH E 4 .  ? 9.191   -1.169  11.861  1.00 28.88 ? 136 HOH A O   1 
HETATM 738 O  O   . HOH E 4 .  ? -5.699  -14.872 1.157   1.00 20.80 ? 137 HOH A O   1 
HETATM 739 O  O   . HOH E 4 .  ? 0.095   0.567   15.114  1.00 27.84 ? 138 HOH A O   1 
HETATM 740 O  O   . HOH E 4 .  ? -11.461 -3.121  4.399   1.00 31.77 ? 139 HOH A O   1 
HETATM 741 O  O   . HOH E 4 .  ? -12.623 -3.830  -2.725  1.00 23.49 ? 140 HOH A O   1 
HETATM 742 O  O   . HOH E 4 .  ? 10.916  -1.204  3.600   1.00 29.81 ? 141 HOH A O   1 
HETATM 743 O  O   . HOH E 4 .  ? 4.678   13.958  1.745   1.00 34.40 ? 142 HOH A O   1 
HETATM 744 O  O   . HOH E 4 .  ? 2.243   10.879  9.053   1.00 26.16 ? 143 HOH A O   1 
HETATM 745 O  O   . HOH E 4 .  ? 0.419   -2.182  -15.924 1.00 36.37 ? 144 HOH A O   1 
HETATM 746 O  O   . HOH E 4 .  ? 9.662   -6.579  8.430   1.00 32.50 ? 145 HOH A O   1 
HETATM 747 O  O   . HOH E 4 .  ? -3.424  4.703   -16.694 1.00 26.94 ? 146 HOH A O   1 
HETATM 748 O  O   . HOH E 4 .  ? -3.462  13.483  -0.073  1.00 37.27 ? 147 HOH A O   1 
HETATM 749 O  O   . HOH E 4 .  ? 13.541  -5.207  2.876   1.00 42.31 ? 148 HOH A O   1 
HETATM 750 O  O   . HOH E 4 .  ? -1.992  10.457  -9.219  1.00 23.73 ? 149 HOH A O   1 
HETATM 751 O  O   . HOH E 4 .  ? 3.538   -5.510  -9.836  1.00 27.02 ? 150 HOH A O   1 
HETATM 752 O  O   . HOH E 4 .  ? -6.342  -3.739  9.884   1.00 35.81 ? 151 HOH A O   1 
HETATM 753 O  O   . HOH E 4 .  ? -6.970  -2.646  -14.204 1.00 30.11 ? 152 HOH A O   1 
HETATM 754 O  O   . HOH E 4 .  ? -4.169  11.699  2.771   1.00 43.03 ? 153 HOH A O   1 
HETATM 755 O  O   . HOH E 4 .  ? -9.891  1.867   8.654   1.00 34.05 ? 154 HOH A O   1 
HETATM 756 O  O   . HOH E 4 .  ? 5.161   -14.616 5.980   1.00 39.25 ? 155 HOH A O   1 
HETATM 757 O  O   . HOH E 4 .  ? 6.643   -9.853  -7.606  1.00 47.54 ? 156 HOH A O   1 
HETATM 758 O  O   . HOH E 4 .  ? 6.779   -5.381  -10.315 1.00 36.10 ? 157 HOH A O   1 
HETATM 759 O  O   . HOH E 4 .  ? -8.439  -13.949 1.324   1.00 34.31 ? 158 HOH A O   1 
HETATM 760 O  O   . HOH E 4 .  ? 13.364  12.115  -2.188  1.00 46.68 ? 159 HOH A O   1 
HETATM 761 O  O   . HOH E 4 .  ? -15.057 -1.698  -6.485  1.00 26.89 ? 160 HOH A O   1 
HETATM 762 O  O   . HOH E 4 .  ? -8.479  1.923   11.643  1.00 29.27 ? 161 HOH A O   1 
HETATM 763 O  O   . HOH E 4 .  ? 6.076   -12.044 8.916   1.00 33.41 ? 162 HOH A O   1 
HETATM 764 O  O   . HOH E 4 .  ? -4.163  2.494   -18.051 1.00 36.43 ? 163 HOH A O   1 
HETATM 765 O  O   . HOH E 4 .  ? -10.507 -7.082  -0.108  1.00 30.15 ? 164 HOH A O   1 
HETATM 766 O  O   . HOH E 4 .  ? -14.563 -3.711  -4.830  1.00 33.13 ? 165 HOH A O   1 
HETATM 767 O  O   . HOH E 4 .  ? -8.392  7.961   7.329   1.00 38.98 ? 166 HOH A O   1 
HETATM 768 O  O   . HOH E 4 .  ? -16.937 -0.036  1.699   1.00 41.41 ? 167 HOH A O   1 
HETATM 769 O  O   . HOH E 4 .  ? 2.626   -18.123 -1.101  1.00 35.31 ? 168 HOH A O   1 
HETATM 770 O  O   . HOH E 4 .  ? 0.080   13.652  -2.206  1.00 38.12 ? 169 HOH A O   1 
HETATM 771 O  O   . HOH E 4 .  ? -2.881  11.068  5.082   1.00 29.36 ? 170 HOH A O   1 
HETATM 772 O  O   . HOH E 4 .  ? 4.804   12.539  -1.725  1.00 22.40 ? 171 HOH A O   1 
HETATM 773 O  O   . HOH E 4 .  ? 1.878   -7.836  8.305   1.00 34.62 ? 172 HOH A O   1 
HETATM 774 O  O   . HOH E 4 .  ? 11.768  1.401   1.939   1.00 33.50 ? 173 HOH A O   1 
HETATM 775 O  O   . HOH E 4 .  ? -0.428  11.161  7.328   1.00 35.13 ? 174 HOH A O   1 
HETATM 776 O  O   . HOH E 4 .  ? -9.322  13.556  -2.946  1.00 31.53 ? 175 HOH A O   1 
HETATM 777 O  O   . HOH E 4 .  ? 0.761   -10.360 8.887   1.00 36.56 ? 176 HOH A O   1 
HETATM 778 O  O   . HOH E 4 .  ? -11.918 -5.639  1.716   1.00 43.81 ? 177 HOH A O   1 
HETATM 779 O  O   . HOH E 4 .  ? -1.421  -16.093 1.167   1.00 41.26 ? 178 HOH A O   1 
HETATM 780 O  O   . HOH E 4 .  ? -3.436  -1.069  -16.696 1.00 38.57 ? 179 HOH A O   1 
HETATM 781 O  O   . HOH E 4 .  ? -10.641 7.873   -4.196  0.50 16.44 ? 180 HOH A O   1 
HETATM 782 O  O   . HOH E 4 .  ? -11.563 0.155   -11.363 1.00 23.85 ? 181 HOH A O   1 
HETATM 783 O  O   . HOH E 4 .  ? 12.933  5.830   3.176   1.00 35.12 ? 182 HOH A O   1 
HETATM 784 O  O   . HOH E 4 .  ? 6.382   -16.437 0.803   1.00 38.89 ? 183 HOH A O   1 
HETATM 785 O  O   . HOH E 4 .  ? 4.820   7.124   16.433  0.50 20.29 ? 184 HOH A O   1 
HETATM 786 O  O   . HOH E 4 .  ? -6.810  -9.348  5.393   1.00 31.40 ? 185 HOH A O   1 
HETATM 787 O  O   . HOH E 4 .  ? -10.068 2.804   -14.000 0.50 16.04 ? 186 HOH A O   1 
HETATM 788 O  O   . HOH E 4 .  ? 2.340   -0.876  15.347  1.00 35.43 ? 187 HOH A O   1 
HETATM 789 O  O   . HOH E 4 .  ? -9.944  -5.302  4.725   1.00 39.17 ? 188 HOH A O   1 
HETATM 790 O  O   . HOH E 4 .  ? 11.365  0.661   -0.624  1.00 34.30 ? 189 HOH A O   1 
HETATM 791 O  O   . HOH E 4 .  ? 7.958   -3.813  12.398  1.00 42.54 ? 190 HOH A O   1 
HETATM 792 O  O   . HOH E 4 .  ? 1.656   14.508  1.658   1.00 38.23 ? 191 HOH A O   1 
HETATM 793 O  O   . HOH E 4 .  ? 0.336   11.415  -12.011 1.00 39.22 ? 192 HOH A O   1 
HETATM 794 O  O   . HOH E 4 .  ? 10.290  -9.170  -4.504  1.00 35.52 ? 193 HOH A O   1 
HETATM 795 O  O   . HOH E 4 .  ? 11.628  -3.778  8.112   1.00 34.42 ? 194 HOH A O   1 
HETATM 796 O  O   . HOH E 4 .  ? -4.242  14.807  -6.330  1.00 38.89 ? 195 HOH A O   1 
HETATM 797 O  O   . HOH E 4 .  ? -2.199  12.781  -10.465 1.00 46.74 ? 196 HOH A O   1 
HETATM 798 O  O   . HOH E 4 .  ? -0.194  -6.729  9.523   1.00 49.25 ? 197 HOH A O   1 
HETATM 799 O  O   . HOH E 4 .  ? -4.684  10.303  11.947  1.00 35.55 ? 198 HOH A O   1 
HETATM 800 O  O   . HOH E 4 .  ? -1.023  9.268   14.007  1.00 37.77 ? 199 HOH A O   1 
HETATM 801 O  O   . HOH E 4 .  ? -5.039  13.919  -3.663  1.00 42.67 ? 200 HOH A O   1 
HETATM 802 O  O   . HOH E 4 .  ? 12.717  0.519   8.761   1.00 39.45 ? 201 HOH A O   1 
HETATM 803 O  O   . HOH E 4 .  ? -1.912  -2.087  14.209  1.00 30.06 ? 202 HOH A O   1 
HETATM 804 O  O   . HOH E 4 .  ? 9.682   7.230   -1.773  1.00 24.24 ? 203 HOH A O   1 
HETATM 805 O  O   . HOH E 4 .  ? -14.080 -3.184  -9.276  1.00 23.32 ? 204 HOH A O   1 
HETATM 806 O  O   . HOH E 4 .  ? -10.412 8.682   -1.842  0.50 17.30 ? 205 HOH A O   1 
HETATM 807 O  O   . HOH E 4 .  ? 2.746   -17.305 2.994   1.00 29.97 ? 206 HOH A O   1 
HETATM 808 O  O   . HOH E 4 .  ? -4.703  7.511   -12.464 1.00 13.94 ? 207 HOH A O   1 
# 
loop_
_pdbx_poly_seq_scheme.asym_id 
_pdbx_poly_seq_scheme.entity_id 
_pdbx_poly_seq_scheme.seq_id 
_pdbx_poly_seq_scheme.mon_id 
_pdbx_poly_seq_scheme.ndb_seq_num 
_pdbx_poly_seq_scheme.pdb_seq_num 
_pdbx_poly_seq_scheme.auth_seq_num 
_pdbx_poly_seq_scheme.pdb_mon_id 
_pdbx_poly_seq_scheme.auth_mon_id 
_pdbx_poly_seq_scheme.pdb_strand_id 
_pdbx_poly_seq_scheme.pdb_ins_code 
_pdbx_poly_seq_scheme.hetero 
A 1 1  MET 1  0  ?  ?   ?   A . n 
A 1 2  PRO 2  1  ?  ?   ?   A . n 
A 1 3  THR 3  2  ?  ?   ?   A . n 
A 1 4  LYS 4  3  3  LYS LYS A . n 
A 1 5  ALA 5  4  4  ALA ALA A . n 
A 1 6  VAL 6  5  5  VAL VAL A . n 
A 1 7  THR 7  6  6  THR THR A . n 
A 1 8  PHE 8  7  7  PHE PHE A . n 
A 1 9  TYR 9  8  8  TYR TYR A . n 
A 1 10 GLU 10 9  9  GLU GLU A . n 
A 1 11 ASP 11 10 10 ASP ASP A . n 
A 1 12 ILE 12 11 11 ILE ILE A . n 
A 1 13 ASN 13 12 12 ASN ASN A . n 
A 1 14 TYR 14 13 13 TYR TYR A . n 
A 1 15 GLY 15 14 14 GLY GLY A . n 
A 1 16 GLY 16 15 15 GLY GLY A . n 
A 1 17 ALA 17 16 16 ALA ALA A . n 
A 1 18 SER 18 17 17 SER SER A . n 
A 1 19 VAL 19 18 18 VAL VAL A . n 
A 1 20 SER 20 19 19 SER SER A . n 
A 1 21 LEU 21 20 20 LEU LEU A . n 
A 1 22 GLN 22 21 21 GLN GLN A . n 
A 1 23 PRO 23 22 22 PRO PRO A . n 
A 1 24 GLY 24 23 23 GLY GLY A . n 
A 1 25 ASN 25 24 24 ASN ASN A . n 
A 1 26 TYR 26 25 25 TYR TYR A . n 
A 1 27 THR 27 26 26 THR THR A . n 
A 1 28 LEU 28 27 27 LEU LEU A . n 
A 1 29 SER 29 28 28 SER SER A . n 
A 1 30 GLN 30 29 29 GLN GLN A . n 
A 1 31 LEU 31 30 30 LEU LEU A . n 
A 1 32 ASN 32 31 31 ASN ASN A . n 
A 1 33 THR 33 32 32 THR THR A . n 
A 1 34 ALA 34 33 33 ALA ALA A . n 
A 1 35 LYS 35 34 34 LYS LYS A . n 
A 1 36 ILE 36 35 35 ILE ILE A . n 
A 1 37 PRO 37 36 36 PRO PRO A . n 
A 1 38 ASN 38 37 37 ASN ASN A . n 
A 1 39 ASP 39 38 38 ASP ASP A . n 
A 1 40 TRP 40 39 39 TRP TRP A . n 
A 1 41 MET 41 40 40 MET MET A . n 
A 1 42 THR 42 41 41 THR THR A . n 
A 1 43 SER 43 42 42 SER SER A . n 
A 1 44 LEU 44 43 43 LEU LEU A . n 
A 1 45 LYS 45 44 44 LYS LYS A . n 
A 1 46 VAL 46 45 45 VAL VAL A . n 
A 1 47 PRO 47 46 46 PRO PRO A . n 
A 1 48 SER 48 47 47 SER SER A . n 
A 1 49 GLY 49 48 48 GLY GLY A . n 
A 1 50 TRP 50 49 49 TRP TRP A . n 
A 1 51 THR 51 50 50 THR THR A . n 
A 1 52 VAL 52 51 51 VAL VAL A . n 
A 1 53 ASP 53 52 52 ASP ASP A . n 
A 1 54 VAL 54 53 53 VAL VAL A . n 
A 1 55 TYR 55 54 54 TYR TYR A . n 
A 1 56 GLU 56 55 55 GLU GLU A . n 
A 1 57 ASN 57 56 56 ASN ASN A . n 
A 1 58 ASP 58 57 57 ASP ASP A . n 
A 1 59 ASN 59 58 58 ASN ASN A . n 
A 1 60 PHE 60 59 59 PHE PHE A . n 
A 1 61 THR 61 60 60 THR THR A . n 
A 1 62 GLY 62 61 61 GLY GLY A . n 
A 1 63 THR 63 62 62 THR THR A . n 
A 1 64 LYS 64 63 63 LYS LYS A . n 
A 1 65 TRP 65 64 64 TRP TRP A . n 
A 1 66 THR 66 65 65 THR THR A . n 
A 1 67 TYR 67 66 66 TYR TYR A . n 
A 1 68 THR 68 67 67 THR THR A . n 
A 1 69 SER 69 68 68 SER SER A . n 
A 1 70 ASP 70 69 69 ASP ASP A . n 
A 1 71 THR 71 70 70 THR THR A . n 
A 1 72 PRO 72 71 71 PRO PRO A . n 
A 1 73 TRP 73 72 72 TRP TRP A . n 
A 1 74 VAL 74 73 73 VAL VAL A . n 
A 1 75 GLY 75 74 74 GLY GLY A . n 
A 1 76 ASN 76 75 75 ASN ASN A . n 
A 1 77 ASP 77 76 76 ASP ASP A . n 
A 1 78 ALA 78 77 77 ALA ALA A . n 
A 1 79 ASN 79 78 78 ASN ASN A . n 
A 1 80 ASP 80 79 79 ASP ASP A . n 
A 1 81 LYS 81 80 80 LYS LYS A . n 
A 1 82 MET 82 81 81 MET MET A . n 
A 1 83 ARG 83 82 82 ARG ARG A . n 
A 1 84 SER 84 83 83 SER SER A . n 
A 1 85 VAL 85 84 84 VAL VAL A . n 
A 1 86 LYS 86 85 85 LYS LYS A . n 
A 1 87 ILE 87 86 86 ILE ILE A . n 
A 1 88 TYR 88 87 87 TYR TYR A . n 
A 1 89 SER 89 88 88 SER SER A . n 
A 1 90 THR 90 89 89 THR THR A . n 
A 1 91 THR 91 90 ?  ?   ?   A . n 
A 1 92 ASN 92 91 ?  ?   ?   A . n 
A 1 93 THR 93 92 ?  ?   ?   A . n 
A 1 94 GLY 94 93 ?  ?   ?   A . n 
A 1 95 GLY 95 94 ?  ?   ?   A . n 
A 1 96 ASP 96 95 ?  ?   ?   A . n 
A 1 97 THR 97 96 ?  ?   ?   A . n 
# 
loop_
_pdbx_nonpoly_scheme.asym_id 
_pdbx_nonpoly_scheme.entity_id 
_pdbx_nonpoly_scheme.mon_id 
_pdbx_nonpoly_scheme.ndb_seq_num 
_pdbx_nonpoly_scheme.pdb_seq_num 
_pdbx_nonpoly_scheme.auth_seq_num 
_pdbx_nonpoly_scheme.pdb_mon_id 
_pdbx_nonpoly_scheme.auth_mon_id 
_pdbx_nonpoly_scheme.pdb_strand_id 
_pdbx_nonpoly_scheme.pdb_ins_code 
B 2 CA  1   97  1   CA  CA  A . 
C 3 SO4 1   98  1   SO4 SO4 A . 
D 3 SO4 1   99  2   SO4 SO4 A . 
E 4 HOH 1   100 100 HOH HOH A . 
E 4 HOH 2   101 101 HOH HOH A . 
E 4 HOH 3   102 102 HOH HOH A . 
E 4 HOH 4   103 103 HOH HOH A . 
E 4 HOH 5   104 104 HOH HOH A . 
E 4 HOH 6   105 105 HOH HOH A . 
E 4 HOH 7   106 106 HOH HOH A . 
E 4 HOH 8   107 107 HOH HOH A . 
E 4 HOH 9   108 108 HOH HOH A . 
E 4 HOH 10  109 1   HOH HOH A . 
E 4 HOH 11  110 2   HOH HOH A . 
E 4 HOH 12  111 3   HOH HOH A . 
E 4 HOH 13  112 4   HOH HOH A . 
E 4 HOH 14  113 5   HOH HOH A . 
E 4 HOH 15  114 6   HOH HOH A . 
E 4 HOH 16  115 7   HOH HOH A . 
E 4 HOH 17  116 8   HOH HOH A . 
E 4 HOH 18  117 9   HOH HOH A . 
E 4 HOH 19  118 10  HOH HOH A . 
E 4 HOH 20  119 11  HOH HOH A . 
E 4 HOH 21  120 12  HOH HOH A . 
E 4 HOH 22  121 13  HOH HOH A . 
E 4 HOH 23  122 14  HOH HOH A . 
E 4 HOH 24  123 15  HOH HOH A . 
E 4 HOH 25  124 16  HOH HOH A . 
E 4 HOH 26  125 17  HOH HOH A . 
E 4 HOH 27  126 18  HOH HOH A . 
E 4 HOH 28  127 19  HOH HOH A . 
E 4 HOH 29  128 20  HOH HOH A . 
E 4 HOH 30  129 21  HOH HOH A . 
E 4 HOH 31  130 22  HOH HOH A . 
E 4 HOH 32  131 23  HOH HOH A . 
E 4 HOH 33  132 24  HOH HOH A . 
E 4 HOH 34  133 25  HOH HOH A . 
E 4 HOH 35  134 26  HOH HOH A . 
E 4 HOH 36  135 27  HOH HOH A . 
E 4 HOH 37  136 28  HOH HOH A . 
E 4 HOH 38  137 29  HOH HOH A . 
E 4 HOH 39  138 30  HOH HOH A . 
E 4 HOH 40  139 31  HOH HOH A . 
E 4 HOH 41  140 32  HOH HOH A . 
E 4 HOH 42  141 33  HOH HOH A . 
E 4 HOH 43  142 34  HOH HOH A . 
E 4 HOH 44  143 35  HOH HOH A . 
E 4 HOH 45  144 36  HOH HOH A . 
E 4 HOH 46  145 37  HOH HOH A . 
E 4 HOH 47  146 38  HOH HOH A . 
E 4 HOH 48  147 39  HOH HOH A . 
E 4 HOH 49  148 40  HOH HOH A . 
E 4 HOH 50  149 41  HOH HOH A . 
E 4 HOH 51  150 42  HOH HOH A . 
E 4 HOH 52  151 43  HOH HOH A . 
E 4 HOH 53  152 44  HOH HOH A . 
E 4 HOH 54  153 45  HOH HOH A . 
E 4 HOH 55  154 46  HOH HOH A . 
E 4 HOH 56  155 47  HOH HOH A . 
E 4 HOH 57  156 48  HOH HOH A . 
E 4 HOH 58  157 49  HOH HOH A . 
E 4 HOH 59  158 50  HOH HOH A . 
E 4 HOH 60  159 51  HOH HOH A . 
E 4 HOH 61  160 52  HOH HOH A . 
E 4 HOH 62  161 53  HOH HOH A . 
E 4 HOH 63  162 54  HOH HOH A . 
E 4 HOH 64  163 55  HOH HOH A . 
E 4 HOH 65  164 56  HOH HOH A . 
E 4 HOH 66  165 57  HOH HOH A . 
E 4 HOH 67  166 58  HOH HOH A . 
E 4 HOH 68  167 59  HOH HOH A . 
E 4 HOH 69  168 60  HOH HOH A . 
E 4 HOH 70  169 61  HOH HOH A . 
E 4 HOH 71  170 62  HOH HOH A . 
E 4 HOH 72  171 63  HOH HOH A . 
E 4 HOH 73  172 64  HOH HOH A . 
E 4 HOH 74  173 65  HOH HOH A . 
E 4 HOH 75  174 66  HOH HOH A . 
E 4 HOH 76  175 67  HOH HOH A . 
E 4 HOH 77  176 68  HOH HOH A . 
E 4 HOH 78  177 69  HOH HOH A . 
E 4 HOH 79  178 70  HOH HOH A . 
E 4 HOH 80  179 71  HOH HOH A . 
E 4 HOH 81  180 72  HOH HOH A . 
E 4 HOH 82  181 73  HOH HOH A . 
E 4 HOH 83  182 74  HOH HOH A . 
E 4 HOH 84  183 75  HOH HOH A . 
E 4 HOH 85  184 76  HOH HOH A . 
E 4 HOH 86  185 77  HOH HOH A . 
E 4 HOH 87  186 78  HOH HOH A . 
E 4 HOH 88  187 79  HOH HOH A . 
E 4 HOH 89  188 80  HOH HOH A . 
E 4 HOH 90  189 81  HOH HOH A . 
E 4 HOH 91  190 82  HOH HOH A . 
E 4 HOH 92  191 83  HOH HOH A . 
E 4 HOH 93  192 84  HOH HOH A . 
E 4 HOH 94  193 85  HOH HOH A . 
E 4 HOH 95  194 86  HOH HOH A . 
E 4 HOH 96  195 87  HOH HOH A . 
E 4 HOH 97  196 88  HOH HOH A . 
E 4 HOH 98  197 89  HOH HOH A . 
E 4 HOH 99  198 90  HOH HOH A . 
E 4 HOH 100 199 91  HOH HOH A . 
E 4 HOH 101 200 92  HOH HOH A . 
E 4 HOH 102 201 93  HOH HOH A . 
E 4 HOH 103 202 94  HOH HOH A . 
E 4 HOH 104 203 95  HOH HOH A . 
E 4 HOH 105 204 96  HOH HOH A . 
E 4 HOH 106 205 97  HOH HOH A . 
E 4 HOH 107 206 98  HOH HOH A . 
E 4 HOH 108 207 99  HOH HOH A . 
# 
_pdbx_struct_assembly.id                   1 
_pdbx_struct_assembly.details              author_defined_assembly 
_pdbx_struct_assembly.method_details       ? 
_pdbx_struct_assembly.oligomeric_details   dimeric 
_pdbx_struct_assembly.oligomeric_count     2 
# 
_pdbx_struct_assembly_gen.assembly_id       1 
_pdbx_struct_assembly_gen.oper_expression   1,2 
_pdbx_struct_assembly_gen.asym_id_list      A,B,C,D,E 
# 
loop_
_pdbx_struct_oper_list.id 
_pdbx_struct_oper_list.type 
_pdbx_struct_oper_list.name 
_pdbx_struct_oper_list.symmetry_operation 
_pdbx_struct_oper_list.matrix[1][1] 
_pdbx_struct_oper_list.matrix[1][2] 
_pdbx_struct_oper_list.matrix[1][3] 
_pdbx_struct_oper_list.vector[1] 
_pdbx_struct_oper_list.matrix[2][1] 
_pdbx_struct_oper_list.matrix[2][2] 
_pdbx_struct_oper_list.matrix[2][3] 
_pdbx_struct_oper_list.vector[2] 
_pdbx_struct_oper_list.matrix[3][1] 
_pdbx_struct_oper_list.matrix[3][2] 
_pdbx_struct_oper_list.matrix[3][3] 
_pdbx_struct_oper_list.vector[3] 
1 'identity operation'         1_555 x,y,z  1.0000000000 0.0000000000  0.0000000000  0.0000000000   0.0000000000  1.0000000000 0.0000000000  0.0000000000   0.0000000000 0.0000000000 1.0000000000 0.0000000000   
2 'crystal symmetry operation' 4_555 y,-x,z 0.5985049970 -0.7469744989 -0.2895183355 -10.6483473427 -0.0926204282 0.2944501906 -0.9511679881 -21.6105774199 0.7957469603 0.5960941061 0.1070448125 -10.6630734025 
# 
loop_
_pdbx_struct_special_symmetry.id 
_pdbx_struct_special_symmetry.PDB_model_num 
_pdbx_struct_special_symmetry.auth_asym_id 
_pdbx_struct_special_symmetry.auth_comp_id 
_pdbx_struct_special_symmetry.auth_seq_id 
_pdbx_struct_special_symmetry.PDB_ins_code 
_pdbx_struct_special_symmetry.label_asym_id 
_pdbx_struct_special_symmetry.label_comp_id 
_pdbx_struct_special_symmetry.label_seq_id 
1 1 A HOH 180 ? E HOH . 
2 1 A HOH 186 ? E HOH . 
# 
loop_
_pdbx_struct_conn_angle.id 
_pdbx_struct_conn_angle.ptnr1_label_atom_id 
_pdbx_struct_conn_angle.ptnr1_label_alt_id 
_pdbx_struct_conn_angle.ptnr1_label_asym_id 
_pdbx_struct_conn_angle.ptnr1_label_comp_id 
_pdbx_struct_conn_angle.ptnr1_label_seq_id 
_pdbx_struct_conn_angle.ptnr1_auth_atom_id 
_pdbx_struct_conn_angle.ptnr1_auth_asym_id 
_pdbx_struct_conn_angle.ptnr1_auth_comp_id 
_pdbx_struct_conn_angle.ptnr1_auth_seq_id 
_pdbx_struct_conn_angle.ptnr1_PDB_ins_code 
_pdbx_struct_conn_angle.ptnr1_symmetry 
_pdbx_struct_conn_angle.ptnr2_label_atom_id 
_pdbx_struct_conn_angle.ptnr2_label_alt_id 
_pdbx_struct_conn_angle.ptnr2_label_asym_id 
_pdbx_struct_conn_angle.ptnr2_label_comp_id 
_pdbx_struct_conn_angle.ptnr2_label_seq_id 
_pdbx_struct_conn_angle.ptnr2_auth_atom_id 
_pdbx_struct_conn_angle.ptnr2_auth_asym_id 
_pdbx_struct_conn_angle.ptnr2_auth_comp_id 
_pdbx_struct_conn_angle.ptnr2_auth_seq_id 
_pdbx_struct_conn_angle.ptnr2_PDB_ins_code 
_pdbx_struct_conn_angle.ptnr2_symmetry 
_pdbx_struct_conn_angle.ptnr3_label_atom_id 
_pdbx_struct_conn_angle.ptnr3_label_alt_id 
_pdbx_struct_conn_angle.ptnr3_label_asym_id 
_pdbx_struct_conn_angle.ptnr3_label_comp_id 
_pdbx_struct_conn_angle.ptnr3_label_seq_id 
_pdbx_struct_conn_angle.ptnr3_auth_atom_id 
_pdbx_struct_conn_angle.ptnr3_auth_asym_id 
_pdbx_struct_conn_angle.ptnr3_auth_comp_id 
_pdbx_struct_conn_angle.ptnr3_auth_seq_id 
_pdbx_struct_conn_angle.ptnr3_PDB_ins_code 
_pdbx_struct_conn_angle.ptnr3_symmetry 
_pdbx_struct_conn_angle.value 
_pdbx_struct_conn_angle.value_esd 
1  O   ? A GLU 10 ? A GLU 9   ? 1_555 CA ? B CA . ? A CA 97 ? 1_555 O   ? A TRP 40 ? A TRP 39  ? 1_555 78.2  ? 
2  O   ? A GLU 10 ? A GLU 9   ? 1_555 CA ? B CA . ? A CA 97 ? 1_555 OG1 ? A THR 42 ? A THR 41  ? 1_555 76.7  ? 
3  O   ? A TRP 40 ? A TRP 39  ? 1_555 CA ? B CA . ? A CA 97 ? 1_555 OG1 ? A THR 42 ? A THR 41  ? 1_555 94.1  ? 
4  O   ? A GLU 10 ? A GLU 9   ? 1_555 CA ? B CA . ? A CA 97 ? 1_555 OD1 ? A ASP 80 ? A ASP 79  ? 1_555 144.2 ? 
5  O   ? A TRP 40 ? A TRP 39  ? 1_555 CA ? B CA . ? A CA 97 ? 1_555 OD1 ? A ASP 80 ? A ASP 79  ? 1_555 76.9  ? 
6  OG1 ? A THR 42 ? A THR 41  ? 1_555 CA ? B CA . ? A CA 97 ? 1_555 OD1 ? A ASP 80 ? A ASP 79  ? 1_555 79.8  ? 
7  O   ? A GLU 10 ? A GLU 9   ? 1_555 CA ? B CA . ? A CA 97 ? 1_555 O   ? E HOH .  ? A HOH 123 ? 1_555 123.8 ? 
8  O   ? A TRP 40 ? A TRP 39  ? 1_555 CA ? B CA . ? A CA 97 ? 1_555 O   ? E HOH .  ? A HOH 123 ? 1_555 151.6 ? 
9  OG1 ? A THR 42 ? A THR 41  ? 1_555 CA ? B CA . ? A CA 97 ? 1_555 O   ? E HOH .  ? A HOH 123 ? 1_555 76.3  ? 
10 OD1 ? A ASP 80 ? A ASP 79  ? 1_555 CA ? B CA . ? A CA 97 ? 1_555 O   ? E HOH .  ? A HOH 123 ? 1_555 75.1  ? 
11 O   ? A GLU 10 ? A GLU 9   ? 1_555 CA ? B CA . ? A CA 97 ? 1_555 O   ? E HOH .  ? A HOH 170 ? 1_555 107.9 ? 
12 O   ? A TRP 40 ? A TRP 39  ? 1_555 CA ? B CA . ? A CA 97 ? 1_555 O   ? E HOH .  ? A HOH 170 ? 1_555 91.2  ? 
13 OG1 ? A THR 42 ? A THR 41  ? 1_555 CA ? B CA . ? A CA 97 ? 1_555 O   ? E HOH .  ? A HOH 170 ? 1_555 173.6 ? 
14 OD1 ? A ASP 80 ? A ASP 79  ? 1_555 CA ? B CA . ? A CA 97 ? 1_555 O   ? E HOH .  ? A HOH 170 ? 1_555 98.0  ? 
15 O   ? E HOH .  ? A HOH 123 ? 1_555 CA ? B CA . ? A CA 97 ? 1_555 O   ? E HOH .  ? A HOH 170 ? 1_555 97.3  ? 
16 O   ? A GLU 10 ? A GLU 9   ? 1_555 CA ? B CA . ? A CA 97 ? 1_555 O   ? E HOH .  ? A HOH 174 ? 1_555 75.3  ? 
17 O   ? A TRP 40 ? A TRP 39  ? 1_555 CA ? B CA . ? A CA 97 ? 1_555 O   ? E HOH .  ? A HOH 174 ? 1_555 149.2 ? 
18 OG1 ? A THR 42 ? A THR 41  ? 1_555 CA ? B CA . ? A CA 97 ? 1_555 O   ? E HOH .  ? A HOH 174 ? 1_555 95.0  ? 
19 OD1 ? A ASP 80 ? A ASP 79  ? 1_555 CA ? B CA . ? A CA 97 ? 1_555 O   ? E HOH .  ? A HOH 174 ? 1_555 133.7 ? 
20 O   ? E HOH .  ? A HOH 123 ? 1_555 CA ? B CA . ? A CA 97 ? 1_555 O   ? E HOH .  ? A HOH 174 ? 1_555 59.2  ? 
21 O   ? E HOH .  ? A HOH 170 ? 1_555 CA ? B CA . ? A CA 97 ? 1_555 O   ? E HOH .  ? A HOH 174 ? 1_555 82.2  ? 
# 
loop_
_pdbx_audit_revision_history.ordinal 
_pdbx_audit_revision_history.data_content_type 
_pdbx_audit_revision_history.major_revision 
_pdbx_audit_revision_history.minor_revision 
_pdbx_audit_revision_history.revision_date 
1 'Structure model' 1 0 2011-11-16 
2 'Structure model' 1 1 2013-10-09 
3 'Structure model' 1 2 2023-11-01 
# 
_pdbx_audit_revision_details.ordinal             1 
_pdbx_audit_revision_details.revision_ordinal    1 
_pdbx_audit_revision_details.data_content_type   'Structure model' 
_pdbx_audit_revision_details.provider            repository 
_pdbx_audit_revision_details.type                'Initial release' 
_pdbx_audit_revision_details.description         ? 
_pdbx_audit_revision_details.details             ? 
# 
loop_
_pdbx_audit_revision_group.ordinal 
_pdbx_audit_revision_group.revision_ordinal 
_pdbx_audit_revision_group.data_content_type 
_pdbx_audit_revision_group.group 
1 2 'Structure model' 'Database references'    
2 3 'Structure model' 'Data collection'        
3 3 'Structure model' 'Database references'    
4 3 'Structure model' 'Derived calculations'   
5 3 'Structure model' 'Refinement description' 
# 
loop_
_pdbx_audit_revision_category.ordinal 
_pdbx_audit_revision_category.revision_ordinal 
_pdbx_audit_revision_category.data_content_type 
_pdbx_audit_revision_category.category 
1 3 'Structure model' chem_comp_atom                
2 3 'Structure model' chem_comp_bond                
3 3 'Structure model' database_2                    
4 3 'Structure model' pdbx_initial_refinement_model 
5 3 'Structure model' pdbx_struct_conn_angle        
6 3 'Structure model' struct_conn                   
7 3 'Structure model' struct_ref_seq_dif            
8 3 'Structure model' struct_site                   
# 
loop_
_pdbx_audit_revision_item.ordinal 
_pdbx_audit_revision_item.revision_ordinal 
_pdbx_audit_revision_item.data_content_type 
_pdbx_audit_revision_item.item 
1  3 'Structure model' '_database_2.pdbx_DOI'                        
2  3 'Structure model' '_database_2.pdbx_database_accession'         
3  3 'Structure model' '_pdbx_struct_conn_angle.ptnr1_auth_comp_id'  
4  3 'Structure model' '_pdbx_struct_conn_angle.ptnr1_auth_seq_id'   
5  3 'Structure model' '_pdbx_struct_conn_angle.ptnr1_label_asym_id' 
6  3 'Structure model' '_pdbx_struct_conn_angle.ptnr1_label_atom_id' 
7  3 'Structure model' '_pdbx_struct_conn_angle.ptnr1_label_comp_id' 
8  3 'Structure model' '_pdbx_struct_conn_angle.ptnr1_label_seq_id'  
9  3 'Structure model' '_pdbx_struct_conn_angle.ptnr3_auth_comp_id'  
10 3 'Structure model' '_pdbx_struct_conn_angle.ptnr3_auth_seq_id'   
11 3 'Structure model' '_pdbx_struct_conn_angle.ptnr3_label_asym_id' 
12 3 'Structure model' '_pdbx_struct_conn_angle.ptnr3_label_atom_id' 
13 3 'Structure model' '_pdbx_struct_conn_angle.ptnr3_label_comp_id' 
14 3 'Structure model' '_pdbx_struct_conn_angle.ptnr3_label_seq_id'  
15 3 'Structure model' '_pdbx_struct_conn_angle.value'               
16 3 'Structure model' '_struct_conn.pdbx_dist_value'                
17 3 'Structure model' '_struct_conn.ptnr1_auth_comp_id'             
18 3 'Structure model' '_struct_conn.ptnr1_auth_seq_id'              
19 3 'Structure model' '_struct_conn.ptnr1_label_asym_id'            
20 3 'Structure model' '_struct_conn.ptnr1_label_atom_id'            
21 3 'Structure model' '_struct_conn.ptnr1_label_comp_id'            
22 3 'Structure model' '_struct_conn.ptnr1_label_seq_id'             
23 3 'Structure model' '_struct_conn.ptnr2_auth_comp_id'             
24 3 'Structure model' '_struct_conn.ptnr2_auth_seq_id'              
25 3 'Structure model' '_struct_conn.ptnr2_label_asym_id'            
26 3 'Structure model' '_struct_conn.ptnr2_label_atom_id'            
27 3 'Structure model' '_struct_conn.ptnr2_label_comp_id'            
28 3 'Structure model' '_struct_ref_seq_dif.details'                 
29 3 'Structure model' '_struct_site.pdbx_auth_asym_id'              
30 3 'Structure model' '_struct_site.pdbx_auth_comp_id'              
31 3 'Structure model' '_struct_site.pdbx_auth_seq_id'               
# 
loop_
_software.name 
_software.classification 
_software.version 
_software.citation_id 
_software.pdbx_ordinal 
CrystalClear 'data collection' .        ? 1 
MOLREP       phasing           .        ? 2 
REFMAC       refinement        5.5.0102 ? 3 
HKL-2000     'data reduction'  .        ? 4 
HKL-2000     'data scaling'    .        ? 5 
# 
_pdbx_validate_torsion.id              1 
_pdbx_validate_torsion.PDB_model_num   1 
_pdbx_validate_torsion.auth_comp_id    TRP 
_pdbx_validate_torsion.auth_asym_id    A 
_pdbx_validate_torsion.auth_seq_id     39 
_pdbx_validate_torsion.PDB_ins_code    ? 
_pdbx_validate_torsion.label_alt_id    ? 
_pdbx_validate_torsion.phi             -134.77 
_pdbx_validate_torsion.psi             -33.28 
# 
loop_
_pdbx_unobs_or_zero_occ_residues.id 
_pdbx_unobs_or_zero_occ_residues.PDB_model_num 
_pdbx_unobs_or_zero_occ_residues.polymer_flag 
_pdbx_unobs_or_zero_occ_residues.occupancy_flag 
_pdbx_unobs_or_zero_occ_residues.auth_asym_id 
_pdbx_unobs_or_zero_occ_residues.auth_comp_id 
_pdbx_unobs_or_zero_occ_residues.auth_seq_id 
_pdbx_unobs_or_zero_occ_residues.PDB_ins_code 
_pdbx_unobs_or_zero_occ_residues.label_asym_id 
_pdbx_unobs_or_zero_occ_residues.label_comp_id 
_pdbx_unobs_or_zero_occ_residues.label_seq_id 
1  1 Y 1 A MET 0  ? A MET 1  
2  1 Y 1 A PRO 1  ? A PRO 2  
3  1 Y 1 A THR 2  ? A THR 3  
4  1 Y 1 A THR 90 ? A THR 91 
5  1 Y 1 A ASN 91 ? A ASN 92 
6  1 Y 1 A THR 92 ? A THR 93 
7  1 Y 1 A GLY 93 ? A GLY 94 
8  1 Y 1 A GLY 94 ? A GLY 95 
9  1 Y 1 A ASP 95 ? A ASP 96 
10 1 Y 1 A THR 96 ? A THR 97 
# 
loop_
_chem_comp_atom.comp_id 
_chem_comp_atom.atom_id 
_chem_comp_atom.type_symbol 
_chem_comp_atom.pdbx_aromatic_flag 
_chem_comp_atom.pdbx_stereo_config 
_chem_comp_atom.pdbx_ordinal 
ALA N    N  N N 1   
ALA CA   C  N S 2   
ALA C    C  N N 3   
ALA O    O  N N 4   
ALA CB   C  N N 5   
ALA OXT  O  N N 6   
ALA H    H  N N 7   
ALA H2   H  N N 8   
ALA HA   H  N N 9   
ALA HB1  H  N N 10  
ALA HB2  H  N N 11  
ALA HB3  H  N N 12  
ALA HXT  H  N N 13  
ARG N    N  N N 14  
ARG CA   C  N S 15  
ARG C    C  N N 16  
ARG O    O  N N 17  
ARG CB   C  N N 18  
ARG CG   C  N N 19  
ARG CD   C  N N 20  
ARG NE   N  N N 21  
ARG CZ   C  N N 22  
ARG NH1  N  N N 23  
ARG NH2  N  N N 24  
ARG OXT  O  N N 25  
ARG H    H  N N 26  
ARG H2   H  N N 27  
ARG HA   H  N N 28  
ARG HB2  H  N N 29  
ARG HB3  H  N N 30  
ARG HG2  H  N N 31  
ARG HG3  H  N N 32  
ARG HD2  H  N N 33  
ARG HD3  H  N N 34  
ARG HE   H  N N 35  
ARG HH11 H  N N 36  
ARG HH12 H  N N 37  
ARG HH21 H  N N 38  
ARG HH22 H  N N 39  
ARG HXT  H  N N 40  
ASN N    N  N N 41  
ASN CA   C  N S 42  
ASN C    C  N N 43  
ASN O    O  N N 44  
ASN CB   C  N N 45  
ASN CG   C  N N 46  
ASN OD1  O  N N 47  
ASN ND2  N  N N 48  
ASN OXT  O  N N 49  
ASN H    H  N N 50  
ASN H2   H  N N 51  
ASN HA   H  N N 52  
ASN HB2  H  N N 53  
ASN HB3  H  N N 54  
ASN HD21 H  N N 55  
ASN HD22 H  N N 56  
ASN HXT  H  N N 57  
ASP N    N  N N 58  
ASP CA   C  N S 59  
ASP C    C  N N 60  
ASP O    O  N N 61  
ASP CB   C  N N 62  
ASP CG   C  N N 63  
ASP OD1  O  N N 64  
ASP OD2  O  N N 65  
ASP OXT  O  N N 66  
ASP H    H  N N 67  
ASP H2   H  N N 68  
ASP HA   H  N N 69  
ASP HB2  H  N N 70  
ASP HB3  H  N N 71  
ASP HD2  H  N N 72  
ASP HXT  H  N N 73  
CA  CA   CA N N 74  
GLN N    N  N N 75  
GLN CA   C  N S 76  
GLN C    C  N N 77  
GLN O    O  N N 78  
GLN CB   C  N N 79  
GLN CG   C  N N 80  
GLN CD   C  N N 81  
GLN OE1  O  N N 82  
GLN NE2  N  N N 83  
GLN OXT  O  N N 84  
GLN H    H  N N 85  
GLN H2   H  N N 86  
GLN HA   H  N N 87  
GLN HB2  H  N N 88  
GLN HB3  H  N N 89  
GLN HG2  H  N N 90  
GLN HG3  H  N N 91  
GLN HE21 H  N N 92  
GLN HE22 H  N N 93  
GLN HXT  H  N N 94  
GLU N    N  N N 95  
GLU CA   C  N S 96  
GLU C    C  N N 97  
GLU O    O  N N 98  
GLU CB   C  N N 99  
GLU CG   C  N N 100 
GLU CD   C  N N 101 
GLU OE1  O  N N 102 
GLU OE2  O  N N 103 
GLU OXT  O  N N 104 
GLU H    H  N N 105 
GLU H2   H  N N 106 
GLU HA   H  N N 107 
GLU HB2  H  N N 108 
GLU HB3  H  N N 109 
GLU HG2  H  N N 110 
GLU HG3  H  N N 111 
GLU HE2  H  N N 112 
GLU HXT  H  N N 113 
GLY N    N  N N 114 
GLY CA   C  N N 115 
GLY C    C  N N 116 
GLY O    O  N N 117 
GLY OXT  O  N N 118 
GLY H    H  N N 119 
GLY H2   H  N N 120 
GLY HA2  H  N N 121 
GLY HA3  H  N N 122 
GLY HXT  H  N N 123 
HOH O    O  N N 124 
HOH H1   H  N N 125 
HOH H2   H  N N 126 
ILE N    N  N N 127 
ILE CA   C  N S 128 
ILE C    C  N N 129 
ILE O    O  N N 130 
ILE CB   C  N S 131 
ILE CG1  C  N N 132 
ILE CG2  C  N N 133 
ILE CD1  C  N N 134 
ILE OXT  O  N N 135 
ILE H    H  N N 136 
ILE H2   H  N N 137 
ILE HA   H  N N 138 
ILE HB   H  N N 139 
ILE HG12 H  N N 140 
ILE HG13 H  N N 141 
ILE HG21 H  N N 142 
ILE HG22 H  N N 143 
ILE HG23 H  N N 144 
ILE HD11 H  N N 145 
ILE HD12 H  N N 146 
ILE HD13 H  N N 147 
ILE HXT  H  N N 148 
LEU N    N  N N 149 
LEU CA   C  N S 150 
LEU C    C  N N 151 
LEU O    O  N N 152 
LEU CB   C  N N 153 
LEU CG   C  N N 154 
LEU CD1  C  N N 155 
LEU CD2  C  N N 156 
LEU OXT  O  N N 157 
LEU H    H  N N 158 
LEU H2   H  N N 159 
LEU HA   H  N N 160 
LEU HB2  H  N N 161 
LEU HB3  H  N N 162 
LEU HG   H  N N 163 
LEU HD11 H  N N 164 
LEU HD12 H  N N 165 
LEU HD13 H  N N 166 
LEU HD21 H  N N 167 
LEU HD22 H  N N 168 
LEU HD23 H  N N 169 
LEU HXT  H  N N 170 
LYS N    N  N N 171 
LYS CA   C  N S 172 
LYS C    C  N N 173 
LYS O    O  N N 174 
LYS CB   C  N N 175 
LYS CG   C  N N 176 
LYS CD   C  N N 177 
LYS CE   C  N N 178 
LYS NZ   N  N N 179 
LYS OXT  O  N N 180 
LYS H    H  N N 181 
LYS H2   H  N N 182 
LYS HA   H  N N 183 
LYS HB2  H  N N 184 
LYS HB3  H  N N 185 
LYS HG2  H  N N 186 
LYS HG3  H  N N 187 
LYS HD2  H  N N 188 
LYS HD3  H  N N 189 
LYS HE2  H  N N 190 
LYS HE3  H  N N 191 
LYS HZ1  H  N N 192 
LYS HZ2  H  N N 193 
LYS HZ3  H  N N 194 
LYS HXT  H  N N 195 
MET N    N  N N 196 
MET CA   C  N S 197 
MET C    C  N N 198 
MET O    O  N N 199 
MET CB   C  N N 200 
MET CG   C  N N 201 
MET SD   S  N N 202 
MET CE   C  N N 203 
MET OXT  O  N N 204 
MET H    H  N N 205 
MET H2   H  N N 206 
MET HA   H  N N 207 
MET HB2  H  N N 208 
MET HB3  H  N N 209 
MET HG2  H  N N 210 
MET HG3  H  N N 211 
MET HE1  H  N N 212 
MET HE2  H  N N 213 
MET HE3  H  N N 214 
MET HXT  H  N N 215 
PHE N    N  N N 216 
PHE CA   C  N S 217 
PHE C    C  N N 218 
PHE O    O  N N 219 
PHE CB   C  N N 220 
PHE CG   C  Y N 221 
PHE CD1  C  Y N 222 
PHE CD2  C  Y N 223 
PHE CE1  C  Y N 224 
PHE CE2  C  Y N 225 
PHE CZ   C  Y N 226 
PHE OXT  O  N N 227 
PHE H    H  N N 228 
PHE H2   H  N N 229 
PHE HA   H  N N 230 
PHE HB2  H  N N 231 
PHE HB3  H  N N 232 
PHE HD1  H  N N 233 
PHE HD2  H  N N 234 
PHE HE1  H  N N 235 
PHE HE2  H  N N 236 
PHE HZ   H  N N 237 
PHE HXT  H  N N 238 
PRO N    N  N N 239 
PRO CA   C  N S 240 
PRO C    C  N N 241 
PRO O    O  N N 242 
PRO CB   C  N N 243 
PRO CG   C  N N 244 
PRO CD   C  N N 245 
PRO OXT  O  N N 246 
PRO H    H  N N 247 
PRO HA   H  N N 248 
PRO HB2  H  N N 249 
PRO HB3  H  N N 250 
PRO HG2  H  N N 251 
PRO HG3  H  N N 252 
PRO HD2  H  N N 253 
PRO HD3  H  N N 254 
PRO HXT  H  N N 255 
SER N    N  N N 256 
SER CA   C  N S 257 
SER C    C  N N 258 
SER O    O  N N 259 
SER CB   C  N N 260 
SER OG   O  N N 261 
SER OXT  O  N N 262 
SER H    H  N N 263 
SER H2   H  N N 264 
SER HA   H  N N 265 
SER HB2  H  N N 266 
SER HB3  H  N N 267 
SER HG   H  N N 268 
SER HXT  H  N N 269 
SO4 S    S  N N 270 
SO4 O1   O  N N 271 
SO4 O2   O  N N 272 
SO4 O3   O  N N 273 
SO4 O4   O  N N 274 
THR N    N  N N 275 
THR CA   C  N S 276 
THR C    C  N N 277 
THR O    O  N N 278 
THR CB   C  N R 279 
THR OG1  O  N N 280 
THR CG2  C  N N 281 
THR OXT  O  N N 282 
THR H    H  N N 283 
THR H2   H  N N 284 
THR HA   H  N N 285 
THR HB   H  N N 286 
THR HG1  H  N N 287 
THR HG21 H  N N 288 
THR HG22 H  N N 289 
THR HG23 H  N N 290 
THR HXT  H  N N 291 
TRP N    N  N N 292 
TRP CA   C  N S 293 
TRP C    C  N N 294 
TRP O    O  N N 295 
TRP CB   C  N N 296 
TRP CG   C  Y N 297 
TRP CD1  C  Y N 298 
TRP CD2  C  Y N 299 
TRP NE1  N  Y N 300 
TRP CE2  C  Y N 301 
TRP CE3  C  Y N 302 
TRP CZ2  C  Y N 303 
TRP CZ3  C  Y N 304 
TRP CH2  C  Y N 305 
TRP OXT  O  N N 306 
TRP H    H  N N 307 
TRP H2   H  N N 308 
TRP HA   H  N N 309 
TRP HB2  H  N N 310 
TRP HB3  H  N N 311 
TRP HD1  H  N N 312 
TRP HE1  H  N N 313 
TRP HE3  H  N N 314 
TRP HZ2  H  N N 315 
TRP HZ3  H  N N 316 
TRP HH2  H  N N 317 
TRP HXT  H  N N 318 
TYR N    N  N N 319 
TYR CA   C  N S 320 
TYR C    C  N N 321 
TYR O    O  N N 322 
TYR CB   C  N N 323 
TYR CG   C  Y N 324 
TYR CD1  C  Y N 325 
TYR CD2  C  Y N 326 
TYR CE1  C  Y N 327 
TYR CE2  C  Y N 328 
TYR CZ   C  Y N 329 
TYR OH   O  N N 330 
TYR OXT  O  N N 331 
TYR H    H  N N 332 
TYR H2   H  N N 333 
TYR HA   H  N N 334 
TYR HB2  H  N N 335 
TYR HB3  H  N N 336 
TYR HD1  H  N N 337 
TYR HD2  H  N N 338 
TYR HE1  H  N N 339 
TYR HE2  H  N N 340 
TYR HH   H  N N 341 
TYR HXT  H  N N 342 
VAL N    N  N N 343 
VAL CA   C  N S 344 
VAL C    C  N N 345 
VAL O    O  N N 346 
VAL CB   C  N N 347 
VAL CG1  C  N N 348 
VAL CG2  C  N N 349 
VAL OXT  O  N N 350 
VAL H    H  N N 351 
VAL H2   H  N N 352 
VAL HA   H  N N 353 
VAL HB   H  N N 354 
VAL HG11 H  N N 355 
VAL HG12 H  N N 356 
VAL HG13 H  N N 357 
VAL HG21 H  N N 358 
VAL HG22 H  N N 359 
VAL HG23 H  N N 360 
VAL HXT  H  N N 361 
# 
loop_
_chem_comp_bond.comp_id 
_chem_comp_bond.atom_id_1 
_chem_comp_bond.atom_id_2 
_chem_comp_bond.value_order 
_chem_comp_bond.pdbx_aromatic_flag 
_chem_comp_bond.pdbx_stereo_config 
_chem_comp_bond.pdbx_ordinal 
ALA N   CA   sing N N 1   
ALA N   H    sing N N 2   
ALA N   H2   sing N N 3   
ALA CA  C    sing N N 4   
ALA CA  CB   sing N N 5   
ALA CA  HA   sing N N 6   
ALA C   O    doub N N 7   
ALA C   OXT  sing N N 8   
ALA CB  HB1  sing N N 9   
ALA CB  HB2  sing N N 10  
ALA CB  HB3  sing N N 11  
ALA OXT HXT  sing N N 12  
ARG N   CA   sing N N 13  
ARG N   H    sing N N 14  
ARG N   H2   sing N N 15  
ARG CA  C    sing N N 16  
ARG CA  CB   sing N N 17  
ARG CA  HA   sing N N 18  
ARG C   O    doub N N 19  
ARG C   OXT  sing N N 20  
ARG CB  CG   sing N N 21  
ARG CB  HB2  sing N N 22  
ARG CB  HB3  sing N N 23  
ARG CG  CD   sing N N 24  
ARG CG  HG2  sing N N 25  
ARG CG  HG3  sing N N 26  
ARG CD  NE   sing N N 27  
ARG CD  HD2  sing N N 28  
ARG CD  HD3  sing N N 29  
ARG NE  CZ   sing N N 30  
ARG NE  HE   sing N N 31  
ARG CZ  NH1  sing N N 32  
ARG CZ  NH2  doub N N 33  
ARG NH1 HH11 sing N N 34  
ARG NH1 HH12 sing N N 35  
ARG NH2 HH21 sing N N 36  
ARG NH2 HH22 sing N N 37  
ARG OXT HXT  sing N N 38  
ASN N   CA   sing N N 39  
ASN N   H    sing N N 40  
ASN N   H2   sing N N 41  
ASN CA  C    sing N N 42  
ASN CA  CB   sing N N 43  
ASN CA  HA   sing N N 44  
ASN C   O    doub N N 45  
ASN C   OXT  sing N N 46  
ASN CB  CG   sing N N 47  
ASN CB  HB2  sing N N 48  
ASN CB  HB3  sing N N 49  
ASN CG  OD1  doub N N 50  
ASN CG  ND2  sing N N 51  
ASN ND2 HD21 sing N N 52  
ASN ND2 HD22 sing N N 53  
ASN OXT HXT  sing N N 54  
ASP N   CA   sing N N 55  
ASP N   H    sing N N 56  
ASP N   H2   sing N N 57  
ASP CA  C    sing N N 58  
ASP CA  CB   sing N N 59  
ASP CA  HA   sing N N 60  
ASP C   O    doub N N 61  
ASP C   OXT  sing N N 62  
ASP CB  CG   sing N N 63  
ASP CB  HB2  sing N N 64  
ASP CB  HB3  sing N N 65  
ASP CG  OD1  doub N N 66  
ASP CG  OD2  sing N N 67  
ASP OD2 HD2  sing N N 68  
ASP OXT HXT  sing N N 69  
GLN N   CA   sing N N 70  
GLN N   H    sing N N 71  
GLN N   H2   sing N N 72  
GLN CA  C    sing N N 73  
GLN CA  CB   sing N N 74  
GLN CA  HA   sing N N 75  
GLN C   O    doub N N 76  
GLN C   OXT  sing N N 77  
GLN CB  CG   sing N N 78  
GLN CB  HB2  sing N N 79  
GLN CB  HB3  sing N N 80  
GLN CG  CD   sing N N 81  
GLN CG  HG2  sing N N 82  
GLN CG  HG3  sing N N 83  
GLN CD  OE1  doub N N 84  
GLN CD  NE2  sing N N 85  
GLN NE2 HE21 sing N N 86  
GLN NE2 HE22 sing N N 87  
GLN OXT HXT  sing N N 88  
GLU N   CA   sing N N 89  
GLU N   H    sing N N 90  
GLU N   H2   sing N N 91  
GLU CA  C    sing N N 92  
GLU CA  CB   sing N N 93  
GLU CA  HA   sing N N 94  
GLU C   O    doub N N 95  
GLU C   OXT  sing N N 96  
GLU CB  CG   sing N N 97  
GLU CB  HB2  sing N N 98  
GLU CB  HB3  sing N N 99  
GLU CG  CD   sing N N 100 
GLU CG  HG2  sing N N 101 
GLU CG  HG3  sing N N 102 
GLU CD  OE1  doub N N 103 
GLU CD  OE2  sing N N 104 
GLU OE2 HE2  sing N N 105 
GLU OXT HXT  sing N N 106 
GLY N   CA   sing N N 107 
GLY N   H    sing N N 108 
GLY N   H2   sing N N 109 
GLY CA  C    sing N N 110 
GLY CA  HA2  sing N N 111 
GLY CA  HA3  sing N N 112 
GLY C   O    doub N N 113 
GLY C   OXT  sing N N 114 
GLY OXT HXT  sing N N 115 
HOH O   H1   sing N N 116 
HOH O   H2   sing N N 117 
ILE N   CA   sing N N 118 
ILE N   H    sing N N 119 
ILE N   H2   sing N N 120 
ILE CA  C    sing N N 121 
ILE CA  CB   sing N N 122 
ILE CA  HA   sing N N 123 
ILE C   O    doub N N 124 
ILE C   OXT  sing N N 125 
ILE CB  CG1  sing N N 126 
ILE CB  CG2  sing N N 127 
ILE CB  HB   sing N N 128 
ILE CG1 CD1  sing N N 129 
ILE CG1 HG12 sing N N 130 
ILE CG1 HG13 sing N N 131 
ILE CG2 HG21 sing N N 132 
ILE CG2 HG22 sing N N 133 
ILE CG2 HG23 sing N N 134 
ILE CD1 HD11 sing N N 135 
ILE CD1 HD12 sing N N 136 
ILE CD1 HD13 sing N N 137 
ILE OXT HXT  sing N N 138 
LEU N   CA   sing N N 139 
LEU N   H    sing N N 140 
LEU N   H2   sing N N 141 
LEU CA  C    sing N N 142 
LEU CA  CB   sing N N 143 
LEU CA  HA   sing N N 144 
LEU C   O    doub N N 145 
LEU C   OXT  sing N N 146 
LEU CB  CG   sing N N 147 
LEU CB  HB2  sing N N 148 
LEU CB  HB3  sing N N 149 
LEU CG  CD1  sing N N 150 
LEU CG  CD2  sing N N 151 
LEU CG  HG   sing N N 152 
LEU CD1 HD11 sing N N 153 
LEU CD1 HD12 sing N N 154 
LEU CD1 HD13 sing N N 155 
LEU CD2 HD21 sing N N 156 
LEU CD2 HD22 sing N N 157 
LEU CD2 HD23 sing N N 158 
LEU OXT HXT  sing N N 159 
LYS N   CA   sing N N 160 
LYS N   H    sing N N 161 
LYS N   H2   sing N N 162 
LYS CA  C    sing N N 163 
LYS CA  CB   sing N N 164 
LYS CA  HA   sing N N 165 
LYS C   O    doub N N 166 
LYS C   OXT  sing N N 167 
LYS CB  CG   sing N N 168 
LYS CB  HB2  sing N N 169 
LYS CB  HB3  sing N N 170 
LYS CG  CD   sing N N 171 
LYS CG  HG2  sing N N 172 
LYS CG  HG3  sing N N 173 
LYS CD  CE   sing N N 174 
LYS CD  HD2  sing N N 175 
LYS CD  HD3  sing N N 176 
LYS CE  NZ   sing N N 177 
LYS CE  HE2  sing N N 178 
LYS CE  HE3  sing N N 179 
LYS NZ  HZ1  sing N N 180 
LYS NZ  HZ2  sing N N 181 
LYS NZ  HZ3  sing N N 182 
LYS OXT HXT  sing N N 183 
MET N   CA   sing N N 184 
MET N   H    sing N N 185 
MET N   H2   sing N N 186 
MET CA  C    sing N N 187 
MET CA  CB   sing N N 188 
MET CA  HA   sing N N 189 
MET C   O    doub N N 190 
MET C   OXT  sing N N 191 
MET CB  CG   sing N N 192 
MET CB  HB2  sing N N 193 
MET CB  HB3  sing N N 194 
MET CG  SD   sing N N 195 
MET CG  HG2  sing N N 196 
MET CG  HG3  sing N N 197 
MET SD  CE   sing N N 198 
MET CE  HE1  sing N N 199 
MET CE  HE2  sing N N 200 
MET CE  HE3  sing N N 201 
MET OXT HXT  sing N N 202 
PHE N   CA   sing N N 203 
PHE N   H    sing N N 204 
PHE N   H2   sing N N 205 
PHE CA  C    sing N N 206 
PHE CA  CB   sing N N 207 
PHE CA  HA   sing N N 208 
PHE C   O    doub N N 209 
PHE C   OXT  sing N N 210 
PHE CB  CG   sing N N 211 
PHE CB  HB2  sing N N 212 
PHE CB  HB3  sing N N 213 
PHE CG  CD1  doub Y N 214 
PHE CG  CD2  sing Y N 215 
PHE CD1 CE1  sing Y N 216 
PHE CD1 HD1  sing N N 217 
PHE CD2 CE2  doub Y N 218 
PHE CD2 HD2  sing N N 219 
PHE CE1 CZ   doub Y N 220 
PHE CE1 HE1  sing N N 221 
PHE CE2 CZ   sing Y N 222 
PHE CE2 HE2  sing N N 223 
PHE CZ  HZ   sing N N 224 
PHE OXT HXT  sing N N 225 
PRO N   CA   sing N N 226 
PRO N   CD   sing N N 227 
PRO N   H    sing N N 228 
PRO CA  C    sing N N 229 
PRO CA  CB   sing N N 230 
PRO CA  HA   sing N N 231 
PRO C   O    doub N N 232 
PRO C   OXT  sing N N 233 
PRO CB  CG   sing N N 234 
PRO CB  HB2  sing N N 235 
PRO CB  HB3  sing N N 236 
PRO CG  CD   sing N N 237 
PRO CG  HG2  sing N N 238 
PRO CG  HG3  sing N N 239 
PRO CD  HD2  sing N N 240 
PRO CD  HD3  sing N N 241 
PRO OXT HXT  sing N N 242 
SER N   CA   sing N N 243 
SER N   H    sing N N 244 
SER N   H2   sing N N 245 
SER CA  C    sing N N 246 
SER CA  CB   sing N N 247 
SER CA  HA   sing N N 248 
SER C   O    doub N N 249 
SER C   OXT  sing N N 250 
SER CB  OG   sing N N 251 
SER CB  HB2  sing N N 252 
SER CB  HB3  sing N N 253 
SER OG  HG   sing N N 254 
SER OXT HXT  sing N N 255 
SO4 S   O1   doub N N 256 
SO4 S   O2   doub N N 257 
SO4 S   O3   sing N N 258 
SO4 S   O4   sing N N 259 
THR N   CA   sing N N 260 
THR N   H    sing N N 261 
THR N   H2   sing N N 262 
THR CA  C    sing N N 263 
THR CA  CB   sing N N 264 
THR CA  HA   sing N N 265 
THR C   O    doub N N 266 
THR C   OXT  sing N N 267 
THR CB  OG1  sing N N 268 
THR CB  CG2  sing N N 269 
THR CB  HB   sing N N 270 
THR OG1 HG1  sing N N 271 
THR CG2 HG21 sing N N 272 
THR CG2 HG22 sing N N 273 
THR CG2 HG23 sing N N 274 
THR OXT HXT  sing N N 275 
TRP N   CA   sing N N 276 
TRP N   H    sing N N 277 
TRP N   H2   sing N N 278 
TRP CA  C    sing N N 279 
TRP CA  CB   sing N N 280 
TRP CA  HA   sing N N 281 
TRP C   O    doub N N 282 
TRP C   OXT  sing N N 283 
TRP CB  CG   sing N N 284 
TRP CB  HB2  sing N N 285 
TRP CB  HB3  sing N N 286 
TRP CG  CD1  doub Y N 287 
TRP CG  CD2  sing Y N 288 
TRP CD1 NE1  sing Y N 289 
TRP CD1 HD1  sing N N 290 
TRP CD2 CE2  doub Y N 291 
TRP CD2 CE3  sing Y N 292 
TRP NE1 CE2  sing Y N 293 
TRP NE1 HE1  sing N N 294 
TRP CE2 CZ2  sing Y N 295 
TRP CE3 CZ3  doub Y N 296 
TRP CE3 HE3  sing N N 297 
TRP CZ2 CH2  doub Y N 298 
TRP CZ2 HZ2  sing N N 299 
TRP CZ3 CH2  sing Y N 300 
TRP CZ3 HZ3  sing N N 301 
TRP CH2 HH2  sing N N 302 
TRP OXT HXT  sing N N 303 
TYR N   CA   sing N N 304 
TYR N   H    sing N N 305 
TYR N   H2   sing N N 306 
TYR CA  C    sing N N 307 
TYR CA  CB   sing N N 308 
TYR CA  HA   sing N N 309 
TYR C   O    doub N N 310 
TYR C   OXT  sing N N 311 
TYR CB  CG   sing N N 312 
TYR CB  HB2  sing N N 313 
TYR CB  HB3  sing N N 314 
TYR CG  CD1  doub Y N 315 
TYR CG  CD2  sing Y N 316 
TYR CD1 CE1  sing Y N 317 
TYR CD1 HD1  sing N N 318 
TYR CD2 CE2  doub Y N 319 
TYR CD2 HD2  sing N N 320 
TYR CE1 CZ   doub Y N 321 
TYR CE1 HE1  sing N N 322 
TYR CE2 CZ   sing Y N 323 
TYR CE2 HE2  sing N N 324 
TYR CZ  OH   sing N N 325 
TYR OH  HH   sing N N 326 
TYR OXT HXT  sing N N 327 
VAL N   CA   sing N N 328 
VAL N   H    sing N N 329 
VAL N   H2   sing N N 330 
VAL CA  C    sing N N 331 
VAL CA  CB   sing N N 332 
VAL CA  HA   sing N N 333 
VAL C   O    doub N N 334 
VAL C   OXT  sing N N 335 
VAL CB  CG1  sing N N 336 
VAL CB  CG2  sing N N 337 
VAL CB  HB   sing N N 338 
VAL CG1 HG11 sing N N 339 
VAL CG1 HG12 sing N N 340 
VAL CG1 HG13 sing N N 341 
VAL CG2 HG21 sing N N 342 
VAL CG2 HG22 sing N N 343 
VAL CG2 HG23 sing N N 344 
VAL OXT HXT  sing N N 345 
# 
loop_
_pdbx_entity_nonpoly.entity_id 
_pdbx_entity_nonpoly.name 
_pdbx_entity_nonpoly.comp_id 
2 'CALCIUM ION' CA  
3 'SULFATE ION' SO4 
4 water         HOH 
# 
_pdbx_initial_refinement_model.id               1 
_pdbx_initial_refinement_model.entity_id_list   ? 
_pdbx_initial_refinement_model.type             'experimental model' 
_pdbx_initial_refinement_model.source_name      PDB 
_pdbx_initial_refinement_model.accession_code   3I9H 
_pdbx_initial_refinement_model.details          ? 
# 
